data_5SKL
#
_entry.id   5SKL
#
_cell.length_a   134.881
_cell.length_b   134.881
_cell.length_c   234.277
_cell.angle_alpha   90.000
_cell.angle_beta   90.000
_cell.angle_gamma   120.000
#
_symmetry.space_group_name_H-M   'H 3'
#
loop_
_entity.id
_entity.type
_entity.pdbx_description
1 polymer "cAMP and cAMP-inhibited cGMP 3',5'-cyclic phosphodiesterase 10A"
2 non-polymer 'ZINC ION'
3 non-polymer 'MAGNESIUM ION'
4 non-polymer N-[(4R)-6-cyano-2-phenylimidazo[1,2-a]pyridin-7-yl]-1-methyl-4-(morpholine-4-carbonyl)-1H-pyrazole-5-carboxamide
5 water water
#
_entity_poly.entity_id   1
_entity_poly.type   'polypeptide(L)'
_entity_poly.pdbx_seq_one_letter_code
;GSSICTSEEWQGLMQFTLPVRLCKEIELFHFDIGPFENMWPGIFVYMVHRSCGTSCFELEKL(CME)RFIMSVKKNYRRV
PYHNWKHAVTVAHCMYAILQNNHTLFTDLERKGLLIACLCHDLDHRGFSNSYLQKFDHPLAALYSTSTMEQHHFSQTVSI
LQLEGHNIFSTLSSSEYEQVLEIIRKAIIATDLALYFGNRKQLEEMYQTGSLNLNNQSHRDRVIGLMMTACDLCSVTKLW
PVTKLTANDIYAEFWAEGDEMKKLGIQPIPMMDRDKKDEVPQGQLGFYNAVAIPCYTTLTQILPPTEPLLKACRDNLSQW
EKVIRGEETATWISSPSVAQKAAASED
;
_entity_poly.pdbx_strand_id   A,B,C,D
#
loop_
_chem_comp.id
_chem_comp.type
_chem_comp.name
_chem_comp.formula
KH6 non-polymer N-[(4R)-6-cyano-2-phenylimidazo[1,2-a]pyridin-7-yl]-1-methyl-4-(morpholine-4-carbonyl)-1H-pyrazole-5-carboxamide 'C24 H21 N7 O3'
MG non-polymer 'MAGNESIUM ION' 'Mg 2'
ZN non-polymer 'ZINC ION' 'Zn 2'
#
# COMPACT_ATOMS: atom_id res chain seq x y z
N GLY A 12 -41.44 -23.06 5.38
CA GLY A 12 -42.84 -22.57 5.48
C GLY A 12 -43.01 -21.53 6.58
N LEU A 13 -42.65 -21.88 7.81
CA LEU A 13 -42.85 -21.05 9.03
C LEU A 13 -41.65 -20.10 9.28
N MET A 14 -40.70 -20.02 8.33
CA MET A 14 -39.50 -19.14 8.40
C MET A 14 -39.76 -17.86 7.62
N GLN A 15 -40.26 -16.83 8.30
CA GLN A 15 -40.31 -15.43 7.78
C GLN A 15 -38.91 -14.81 7.85
N PHE A 16 -38.65 -13.83 6.99
CA PHE A 16 -37.58 -12.82 7.18
C PHE A 16 -38.20 -11.67 7.96
N THR A 17 -37.49 -11.20 8.98
CA THR A 17 -37.84 -9.98 9.74
C THR A 17 -36.67 -9.02 9.59
N LEU A 18 -37.00 -7.75 9.62
CA LEU A 18 -36.00 -6.67 9.51
C LEU A 18 -35.99 -5.94 10.84
N PRO A 19 -34.88 -5.27 11.18
CA PRO A 19 -34.90 -4.31 12.28
C PRO A 19 -36.07 -3.31 12.15
N VAL A 20 -36.45 -2.75 13.26
CA VAL A 20 -37.69 -1.92 13.38
C VAL A 20 -37.63 -0.76 12.37
N ARG A 21 -36.50 -0.03 12.26
CA ARG A 21 -36.45 1.14 11.36
C ARG A 21 -36.68 0.66 9.93
N LEU A 22 -36.12 -0.49 9.53
CA LEU A 22 -36.23 -0.98 8.13
C LEU A 22 -37.63 -1.54 7.93
N CYS A 23 -38.12 -2.24 8.95
CA CYS A 23 -39.47 -2.85 8.94
C CYS A 23 -40.51 -1.78 8.55
N LYS A 24 -40.40 -0.56 9.12
CA LYS A 24 -41.33 0.56 8.84
C LYS A 24 -40.97 1.29 7.55
N GLU A 25 -39.71 1.70 7.39
CA GLU A 25 -39.28 2.60 6.29
C GLU A 25 -39.34 1.85 4.95
N ILE A 26 -39.27 0.52 4.91
CA ILE A 26 -39.24 -0.25 3.63
C ILE A 26 -40.57 -0.12 2.90
N GLU A 27 -41.66 0.14 3.64
CA GLU A 27 -43.02 0.33 3.09
C GLU A 27 -43.13 1.66 2.34
N LEU A 28 -42.21 2.59 2.54
CA LEU A 28 -42.31 3.96 1.97
C LEU A 28 -41.58 3.98 0.62
N PHE A 29 -42.11 4.74 -0.33
CA PHE A 29 -41.54 4.82 -1.70
C PHE A 29 -40.09 5.31 -1.63
N HIS A 30 -39.74 6.18 -0.69
CA HIS A 30 -38.44 6.92 -0.69
C HIS A 30 -37.36 6.14 0.07
N PHE A 31 -37.67 4.96 0.59
CA PHE A 31 -36.71 4.08 1.32
C PHE A 31 -35.40 3.87 0.54
N ASP A 32 -34.26 3.99 1.22
CA ASP A 32 -32.91 3.70 0.66
C ASP A 32 -32.46 2.38 1.28
N ILE A 33 -31.96 1.44 0.49
CA ILE A 33 -31.68 0.06 0.98
C ILE A 33 -30.39 0.02 1.81
N GLY A 34 -29.64 1.13 1.84
CA GLY A 34 -28.49 1.27 2.74
C GLY A 34 -27.21 0.71 2.13
N PRO A 35 -26.07 0.92 2.80
CA PRO A 35 -24.76 0.55 2.27
C PRO A 35 -24.26 -0.85 2.63
N PHE A 36 -25.05 -1.66 3.33
CA PHE A 36 -24.69 -3.02 3.76
C PHE A 36 -25.19 -4.04 2.74
N GLU A 37 -24.33 -4.34 1.75
CA GLU A 37 -24.61 -5.28 0.62
C GLU A 37 -25.24 -6.58 1.11
N ASN A 38 -24.74 -7.10 2.22
CA ASN A 38 -25.13 -8.43 2.74
C ASN A 38 -26.56 -8.42 3.25
N MET A 39 -27.15 -7.26 3.52
CA MET A 39 -28.58 -7.24 3.89
C MET A 39 -29.50 -7.21 2.66
N TRP A 40 -29.00 -6.95 1.44
CA TRP A 40 -29.88 -6.68 0.28
C TRP A 40 -30.66 -7.92 -0.12
N PRO A 41 -30.06 -9.14 -0.16
CA PRO A 41 -30.82 -10.35 -0.48
C PRO A 41 -31.97 -10.59 0.49
N GLY A 42 -31.73 -10.42 1.79
CA GLY A 42 -32.77 -10.55 2.82
C GLY A 42 -33.87 -9.53 2.62
N ILE A 43 -33.50 -8.28 2.33
CA ILE A 43 -34.46 -7.19 2.00
C ILE A 43 -35.31 -7.65 0.80
N PHE A 44 -34.69 -8.17 -0.25
CA PHE A 44 -35.46 -8.62 -1.44
C PHE A 44 -36.40 -9.76 -1.03
N VAL A 45 -35.90 -10.76 -0.31
CA VAL A 45 -36.72 -11.92 0.12
C VAL A 45 -37.92 -11.42 0.93
N TYR A 46 -37.67 -10.54 1.91
CA TYR A 46 -38.72 -9.93 2.76
C TYR A 46 -39.82 -9.38 1.86
N MET A 47 -39.43 -8.61 0.84
CA MET A 47 -40.38 -7.92 -0.08
C MET A 47 -41.19 -8.96 -0.86
N VAL A 48 -40.56 -10.03 -1.33
CA VAL A 48 -41.22 -11.15 -2.06
C VAL A 48 -42.25 -11.80 -1.11
N HIS A 49 -41.87 -12.07 0.14
CA HIS A 49 -42.77 -12.71 1.14
C HIS A 49 -44.01 -11.86 1.44
N ARG A 50 -43.87 -10.53 1.61
CA ARG A 50 -45.00 -9.64 1.98
C ARG A 50 -45.87 -9.30 0.77
N SER A 51 -45.31 -9.40 -0.44
CA SER A 51 -45.86 -8.89 -1.72
C SER A 51 -46.64 -9.97 -2.47
N CYS A 52 -46.25 -11.23 -2.24
CA CYS A 52 -46.53 -12.40 -3.12
C CYS A 52 -46.97 -13.58 -2.23
N GLY A 53 -46.27 -13.78 -1.11
CA GLY A 53 -46.57 -14.77 -0.07
C GLY A 53 -45.32 -15.54 0.31
N THR A 54 -45.32 -16.21 1.46
CA THR A 54 -44.21 -17.10 1.92
C THR A 54 -44.10 -18.36 1.04
N SER A 55 -45.05 -18.53 0.12
CA SER A 55 -45.32 -19.77 -0.68
C SER A 55 -44.89 -19.64 -2.14
N CYS A 56 -44.81 -18.42 -2.68
CA CYS A 56 -44.60 -18.11 -4.12
C CYS A 56 -43.41 -18.89 -4.66
N PHE A 57 -42.36 -19.02 -3.85
CA PHE A 57 -41.03 -19.51 -4.28
C PHE A 57 -40.49 -20.42 -3.21
N GLU A 58 -39.85 -21.52 -3.60
CA GLU A 58 -39.09 -22.40 -2.68
C GLU A 58 -37.85 -21.61 -2.22
N LEU A 59 -37.73 -21.36 -0.91
CA LEU A 59 -36.66 -20.51 -0.33
C LEU A 59 -35.28 -20.96 -0.83
N GLU A 60 -35.01 -22.27 -0.86
CA GLU A 60 -33.72 -22.84 -1.35
C GLU A 60 -33.47 -22.34 -2.78
N LYS A 61 -34.47 -22.42 -3.67
CA LYS A 61 -34.32 -22.02 -5.09
C LYS A 61 -34.21 -20.49 -5.21
N LEU A 62 -35.04 -19.75 -4.47
CA LEU A 62 -35.06 -18.27 -4.54
C LEU A 62 -33.68 -17.73 -4.18
N CME A 63 -33.18 -18.14 -3.01
CA CME A 63 -31.85 -17.76 -2.47
CB CME A 63 -31.60 -18.38 -1.11
SG CME A 63 -32.42 -17.52 0.26
SD CME A 63 -31.71 -15.60 0.09
CE CME A 63 -30.41 -15.46 1.34
CZ CME A 63 -30.83 -14.53 2.44
OH CME A 63 -29.72 -13.98 3.11
C CME A 63 -30.76 -18.06 -3.48
O CME A 63 -29.85 -17.23 -3.67
N ARG A 64 -30.85 -19.20 -4.16
CA ARG A 64 -29.82 -19.59 -5.15
C ARG A 64 -29.98 -18.73 -6.41
N PHE A 65 -31.20 -18.36 -6.79
CA PHE A 65 -31.45 -17.43 -7.93
C PHE A 65 -30.86 -16.03 -7.64
N ILE A 66 -31.16 -15.47 -6.46
CA ILE A 66 -30.70 -14.11 -6.01
C ILE A 66 -29.17 -14.04 -6.07
N MET A 67 -28.48 -15.05 -5.56
CA MET A 67 -27.00 -15.04 -5.50
C MET A 67 -26.43 -15.20 -6.91
N SER A 68 -27.09 -15.94 -7.79
CA SER A 68 -26.66 -16.05 -9.20
C SER A 68 -26.87 -14.70 -9.92
N VAL A 69 -28.01 -14.05 -9.69
CA VAL A 69 -28.30 -12.70 -10.28
C VAL A 69 -27.26 -11.71 -9.75
N LYS A 70 -27.01 -11.67 -8.45
CA LYS A 70 -25.99 -10.77 -7.86
C LYS A 70 -24.65 -10.97 -8.60
N LYS A 71 -24.24 -12.22 -8.75
CA LYS A 71 -22.93 -12.58 -9.32
C LYS A 71 -22.84 -12.01 -10.74
N ASN A 72 -23.95 -11.91 -11.46
CA ASN A 72 -23.95 -11.52 -12.90
C ASN A 72 -24.21 -10.03 -13.08
N TYR A 73 -24.26 -9.24 -12.01
CA TYR A 73 -24.15 -7.75 -12.06
C TYR A 73 -22.68 -7.42 -11.91
N ARG A 74 -22.21 -6.40 -12.61
CA ARG A 74 -20.78 -6.04 -12.63
C ARG A 74 -20.54 -4.88 -11.65
N ARG A 75 -19.27 -4.61 -11.38
CA ARG A 75 -18.81 -3.59 -10.43
C ARG A 75 -18.69 -2.28 -11.20
N VAL A 76 -19.81 -1.76 -11.66
CA VAL A 76 -19.89 -0.48 -12.40
C VAL A 76 -20.48 0.54 -11.45
N PRO A 77 -20.22 1.84 -11.65
CA PRO A 77 -20.68 2.86 -10.71
C PRO A 77 -22.20 2.90 -10.42
N TYR A 78 -23.05 2.58 -11.40
CA TYR A 78 -24.52 2.81 -11.26
C TYR A 78 -25.32 1.55 -11.60
N HIS A 79 -25.12 0.96 -12.77
CA HIS A 79 -25.88 -0.22 -13.27
C HIS A 79 -25.40 -1.51 -12.59
N ASN A 80 -25.53 -1.53 -11.28
CA ASN A 80 -24.91 -2.54 -10.39
C ASN A 80 -26.00 -3.21 -9.57
N TRP A 81 -25.58 -4.14 -8.71
CA TRP A 81 -26.49 -4.95 -7.87
C TRP A 81 -27.35 -4.01 -6.99
N LYS A 82 -26.80 -2.96 -6.41
CA LYS A 82 -27.59 -2.00 -5.59
C LYS A 82 -28.71 -1.39 -6.44
N HIS A 83 -28.46 -1.02 -7.69
CA HIS A 83 -29.52 -0.48 -8.57
C HIS A 83 -30.63 -1.52 -8.72
N ALA A 84 -30.28 -2.80 -8.94
CA ALA A 84 -31.24 -3.89 -9.17
C ALA A 84 -32.22 -3.96 -8.00
N VAL A 85 -31.70 -3.88 -6.77
CA VAL A 85 -32.50 -4.11 -5.53
C VAL A 85 -33.31 -2.84 -5.28
N THR A 86 -32.71 -1.69 -5.50
CA THR A 86 -33.38 -0.37 -5.41
C THR A 86 -34.62 -0.39 -6.32
N VAL A 87 -34.46 -0.78 -7.59
CA VAL A 87 -35.57 -0.80 -8.58
C VAL A 87 -36.64 -1.82 -8.12
N ALA A 88 -36.25 -2.98 -7.62
CA ALA A 88 -37.21 -3.98 -7.10
C ALA A 88 -37.97 -3.39 -5.92
N HIS A 89 -37.32 -2.63 -5.05
CA HIS A 89 -37.98 -2.05 -3.85
C HIS A 89 -39.07 -1.07 -4.27
N CYS A 90 -38.77 -0.14 -5.18
CA CYS A 90 -39.78 0.78 -5.75
C CYS A 90 -40.98 -0.02 -6.30
N MET A 91 -40.75 -1.12 -7.03
CA MET A 91 -41.85 -1.96 -7.57
C MET A 91 -42.65 -2.53 -6.40
N TYR A 92 -41.96 -2.95 -5.34
CA TYR A 92 -42.60 -3.53 -4.13
C TYR A 92 -43.55 -2.49 -3.55
N ALA A 93 -43.12 -1.22 -3.50
CA ALA A 93 -43.90 -0.11 -2.93
C ALA A 93 -45.13 0.16 -3.81
N ILE A 94 -44.98 0.16 -5.12
CA ILE A 94 -46.14 0.33 -6.06
C ILE A 94 -47.13 -0.84 -5.83
N LEU A 95 -46.64 -2.07 -5.83
CA LEU A 95 -47.52 -3.26 -5.74
C LEU A 95 -48.28 -3.21 -4.41
N GLN A 96 -47.59 -2.90 -3.31
CA GLN A 96 -48.19 -2.92 -1.95
C GLN A 96 -49.24 -1.82 -1.80
N ASN A 97 -49.09 -0.69 -2.49
CA ASN A 97 -50.05 0.45 -2.42
C ASN A 97 -51.17 0.29 -3.46
N ASN A 98 -51.17 -0.81 -4.24
CA ASN A 98 -52.13 -1.11 -5.33
C ASN A 98 -52.50 -2.59 -5.25
N HIS A 99 -52.77 -3.04 -4.03
CA HIS A 99 -53.03 -4.44 -3.62
C HIS A 99 -53.82 -5.21 -4.68
N THR A 100 -55.02 -4.75 -5.00
CA THR A 100 -56.05 -5.55 -5.72
C THR A 100 -55.90 -5.43 -7.24
N LEU A 101 -55.08 -4.50 -7.76
CA LEU A 101 -55.03 -4.18 -9.21
C LEU A 101 -54.19 -5.23 -9.96
N PHE A 102 -53.44 -6.09 -9.27
CA PHE A 102 -52.44 -6.96 -9.96
C PHE A 102 -52.62 -8.42 -9.59
N THR A 103 -52.51 -9.27 -10.60
CA THR A 103 -52.69 -10.74 -10.50
C THR A 103 -51.57 -11.33 -9.65
N ASP A 104 -51.75 -12.59 -9.23
CA ASP A 104 -50.77 -13.36 -8.42
C ASP A 104 -49.45 -13.48 -9.21
N LEU A 105 -49.57 -13.72 -10.52
CA LEU A 105 -48.44 -13.95 -11.46
C LEU A 105 -47.67 -12.65 -11.66
N GLU A 106 -48.37 -11.53 -11.84
CA GLU A 106 -47.75 -10.21 -12.12
C GLU A 106 -46.83 -9.81 -10.95
N ARG A 107 -47.26 -10.09 -9.72
CA ARG A 107 -46.53 -9.72 -8.49
C ARG A 107 -45.25 -10.56 -8.41
N LYS A 108 -45.35 -11.86 -8.67
CA LYS A 108 -44.22 -12.82 -8.85
C LYS A 108 -43.23 -12.27 -9.89
N GLY A 109 -43.75 -12.03 -11.10
CA GLY A 109 -42.94 -11.71 -12.28
C GLY A 109 -42.25 -10.37 -12.16
N LEU A 110 -42.93 -9.35 -11.64
CA LEU A 110 -42.43 -7.95 -11.71
C LEU A 110 -41.27 -7.71 -10.72
N LEU A 111 -41.26 -8.36 -9.55
CA LEU A 111 -40.15 -8.16 -8.56
C LEU A 111 -38.90 -8.83 -9.12
N ILE A 112 -39.10 -10.02 -9.72
CA ILE A 112 -38.01 -10.77 -10.40
C ILE A 112 -37.56 -9.95 -11.61
N ALA A 113 -38.48 -9.43 -12.41
CA ALA A 113 -38.14 -8.60 -13.58
C ALA A 113 -37.23 -7.44 -13.15
N CYS A 114 -37.58 -6.80 -12.05
CA CYS A 114 -36.88 -5.59 -11.56
C CYS A 114 -35.48 -6.00 -11.11
N LEU A 115 -35.39 -7.07 -10.33
CA LEU A 115 -34.08 -7.59 -9.86
C LEU A 115 -33.17 -7.89 -11.05
N CYS A 116 -33.75 -8.35 -12.18
CA CYS A 116 -32.95 -8.86 -13.32
C CYS A 116 -32.78 -7.85 -14.46
N HIS A 117 -33.38 -6.65 -14.38
CA HIS A 117 -33.63 -5.81 -15.59
C HIS A 117 -32.33 -5.24 -16.16
N ASP A 118 -31.23 -5.26 -15.42
CA ASP A 118 -29.94 -4.68 -15.87
C ASP A 118 -28.81 -5.72 -15.77
N LEU A 119 -29.16 -7.02 -15.74
CA LEU A 119 -28.18 -8.12 -15.63
C LEU A 119 -27.02 -7.94 -16.63
N ASP A 120 -25.78 -8.00 -16.12
CA ASP A 120 -24.54 -8.02 -16.92
C ASP A 120 -24.46 -6.72 -17.72
N HIS A 121 -24.94 -5.61 -17.16
CA HIS A 121 -24.73 -4.26 -17.73
C HIS A 121 -23.26 -3.92 -17.61
N ARG A 122 -22.70 -3.32 -18.65
CA ARG A 122 -21.26 -2.98 -18.75
C ARG A 122 -21.04 -1.50 -18.42
N GLY A 123 -22.11 -0.74 -18.19
CA GLY A 123 -22.06 0.71 -17.91
C GLY A 123 -22.10 1.56 -19.17
N PHE A 124 -22.53 1.02 -20.32
CA PHE A 124 -22.62 1.76 -21.59
C PHE A 124 -24.02 1.65 -22.18
N SER A 125 -24.43 2.70 -22.86
CA SER A 125 -25.71 2.81 -23.60
C SER A 125 -25.70 1.91 -24.84
N ASN A 126 -26.91 1.58 -25.31
CA ASN A 126 -27.17 0.94 -26.63
C ASN A 126 -26.44 1.70 -27.73
N SER A 127 -26.41 3.05 -27.70
CA SER A 127 -25.70 3.89 -28.71
C SER A 127 -24.23 3.51 -28.74
N TYR A 128 -23.59 3.38 -27.57
CA TYR A 128 -22.13 3.12 -27.53
C TYR A 128 -21.85 1.73 -28.11
N LEU A 129 -22.66 0.73 -27.78
CA LEU A 129 -22.54 -0.64 -28.34
C LEU A 129 -22.54 -0.56 -29.88
N GLN A 130 -23.51 0.16 -30.47
CA GLN A 130 -23.70 0.30 -31.93
C GLN A 130 -22.46 0.96 -32.53
N LYS A 131 -22.05 2.12 -32.01
CA LYS A 131 -20.90 2.85 -32.56
C LYS A 131 -19.62 2.03 -32.38
N PHE A 132 -19.50 1.29 -31.28
CA PHE A 132 -18.33 0.43 -31.05
C PHE A 132 -18.37 -0.76 -32.01
N ASP A 133 -19.58 -1.17 -32.40
CA ASP A 133 -19.87 -2.36 -33.24
C ASP A 133 -19.66 -3.58 -32.35
N HIS A 134 -20.23 -3.52 -31.14
CA HIS A 134 -20.19 -4.63 -30.16
C HIS A 134 -21.01 -5.78 -30.71
N PRO A 135 -20.57 -7.04 -30.56
CA PRO A 135 -21.34 -8.20 -31.00
C PRO A 135 -22.82 -8.19 -30.60
N LEU A 136 -23.17 -7.65 -29.42
CA LEU A 136 -24.59 -7.62 -28.96
C LEU A 136 -25.40 -6.71 -29.89
N ALA A 137 -24.78 -5.76 -30.59
CA ALA A 137 -25.47 -4.82 -31.52
C ALA A 137 -25.83 -5.53 -32.83
N ALA A 138 -25.10 -6.59 -33.22
CA ALA A 138 -25.44 -7.49 -34.34
C ALA A 138 -26.55 -8.46 -33.93
N LEU A 139 -26.49 -8.98 -32.72
CA LEU A 139 -27.47 -9.97 -32.23
C LEU A 139 -28.85 -9.31 -32.01
N TYR A 140 -28.89 -8.05 -31.56
CA TYR A 140 -30.13 -7.31 -31.19
C TYR A 140 -30.04 -5.86 -31.66
N SER A 141 -30.70 -5.53 -32.78
CA SER A 141 -30.57 -4.23 -33.46
C SER A 141 -31.22 -3.12 -32.63
N THR A 142 -32.33 -3.38 -31.93
CA THR A 142 -32.90 -2.40 -30.98
C THR A 142 -33.12 -3.00 -29.61
N SER A 143 -33.21 -2.11 -28.62
CA SER A 143 -33.20 -2.42 -27.17
C SER A 143 -32.10 -3.44 -26.85
N THR A 144 -30.89 -3.19 -27.37
CA THR A 144 -29.74 -4.13 -27.36
C THR A 144 -29.49 -4.64 -25.94
N MET A 145 -29.16 -3.77 -24.99
CA MET A 145 -28.82 -4.24 -23.63
C MET A 145 -30.06 -4.90 -23.03
N GLU A 146 -31.26 -4.40 -23.33
CA GLU A 146 -32.49 -4.90 -22.66
C GLU A 146 -32.79 -6.35 -23.13
N GLN A 147 -32.58 -6.67 -24.40
CA GLN A 147 -32.73 -8.07 -24.90
C GLN A 147 -31.66 -8.95 -24.26
N HIS A 148 -30.48 -8.39 -24.01
CA HIS A 148 -29.37 -9.12 -23.36
C HIS A 148 -29.77 -9.42 -21.91
N HIS A 149 -30.32 -8.44 -21.20
CA HIS A 149 -30.75 -8.62 -19.79
C HIS A 149 -31.80 -9.74 -19.70
N PHE A 150 -32.78 -9.76 -20.58
CA PHE A 150 -33.81 -10.84 -20.58
C PHE A 150 -33.15 -12.21 -20.90
N SER A 151 -32.26 -12.24 -21.89
CA SER A 151 -31.45 -13.43 -22.25
C SER A 151 -30.70 -13.95 -21.02
N GLN A 152 -30.02 -13.06 -20.29
CA GLN A 152 -29.27 -13.42 -19.06
C GLN A 152 -30.26 -13.93 -18.00
N THR A 153 -31.46 -13.37 -17.91
CA THR A 153 -32.46 -13.81 -16.91
C THR A 153 -32.86 -15.28 -17.19
N VAL A 154 -33.20 -15.58 -18.44
CA VAL A 154 -33.63 -16.94 -18.87
C VAL A 154 -32.48 -17.93 -18.59
N SER A 155 -31.24 -17.58 -18.92
CA SER A 155 -30.04 -18.42 -18.66
C SER A 155 -29.93 -18.81 -17.18
N ILE A 156 -30.10 -17.85 -16.28
CA ILE A 156 -29.94 -18.09 -14.82
C ILE A 156 -31.11 -18.95 -14.31
N LEU A 157 -32.33 -18.71 -14.80
CA LEU A 157 -33.54 -19.54 -14.46
C LEU A 157 -33.32 -21.02 -14.83
N GLN A 158 -32.46 -21.30 -15.83
CA GLN A 158 -32.27 -22.65 -16.42
C GLN A 158 -31.05 -23.37 -15.83
N LEU A 159 -30.26 -22.70 -15.00
CA LEU A 159 -29.22 -23.36 -14.15
C LEU A 159 -29.91 -24.38 -13.24
N GLU A 160 -29.32 -25.57 -13.06
CA GLU A 160 -29.89 -26.61 -12.16
C GLU A 160 -30.11 -25.94 -10.79
N GLY A 161 -31.30 -26.10 -10.22
CA GLY A 161 -31.67 -25.65 -8.88
C GLY A 161 -32.18 -24.21 -8.83
N HIS A 162 -32.26 -23.51 -9.99
CA HIS A 162 -32.53 -22.06 -10.08
C HIS A 162 -33.93 -21.76 -10.60
N ASN A 163 -34.75 -22.76 -10.93
CA ASN A 163 -36.07 -22.48 -11.53
C ASN A 163 -37.09 -22.24 -10.42
N ILE A 164 -37.19 -20.98 -10.01
CA ILE A 164 -38.11 -20.50 -8.94
C ILE A 164 -39.56 -20.59 -9.42
N PHE A 165 -39.80 -20.89 -10.69
CA PHE A 165 -41.16 -20.93 -11.30
C PHE A 165 -41.59 -22.38 -11.55
N SER A 166 -40.75 -23.36 -11.21
CA SER A 166 -40.95 -24.80 -11.46
C SER A 166 -42.38 -25.26 -11.08
N THR A 167 -43.00 -24.66 -10.05
CA THR A 167 -44.32 -25.06 -9.50
C THR A 167 -45.48 -24.42 -10.27
N LEU A 168 -45.22 -23.71 -11.37
CA LEU A 168 -46.29 -23.14 -12.25
C LEU A 168 -46.63 -24.18 -13.32
N SER A 169 -47.88 -24.20 -13.78
CA SER A 169 -48.33 -24.91 -15.01
C SER A 169 -47.58 -24.35 -16.21
N SER A 170 -47.33 -25.18 -17.21
CA SER A 170 -46.72 -24.79 -18.49
C SER A 170 -47.21 -23.39 -18.90
N SER A 171 -48.51 -23.10 -18.75
CA SER A 171 -49.16 -21.88 -19.32
C SER A 171 -48.87 -20.66 -18.44
N GLU A 172 -49.02 -20.83 -17.12
CA GLU A 172 -48.60 -19.83 -16.11
C GLU A 172 -47.11 -19.53 -16.27
N TYR A 173 -46.29 -20.53 -16.55
CA TYR A 173 -44.83 -20.38 -16.76
C TYR A 173 -44.61 -19.47 -17.97
N GLU A 174 -45.26 -19.74 -19.09
CA GLU A 174 -45.09 -18.92 -20.33
C GLU A 174 -45.60 -17.50 -20.05
N GLN A 175 -46.67 -17.38 -19.26
CA GLN A 175 -47.29 -16.07 -18.97
C GLN A 175 -46.31 -15.23 -18.15
N VAL A 176 -45.65 -15.83 -17.16
CA VAL A 176 -44.74 -15.08 -16.24
C VAL A 176 -43.48 -14.67 -17.02
N LEU A 177 -42.94 -15.53 -17.89
CA LEU A 177 -41.69 -15.24 -18.66
C LEU A 177 -42.02 -14.15 -19.68
N GLU A 178 -43.28 -14.05 -20.10
CA GLU A 178 -43.74 -13.03 -21.08
C GLU A 178 -43.91 -11.67 -20.37
N ILE A 179 -44.51 -11.65 -19.19
CA ILE A 179 -44.54 -10.46 -18.28
C ILE A 179 -43.11 -9.95 -18.04
N ILE A 180 -42.19 -10.82 -17.66
CA ILE A 180 -40.76 -10.46 -17.36
C ILE A 180 -40.12 -9.86 -18.62
N ARG A 181 -40.32 -10.47 -19.79
CA ARG A 181 -39.69 -10.02 -21.06
C ARG A 181 -40.20 -8.60 -21.39
N LYS A 182 -41.51 -8.43 -21.46
CA LYS A 182 -42.10 -7.11 -21.82
C LYS A 182 -41.57 -6.10 -20.81
N ALA A 183 -41.55 -6.47 -19.51
CA ALA A 183 -41.18 -5.57 -18.39
C ALA A 183 -39.73 -5.11 -18.55
N ILE A 184 -38.84 -6.02 -18.92
CA ILE A 184 -37.40 -5.71 -19.04
C ILE A 184 -37.19 -4.88 -20.30
N ILE A 185 -37.81 -5.25 -21.43
CA ILE A 185 -37.75 -4.44 -22.69
C ILE A 185 -38.23 -3.02 -22.39
N ALA A 186 -39.28 -2.85 -21.58
CA ALA A 186 -39.91 -1.53 -21.33
C ALA A 186 -38.90 -0.59 -20.63
N THR A 187 -37.89 -1.13 -19.94
CA THR A 187 -36.85 -0.31 -19.27
C THR A 187 -35.92 0.33 -20.30
N ASP A 188 -36.12 0.07 -21.59
CA ASP A 188 -35.40 0.83 -22.66
C ASP A 188 -36.02 2.22 -22.72
N LEU A 189 -35.32 3.24 -22.25
CA LEU A 189 -35.93 4.59 -22.11
C LEU A 189 -36.37 5.13 -23.49
N ALA A 190 -35.78 4.70 -24.60
CA ALA A 190 -36.17 5.17 -25.96
C ALA A 190 -37.65 4.81 -26.19
N LEU A 191 -38.15 3.72 -25.60
CA LEU A 191 -39.55 3.26 -25.78
C LEU A 191 -40.52 3.96 -24.82
N TYR A 192 -40.02 4.55 -23.74
CA TYR A 192 -40.84 5.15 -22.67
C TYR A 192 -41.70 6.30 -23.25
N PHE A 193 -41.10 7.19 -24.03
CA PHE A 193 -41.76 8.41 -24.57
C PHE A 193 -43.08 8.04 -25.28
N GLY A 194 -43.01 7.18 -26.30
CA GLY A 194 -44.19 6.71 -27.01
C GLY A 194 -45.13 5.96 -26.09
N ASN A 195 -44.62 5.14 -25.19
CA ASN A 195 -45.48 4.34 -24.28
C ASN A 195 -46.33 5.29 -23.42
N ARG A 196 -45.71 6.32 -22.83
CA ARG A 196 -46.40 7.27 -21.94
C ARG A 196 -47.41 8.10 -22.77
N LYS A 197 -47.05 8.52 -23.99
CA LYS A 197 -47.95 9.29 -24.88
C LYS A 197 -49.24 8.49 -25.10
N GLN A 198 -49.14 7.24 -25.51
CA GLN A 198 -50.33 6.37 -25.73
C GLN A 198 -51.13 6.23 -24.44
N LEU A 199 -50.46 6.05 -23.30
CA LEU A 199 -51.16 5.94 -21.99
C LEU A 199 -51.88 7.27 -21.70
N GLU A 200 -51.21 8.39 -21.95
CA GLU A 200 -51.78 9.75 -21.75
C GLU A 200 -53.06 9.84 -22.59
N GLU A 201 -52.99 9.62 -23.92
CA GLU A 201 -54.17 9.62 -24.83
C GLU A 201 -55.27 8.75 -24.23
N MET A 202 -54.97 7.49 -23.88
CA MET A 202 -55.98 6.49 -23.46
C MET A 202 -56.67 6.90 -22.17
N TYR A 203 -55.94 7.54 -21.26
CA TYR A 203 -56.50 7.95 -19.94
C TYR A 203 -57.43 9.14 -20.15
N GLN A 204 -57.01 10.10 -21.00
CA GLN A 204 -57.72 11.38 -21.31
C GLN A 204 -59.01 11.11 -22.09
N THR A 205 -58.92 10.48 -23.26
CA THR A 205 -60.11 10.04 -24.06
C THR A 205 -60.96 9.02 -23.27
N GLY A 206 -60.44 8.46 -22.18
CA GLY A 206 -61.20 7.55 -21.30
C GLY A 206 -61.21 6.10 -21.79
N SER A 207 -60.49 5.78 -22.87
CA SER A 207 -60.48 4.42 -23.47
C SER A 207 -59.61 3.44 -22.66
N LEU A 208 -58.86 3.89 -21.66
CA LEU A 208 -57.94 3.02 -20.87
C LEU A 208 -58.74 1.89 -20.22
N ASN A 209 -58.35 0.64 -20.46
CA ASN A 209 -59.05 -0.57 -19.97
C ASN A 209 -58.05 -1.59 -19.43
N LEU A 210 -58.01 -1.78 -18.11
CA LEU A 210 -57.02 -2.65 -17.42
C LEU A 210 -57.36 -4.15 -17.63
N ASN A 211 -58.50 -4.48 -18.23
CA ASN A 211 -58.83 -5.86 -18.69
C ASN A 211 -58.23 -6.11 -20.07
N ASN A 212 -57.96 -5.05 -20.83
CA ASN A 212 -57.25 -5.14 -22.13
C ASN A 212 -55.77 -5.44 -21.81
N GLN A 213 -55.31 -6.66 -22.12
CA GLN A 213 -53.92 -7.11 -21.91
C GLN A 213 -52.90 -6.12 -22.52
N SER A 214 -53.16 -5.57 -23.71
CA SER A 214 -52.23 -4.62 -24.38
C SER A 214 -52.16 -3.32 -23.58
N HIS A 215 -53.20 -2.99 -22.80
CA HIS A 215 -53.28 -1.78 -21.95
C HIS A 215 -52.53 -2.04 -20.63
N ARG A 216 -52.70 -3.22 -20.04
CA ARG A 216 -51.93 -3.65 -18.85
C ARG A 216 -50.44 -3.61 -19.19
N ASP A 217 -50.08 -4.22 -20.32
CA ASP A 217 -48.69 -4.20 -20.84
C ASP A 217 -48.14 -2.78 -20.73
N ARG A 218 -48.87 -1.78 -21.24
CA ARG A 218 -48.35 -0.38 -21.32
C ARG A 218 -48.16 0.17 -19.90
N VAL A 219 -49.11 -0.14 -19.02
CA VAL A 219 -49.15 0.32 -17.60
C VAL A 219 -47.98 -0.33 -16.85
N ILE A 220 -47.85 -1.65 -16.94
CA ILE A 220 -46.66 -2.38 -16.40
C ILE A 220 -45.39 -1.72 -16.95
N GLY A 221 -45.36 -1.39 -18.24
CA GLY A 221 -44.22 -0.69 -18.84
C GLY A 221 -43.94 0.65 -18.15
N LEU A 222 -44.96 1.42 -17.82
CA LEU A 222 -44.76 2.74 -17.17
C LEU A 222 -44.28 2.51 -15.73
N MET A 223 -44.80 1.51 -15.03
CA MET A 223 -44.33 1.15 -13.68
C MET A 223 -42.83 0.83 -13.74
N MET A 224 -42.34 0.16 -14.79
CA MET A 224 -40.91 -0.21 -14.92
C MET A 224 -40.09 1.05 -15.10
N THR A 225 -40.49 1.96 -15.99
CA THR A 225 -39.80 3.25 -16.19
C THR A 225 -39.75 3.99 -14.83
N ALA A 226 -40.87 4.03 -14.10
CA ALA A 226 -40.97 4.73 -12.81
C ALA A 226 -40.00 4.09 -11.80
N CYS A 227 -39.97 2.76 -11.68
CA CYS A 227 -39.06 2.07 -10.72
C CYS A 227 -37.59 2.30 -11.16
N ASP A 228 -37.34 2.20 -12.45
CA ASP A 228 -35.98 2.38 -12.99
C ASP A 228 -35.45 3.77 -12.69
N LEU A 229 -36.31 4.80 -12.71
CA LEU A 229 -35.86 6.22 -12.55
C LEU A 229 -35.94 6.67 -11.10
N CYS A 230 -36.18 5.74 -10.14
CA CYS A 230 -36.62 6.08 -8.77
C CYS A 230 -35.56 6.84 -7.95
N SER A 231 -34.30 6.95 -8.39
CA SER A 231 -33.31 7.81 -7.67
C SER A 231 -33.87 9.24 -7.54
N VAL A 232 -34.66 9.71 -8.51
CA VAL A 232 -35.26 11.08 -8.50
C VAL A 232 -36.40 11.16 -7.48
N THR A 233 -36.84 10.06 -6.86
CA THR A 233 -38.00 10.09 -5.93
C THR A 233 -37.50 9.89 -4.50
N LYS A 234 -36.18 9.96 -4.28
CA LYS A 234 -35.58 9.76 -2.93
C LYS A 234 -35.39 11.10 -2.22
N LEU A 235 -34.99 11.07 -0.96
CA LEU A 235 -34.55 12.29 -0.24
C LEU A 235 -33.33 12.86 -0.97
N TRP A 236 -33.22 14.18 -0.93
CA TRP A 236 -32.30 14.94 -1.81
C TRP A 236 -30.88 14.39 -1.73
N PRO A 237 -30.35 14.07 -0.52
CA PRO A 237 -28.97 13.57 -0.41
C PRO A 237 -28.79 12.22 -1.14
N VAL A 238 -29.79 11.32 -1.10
CA VAL A 238 -29.75 10.05 -1.87
C VAL A 238 -29.74 10.42 -3.38
N THR A 239 -30.66 11.28 -3.80
CA THR A 239 -30.86 11.67 -5.22
C THR A 239 -29.53 12.22 -5.78
N LYS A 240 -28.91 13.08 -5.02
CA LYS A 240 -27.72 13.85 -5.42
C LYS A 240 -26.53 12.91 -5.50
N LEU A 241 -26.38 12.01 -4.54
CA LEU A 241 -25.21 11.09 -4.49
C LEU A 241 -25.37 10.02 -5.57
N THR A 242 -26.59 9.57 -5.85
CA THR A 242 -26.85 8.66 -7.00
C THR A 242 -26.52 9.37 -8.31
N ALA A 243 -26.79 10.67 -8.45
CA ALA A 243 -26.51 11.40 -9.71
C ALA A 243 -25.00 11.34 -10.00
N ASN A 244 -24.15 11.40 -8.97
CA ASN A 244 -22.68 11.27 -9.11
C ASN A 244 -22.32 9.96 -9.81
N ASP A 245 -22.96 8.87 -9.41
CA ASP A 245 -22.71 7.52 -9.99
C ASP A 245 -23.17 7.52 -11.44
N ILE A 246 -24.34 8.12 -11.71
CA ILE A 246 -24.91 8.14 -13.07
C ILE A 246 -23.92 8.86 -13.99
N TYR A 247 -23.40 10.00 -13.58
CA TYR A 247 -22.50 10.83 -14.42
C TYR A 247 -21.14 10.13 -14.54
N ALA A 248 -20.75 9.36 -13.52
CA ALA A 248 -19.48 8.58 -13.50
C ALA A 248 -19.52 7.59 -14.66
N GLU A 249 -20.65 6.93 -14.89
CA GLU A 249 -20.80 6.05 -16.07
C GLU A 249 -20.86 6.91 -17.34
N PHE A 250 -21.68 7.94 -17.36
CA PHE A 250 -21.90 8.78 -18.56
C PHE A 250 -20.56 9.30 -19.07
N TRP A 251 -19.74 9.83 -18.17
CA TRP A 251 -18.48 10.50 -18.55
C TRP A 251 -17.46 9.46 -19.03
N ALA A 252 -17.43 8.26 -18.42
CA ALA A 252 -16.64 7.09 -18.89
C ALA A 252 -17.05 6.76 -20.32
N GLU A 253 -18.35 6.71 -20.61
CA GLU A 253 -18.83 6.43 -21.99
C GLU A 253 -18.39 7.57 -22.94
N GLY A 254 -18.41 8.82 -22.47
CA GLY A 254 -17.97 9.96 -23.29
C GLY A 254 -16.51 9.83 -23.65
N ASP A 255 -15.71 9.43 -22.66
CA ASP A 255 -14.25 9.15 -22.83
C ASP A 255 -14.09 8.11 -23.94
N GLU A 256 -14.89 7.05 -23.91
CA GLU A 256 -14.78 5.93 -24.88
C GLU A 256 -15.23 6.43 -26.25
N MET A 257 -16.28 7.24 -26.30
CA MET A 257 -16.73 7.89 -27.56
C MET A 257 -15.54 8.63 -28.17
N LYS A 258 -14.83 9.45 -27.37
CA LYS A 258 -13.68 10.27 -27.85
C LYS A 258 -12.56 9.35 -28.40
N LYS A 259 -12.34 8.20 -27.77
CA LYS A 259 -11.40 7.16 -28.25
C LYS A 259 -11.82 6.66 -29.64
N LEU A 260 -13.11 6.52 -29.94
CA LEU A 260 -13.60 6.14 -31.29
C LEU A 260 -13.59 7.34 -32.27
N GLY A 261 -13.12 8.52 -31.85
CA GLY A 261 -13.03 9.73 -32.71
C GLY A 261 -14.39 10.39 -32.91
N ILE A 262 -15.28 10.31 -31.92
CA ILE A 262 -16.68 10.83 -31.94
C ILE A 262 -16.83 11.77 -30.74
N GLN A 263 -17.17 13.04 -30.94
CA GLN A 263 -17.40 13.95 -29.78
C GLN A 263 -18.68 13.47 -29.13
N PRO A 264 -18.68 13.19 -27.80
CA PRO A 264 -19.90 12.74 -27.15
C PRO A 264 -20.93 13.87 -27.02
N ILE A 265 -22.19 13.50 -26.86
CA ILE A 265 -23.25 14.46 -26.42
C ILE A 265 -22.79 15.08 -25.09
N PRO A 266 -23.23 16.32 -24.75
CA PRO A 266 -22.77 17.01 -23.53
C PRO A 266 -23.02 16.21 -22.24
N MET A 267 -24.13 15.47 -22.19
CA MET A 267 -24.50 14.55 -21.07
C MET A 267 -23.29 13.69 -20.66
N MET A 268 -22.43 13.33 -21.62
CA MET A 268 -21.38 12.31 -21.45
C MET A 268 -20.00 12.97 -21.53
N ASP A 269 -19.94 14.30 -21.61
CA ASP A 269 -18.67 15.03 -21.74
C ASP A 269 -18.33 15.58 -20.35
N ARG A 270 -17.35 14.99 -19.68
CA ARG A 270 -16.92 15.46 -18.34
C ARG A 270 -16.45 16.92 -18.45
N ASP A 271 -16.07 17.38 -19.64
CA ASP A 271 -15.63 18.79 -19.85
C ASP A 271 -16.80 19.75 -19.65
N LYS A 272 -18.04 19.23 -19.66
CA LYS A 272 -19.26 20.06 -19.53
C LYS A 272 -19.98 19.76 -18.21
N LYS A 273 -19.23 19.39 -17.14
CA LYS A 273 -19.75 19.17 -15.76
C LYS A 273 -20.63 20.35 -15.32
N ASP A 274 -20.16 21.55 -15.63
CA ASP A 274 -20.78 22.88 -15.34
C ASP A 274 -22.28 22.82 -15.66
N GLU A 275 -22.68 22.25 -16.82
CA GLU A 275 -24.06 22.31 -17.36
C GLU A 275 -24.98 21.23 -16.74
N VAL A 276 -24.51 20.49 -15.73
CA VAL A 276 -25.21 19.29 -15.19
C VAL A 276 -26.55 19.71 -14.58
N PRO A 277 -26.57 20.72 -13.68
CA PRO A 277 -27.82 21.19 -13.09
C PRO A 277 -28.92 21.48 -14.13
N GLN A 278 -28.56 22.16 -15.23
CA GLN A 278 -29.51 22.47 -16.34
C GLN A 278 -29.94 21.17 -17.04
N GLY A 279 -28.99 20.26 -17.29
CA GLY A 279 -29.26 18.91 -17.81
C GLY A 279 -30.25 18.14 -16.94
N GLN A 280 -30.15 18.27 -15.62
CA GLN A 280 -31.12 17.63 -14.67
C GLN A 280 -32.51 18.25 -14.82
N LEU A 281 -32.65 19.58 -14.92
CA LEU A 281 -33.96 20.24 -15.21
C LEU A 281 -34.60 19.64 -16.47
N GLY A 282 -33.86 19.55 -17.58
CA GLY A 282 -34.35 18.97 -18.84
C GLY A 282 -34.91 17.58 -18.60
N PHE A 283 -34.14 16.78 -17.85
CA PHE A 283 -34.47 15.38 -17.53
C PHE A 283 -35.77 15.28 -16.71
N TYR A 284 -35.89 16.07 -15.65
CA TYR A 284 -37.09 16.06 -14.76
C TYR A 284 -38.33 16.47 -15.56
N ASN A 285 -38.18 17.52 -16.39
CA ASN A 285 -39.29 18.10 -17.20
C ASN A 285 -39.59 17.19 -18.38
N ALA A 286 -38.56 16.75 -19.12
CA ALA A 286 -38.76 15.89 -20.31
C ALA A 286 -39.16 14.47 -19.92
N VAL A 287 -38.69 13.92 -18.80
CA VAL A 287 -38.80 12.45 -18.56
C VAL A 287 -39.49 12.13 -17.24
N ALA A 288 -38.90 12.55 -16.12
CA ALA A 288 -39.26 12.09 -14.76
C ALA A 288 -40.66 12.58 -14.41
N ILE A 289 -40.90 13.89 -14.49
CA ILE A 289 -42.21 14.49 -14.07
C ILE A 289 -43.34 13.90 -14.91
N PRO A 290 -43.26 13.89 -16.25
CA PRO A 290 -44.30 13.26 -17.07
C PRO A 290 -44.57 11.80 -16.70
N CYS A 291 -43.50 11.04 -16.40
CA CYS A 291 -43.58 9.61 -16.05
C CYS A 291 -44.45 9.44 -14.81
N TYR A 292 -44.14 10.14 -13.72
CA TYR A 292 -44.82 9.93 -12.43
C TYR A 292 -46.21 10.60 -12.44
N THR A 293 -46.41 11.65 -13.24
CA THR A 293 -47.74 12.29 -13.47
C THR A 293 -48.70 11.26 -14.08
N THR A 294 -48.34 10.71 -15.25
CA THR A 294 -49.19 9.70 -15.94
C THR A 294 -49.36 8.53 -14.98
N LEU A 295 -48.29 8.10 -14.30
CA LEU A 295 -48.39 6.97 -13.35
C LEU A 295 -49.40 7.30 -12.25
N THR A 296 -49.38 8.51 -11.67
CA THR A 296 -50.33 8.91 -10.59
C THR A 296 -51.79 8.98 -11.11
N GLN A 297 -51.97 9.52 -12.32
CA GLN A 297 -53.28 9.52 -13.02
C GLN A 297 -53.83 8.09 -13.05
N ILE A 298 -53.03 7.11 -13.50
CA ILE A 298 -53.50 5.71 -13.70
C ILE A 298 -53.59 5.00 -12.35
N LEU A 299 -52.61 5.20 -11.45
CA LEU A 299 -52.52 4.51 -10.13
C LEU A 299 -52.42 5.57 -9.04
N PRO A 300 -53.56 6.12 -8.59
CA PRO A 300 -53.54 7.26 -7.68
C PRO A 300 -52.60 7.10 -6.51
N PRO A 301 -52.56 5.95 -5.80
CA PRO A 301 -51.71 5.83 -4.62
C PRO A 301 -50.17 5.86 -4.84
N THR A 302 -49.69 6.05 -6.08
CA THR A 302 -48.24 6.26 -6.39
C THR A 302 -47.89 7.75 -6.37
N GLU A 303 -48.76 8.59 -5.81
CA GLU A 303 -48.61 10.07 -5.82
C GLU A 303 -47.36 10.51 -5.05
N PRO A 304 -46.96 9.82 -3.95
CA PRO A 304 -45.74 10.19 -3.24
C PRO A 304 -44.48 10.20 -4.12
N LEU A 305 -44.41 9.36 -5.18
CA LEU A 305 -43.30 9.39 -6.18
C LEU A 305 -43.32 10.74 -6.91
N LEU A 306 -44.48 11.18 -7.41
CA LEU A 306 -44.59 12.47 -8.15
C LEU A 306 -44.16 13.61 -7.22
N LYS A 307 -44.63 13.57 -5.98
CA LYS A 307 -44.37 14.65 -5.00
C LYS A 307 -42.86 14.67 -4.67
N ALA A 308 -42.25 13.51 -4.45
CA ALA A 308 -40.80 13.42 -4.21
C ALA A 308 -40.05 13.92 -5.46
N CYS A 309 -40.50 13.58 -6.65
CA CYS A 309 -39.84 14.03 -7.91
C CYS A 309 -39.90 15.57 -8.00
N ARG A 310 -41.07 16.16 -7.81
CA ARG A 310 -41.22 17.64 -7.85
CA ARG A 310 -41.25 17.65 -7.81
C ARG A 310 -40.30 18.28 -6.79
N ASP A 311 -40.21 17.71 -5.58
CA ASP A 311 -39.31 18.27 -4.52
C ASP A 311 -37.88 18.31 -5.05
N ASN A 312 -37.45 17.25 -5.74
CA ASN A 312 -36.06 17.10 -6.23
C ASN A 312 -35.86 18.04 -7.42
N LEU A 313 -36.87 18.22 -8.29
CA LEU A 313 -36.76 19.25 -9.36
C LEU A 313 -36.47 20.58 -8.67
N SER A 314 -37.23 20.89 -7.62
CA SER A 314 -37.06 22.16 -6.85
C SER A 314 -35.63 22.26 -6.30
N GLN A 315 -35.04 21.17 -5.82
CA GLN A 315 -33.65 21.15 -5.31
C GLN A 315 -32.65 21.48 -6.45
N TRP A 316 -32.85 20.97 -7.67
CA TRP A 316 -31.93 21.28 -8.80
C TRP A 316 -32.07 22.76 -9.20
N GLU A 317 -33.28 23.28 -9.23
CA GLU A 317 -33.52 24.72 -9.45
C GLU A 317 -32.69 25.54 -8.45
N LYS A 318 -32.69 25.15 -7.17
CA LYS A 318 -31.89 25.84 -6.12
C LYS A 318 -30.39 25.71 -6.40
N VAL A 319 -29.91 24.59 -6.93
CA VAL A 319 -28.46 24.47 -7.29
C VAL A 319 -28.15 25.55 -8.35
N ILE A 320 -28.98 25.65 -9.39
CA ILE A 320 -28.74 26.58 -10.54
C ILE A 320 -28.63 27.99 -9.98
N ARG A 321 -29.54 28.37 -9.07
CA ARG A 321 -29.64 29.75 -8.51
C ARG A 321 -28.52 30.00 -7.49
N GLY A 322 -27.49 29.15 -7.45
CA GLY A 322 -26.28 29.32 -6.62
C GLY A 322 -26.55 29.09 -5.14
N GLU A 323 -27.80 28.85 -4.73
CA GLU A 323 -28.20 28.65 -3.30
C GLU A 323 -27.66 27.33 -2.74
N GLU A 324 -27.19 26.42 -3.61
CA GLU A 324 -26.45 25.16 -3.27
C GLU A 324 -25.91 24.54 -4.56
N GLN B 11 11.39 -30.03 10.57
CA GLN B 11 10.66 -28.83 10.05
C GLN B 11 10.24 -27.91 11.21
N GLY B 12 11.06 -27.82 12.26
CA GLY B 12 10.79 -27.01 13.47
C GLY B 12 11.71 -25.82 13.55
N LEU B 13 12.98 -26.01 13.15
CA LEU B 13 14.05 -24.96 13.15
C LEU B 13 13.93 -24.09 11.88
N MET B 14 12.69 -23.80 11.47
CA MET B 14 12.34 -22.75 10.48
C MET B 14 12.07 -21.46 11.24
N GLN B 15 12.76 -20.39 10.86
CA GLN B 15 12.42 -19.01 11.32
C GLN B 15 12.08 -18.21 10.05
N PHE B 16 11.15 -17.28 10.14
CA PHE B 16 10.93 -16.30 9.05
C PHE B 16 12.08 -15.31 9.10
N THR B 17 12.52 -14.88 7.92
CA THR B 17 13.57 -13.86 7.74
C THR B 17 13.02 -12.82 6.76
N LEU B 18 13.45 -11.58 6.93
CA LEU B 18 13.00 -10.44 6.13
C LEU B 18 14.21 -9.86 5.42
N PRO B 19 14.00 -9.26 4.24
CA PRO B 19 15.04 -8.46 3.61
C PRO B 19 15.71 -7.58 4.68
N VAL B 20 17.00 -7.32 4.51
CA VAL B 20 17.84 -6.56 5.48
C VAL B 20 17.08 -5.32 5.95
N ARG B 21 16.58 -4.47 5.03
CA ARG B 21 16.01 -3.14 5.36
C ARG B 21 14.81 -3.32 6.29
N LEU B 22 13.95 -4.31 6.03
CA LEU B 22 12.75 -4.56 6.87
C LEU B 22 13.21 -5.05 8.24
N CYS B 23 14.20 -5.95 8.23
CA CYS B 23 14.69 -6.67 9.44
C CYS B 23 15.12 -5.64 10.49
N LYS B 24 15.79 -4.56 10.07
CA LYS B 24 16.27 -3.48 10.96
C LYS B 24 15.14 -2.48 11.24
N GLU B 25 14.28 -2.20 10.28
CA GLU B 25 13.29 -1.10 10.38
C GLU B 25 12.12 -1.58 11.27
N ILE B 26 11.82 -2.88 11.27
CA ILE B 26 10.58 -3.42 11.90
C ILE B 26 10.68 -3.25 13.42
N GLU B 27 11.91 -3.11 13.92
CA GLU B 27 12.21 -2.89 15.35
C GLU B 27 11.88 -1.45 15.71
N LEU B 28 11.70 -0.55 14.75
CA LEU B 28 11.39 0.87 15.04
C LEU B 28 9.86 1.06 15.16
N PHE B 29 9.43 1.95 16.04
CA PHE B 29 7.99 2.25 16.26
C PHE B 29 7.37 2.83 14.98
N HIS B 30 8.16 3.54 14.17
CA HIS B 30 7.62 4.29 12.99
C HIS B 30 7.68 3.47 11.70
N PHE B 31 7.95 2.17 11.80
CA PHE B 31 8.00 1.23 10.66
C PHE B 31 6.66 1.25 9.92
N ASP B 32 6.71 1.35 8.61
CA ASP B 32 5.55 1.17 7.69
C ASP B 32 5.72 -0.19 7.03
N ILE B 33 4.67 -1.01 7.02
CA ILE B 33 4.75 -2.43 6.55
C ILE B 33 4.77 -2.49 5.01
N GLY B 34 4.58 -1.38 4.33
CA GLY B 34 4.77 -1.28 2.88
C GLY B 34 3.54 -1.69 2.07
N PRO B 35 3.57 -1.44 0.73
CA PRO B 35 2.43 -1.71 -0.15
C PRO B 35 2.31 -3.13 -0.71
N PHE B 36 3.21 -4.05 -0.35
CA PHE B 36 3.17 -5.44 -0.84
C PHE B 36 2.32 -6.28 0.12
N GLU B 37 1.01 -6.44 -0.17
CA GLU B 37 0.04 -7.22 0.63
C GLU B 37 0.61 -8.60 0.98
N ASN B 38 1.31 -9.24 0.04
CA ASN B 38 1.69 -10.68 0.13
C ASN B 38 2.86 -10.85 1.09
N MET B 39 3.55 -9.76 1.47
CA MET B 39 4.58 -9.81 2.54
C MET B 39 3.97 -9.67 3.96
N TRP B 40 2.74 -9.19 4.11
CA TRP B 40 2.21 -8.82 5.47
C TRP B 40 2.11 -10.06 6.36
N PRO B 41 1.54 -11.20 5.88
CA PRO B 41 1.47 -12.41 6.69
C PRO B 41 2.84 -12.82 7.24
N GLY B 42 3.86 -12.75 6.38
CA GLY B 42 5.25 -13.10 6.73
C GLY B 42 5.77 -12.17 7.80
N ILE B 43 5.50 -10.88 7.64
CA ILE B 43 5.87 -9.80 8.61
C ILE B 43 5.21 -10.12 9.97
N PHE B 44 3.97 -10.56 9.99
CA PHE B 44 3.28 -10.88 11.27
C PHE B 44 3.91 -12.12 11.92
N VAL B 45 4.09 -13.21 11.16
CA VAL B 45 4.69 -14.49 11.65
C VAL B 45 6.09 -14.19 12.18
N TYR B 46 6.87 -13.40 11.45
CA TYR B 46 8.20 -12.94 11.92
C TYR B 46 8.08 -12.27 13.28
N MET B 47 7.10 -11.38 13.43
CA MET B 47 6.90 -10.66 14.72
C MET B 47 6.52 -11.64 15.83
N VAL B 48 5.68 -12.65 15.57
CA VAL B 48 5.26 -13.66 16.58
C VAL B 48 6.46 -14.51 17.01
N HIS B 49 7.33 -14.90 16.08
CA HIS B 49 8.51 -15.77 16.33
C HIS B 49 9.55 -15.04 17.18
N ARG B 50 9.80 -13.76 16.95
CA ARG B 50 10.77 -12.98 17.77
C ARG B 50 10.14 -12.52 19.08
N SER B 51 8.82 -12.47 19.18
CA SER B 51 8.12 -11.81 20.31
C SER B 51 7.95 -12.78 21.46
N CYS B 52 7.49 -13.99 21.16
CA CYS B 52 7.26 -15.03 22.21
C CYS B 52 7.86 -16.37 21.80
N GLY B 53 8.33 -16.54 20.57
CA GLY B 53 9.15 -17.70 20.18
C GLY B 53 8.60 -18.49 19.00
N THR B 54 9.45 -19.32 18.40
CA THR B 54 9.14 -20.23 17.27
C THR B 54 8.21 -21.37 17.73
N SER B 55 8.02 -21.50 19.04
CA SER B 55 7.30 -22.61 19.71
C SER B 55 5.87 -22.20 20.06
N CYS B 56 5.56 -20.90 20.07
CA CYS B 56 4.30 -20.31 20.61
C CYS B 56 3.12 -20.96 19.91
N PHE B 57 3.26 -21.17 18.60
CA PHE B 57 2.19 -21.62 17.68
C PHE B 57 2.76 -22.66 16.72
N GLU B 58 1.96 -23.66 16.40
CA GLU B 58 2.24 -24.59 15.28
C GLU B 58 2.08 -23.78 13.99
N LEU B 59 3.16 -23.68 13.21
CA LEU B 59 3.27 -22.84 11.97
C LEU B 59 2.12 -23.13 10.99
N GLU B 60 1.65 -24.36 10.90
CA GLU B 60 0.56 -24.74 9.95
C GLU B 60 -0.74 -24.07 10.39
N LYS B 61 -1.20 -24.33 11.62
CA LYS B 61 -2.40 -23.69 12.25
C LYS B 61 -2.30 -22.16 12.15
N LEU B 62 -1.16 -21.58 12.53
CA LEU B 62 -0.97 -20.11 12.52
C LEU B 62 -1.22 -19.55 11.11
N CME B 63 -0.62 -20.16 10.10
CA CME B 63 -0.73 -19.68 8.69
CB CME B 63 0.28 -20.36 7.78
SG CME B 63 1.94 -19.61 7.77
SD CME B 63 1.59 -17.67 7.14
CE CME B 63 2.21 -17.55 5.43
CZ CME B 63 3.62 -18.03 5.24
OH CME B 63 3.75 -18.77 4.05
C CME B 63 -2.18 -19.82 8.24
O CME B 63 -2.68 -18.94 7.56
N ARG B 64 -2.84 -20.88 8.66
CA ARG B 64 -4.27 -21.12 8.30
C ARG B 64 -5.15 -20.07 9.00
N PHE B 65 -4.87 -19.78 10.27
CA PHE B 65 -5.54 -18.72 11.07
C PHE B 65 -5.37 -17.37 10.38
N ILE B 66 -4.13 -16.97 10.14
CA ILE B 66 -3.76 -15.68 9.48
C ILE B 66 -4.55 -15.49 8.20
N MET B 67 -4.63 -16.52 7.35
CA MET B 67 -5.22 -16.36 6.00
C MET B 67 -6.73 -16.26 6.14
N SER B 68 -7.36 -16.97 7.09
CA SER B 68 -8.81 -16.82 7.38
C SER B 68 -9.08 -15.41 7.94
N VAL B 69 -8.20 -14.86 8.77
CA VAL B 69 -8.36 -13.50 9.35
C VAL B 69 -8.31 -12.51 8.19
N LYS B 70 -7.27 -12.59 7.36
CA LYS B 70 -7.16 -11.74 6.15
C LYS B 70 -8.46 -11.79 5.34
N LYS B 71 -8.94 -12.99 5.07
CA LYS B 71 -10.16 -13.23 4.27
C LYS B 71 -11.34 -12.45 4.87
N ASN B 72 -11.40 -12.28 6.19
CA ASN B 72 -12.59 -11.71 6.87
C ASN B 72 -12.42 -10.21 7.15
N TYR B 73 -11.35 -9.58 6.66
CA TYR B 73 -11.22 -8.11 6.57
C TYR B 73 -11.77 -7.66 5.21
N ARG B 74 -12.51 -6.56 5.17
CA ARG B 74 -13.15 -6.05 3.94
C ARG B 74 -12.25 -5.02 3.25
N ARG B 75 -12.54 -4.74 1.99
CA ARG B 75 -11.72 -3.83 1.15
C ARG B 75 -12.28 -2.44 1.34
N VAL B 76 -12.11 -1.92 2.54
CA VAL B 76 -12.54 -0.56 2.93
C VAL B 76 -11.27 0.29 2.94
N PRO B 77 -11.40 1.64 2.85
CA PRO B 77 -10.23 2.51 2.75
C PRO B 77 -9.25 2.44 3.93
N TYR B 78 -9.75 2.23 5.16
CA TYR B 78 -8.91 2.32 6.37
C TYR B 78 -8.98 1.05 7.22
N HIS B 79 -10.16 0.61 7.65
CA HIS B 79 -10.36 -0.54 8.58
C HIS B 79 -10.19 -1.85 7.83
N ASN B 80 -9.03 -2.01 7.25
CA ASN B 80 -8.69 -3.13 6.33
C ASN B 80 -7.56 -3.96 6.96
N TRP B 81 -7.17 -4.99 6.24
CA TRP B 81 -6.11 -5.96 6.60
C TRP B 81 -4.77 -5.25 6.85
N LYS B 82 -4.47 -4.20 6.10
CA LYS B 82 -3.22 -3.42 6.32
C LYS B 82 -3.25 -2.76 7.70
N HIS B 83 -4.40 -2.21 8.12
CA HIS B 83 -4.56 -1.59 9.45
C HIS B 83 -4.30 -2.66 10.52
N ALA B 84 -4.84 -3.86 10.35
CA ALA B 84 -4.75 -4.94 11.38
C ALA B 84 -3.29 -5.30 11.61
N VAL B 85 -2.50 -5.38 10.54
CA VAL B 85 -1.08 -5.78 10.62
C VAL B 85 -0.28 -4.59 11.17
N THR B 86 -0.64 -3.38 10.79
CA THR B 86 0.02 -2.13 11.27
C THR B 86 -0.12 -2.02 12.79
N VAL B 87 -1.31 -2.29 13.29
CA VAL B 87 -1.62 -2.22 14.75
C VAL B 87 -0.85 -3.36 15.43
N ALA B 88 -0.81 -4.54 14.83
CA ALA B 88 -0.06 -5.68 15.42
C ALA B 88 1.41 -5.32 15.48
N HIS B 89 1.92 -4.58 14.49
CA HIS B 89 3.35 -4.18 14.48
C HIS B 89 3.66 -3.22 15.64
N CYS B 90 2.78 -2.22 15.89
CA CYS B 90 2.98 -1.27 17.01
C CYS B 90 3.06 -2.03 18.34
N MET B 91 2.16 -2.98 18.54
CA MET B 91 2.12 -3.84 19.74
C MET B 91 3.41 -4.64 19.82
N TYR B 92 3.86 -5.18 18.70
CA TYR B 92 5.17 -5.86 18.57
C TYR B 92 6.27 -4.95 19.15
N ALA B 93 6.33 -3.69 18.73
CA ALA B 93 7.37 -2.73 19.18
C ALA B 93 7.25 -2.46 20.68
N ILE B 94 6.04 -2.32 21.21
CA ILE B 94 5.85 -2.09 22.67
C ILE B 94 6.40 -3.31 23.41
N LEU B 95 5.98 -4.51 23.01
CA LEU B 95 6.35 -5.78 23.70
C LEU B 95 7.85 -6.02 23.61
N GLN B 96 8.48 -5.72 22.47
CA GLN B 96 9.95 -5.92 22.29
C GLN B 96 10.73 -4.99 23.24
N ASN B 97 10.28 -3.75 23.44
CA ASN B 97 10.95 -2.78 24.35
C ASN B 97 10.45 -2.90 25.81
N ASN B 98 9.53 -3.79 26.15
CA ASN B 98 9.09 -3.98 27.57
C ASN B 98 8.94 -5.47 27.85
N HIS B 99 9.89 -6.29 27.40
CA HIS B 99 9.67 -7.76 27.27
C HIS B 99 9.55 -8.44 28.64
N THR B 100 10.11 -7.91 29.72
CA THR B 100 10.03 -8.56 31.06
C THR B 100 8.66 -8.30 31.70
N LEU B 101 7.99 -7.19 31.34
CA LEU B 101 6.73 -6.75 32.01
C LEU B 101 5.57 -7.73 31.75
N PHE B 102 5.54 -8.44 30.62
CA PHE B 102 4.34 -9.18 30.17
C PHE B 102 4.62 -10.68 30.17
N THR B 103 3.61 -11.46 30.53
CA THR B 103 3.68 -12.94 30.60
C THR B 103 3.72 -13.49 29.16
N ASP B 104 3.98 -14.79 29.03
CA ASP B 104 4.04 -15.49 27.71
C ASP B 104 2.63 -15.53 27.12
N LEU B 105 1.61 -15.75 27.97
CA LEU B 105 0.19 -15.70 27.56
C LEU B 105 -0.09 -14.33 26.92
N GLU B 106 0.20 -13.25 27.63
CA GLU B 106 -0.08 -11.87 27.18
C GLU B 106 0.61 -11.61 25.85
N ARG B 107 1.89 -11.97 25.70
CA ARG B 107 2.62 -11.69 24.43
C ARG B 107 1.89 -12.39 23.28
N LYS B 108 1.48 -13.64 23.46
CA LYS B 108 0.69 -14.47 22.52
C LYS B 108 -0.62 -13.77 22.18
N GLY B 109 -1.47 -13.55 23.21
CA GLY B 109 -2.84 -12.99 23.08
C GLY B 109 -2.87 -11.63 22.40
N LEU B 110 -1.91 -10.76 22.71
CA LEU B 110 -2.00 -9.33 22.35
C LEU B 110 -1.66 -9.16 20.86
N LEU B 111 -0.73 -9.96 20.31
CA LEU B 111 -0.42 -9.82 18.86
C LEU B 111 -1.61 -10.36 18.07
N ILE B 112 -2.25 -11.42 18.56
CA ILE B 112 -3.47 -12.03 17.94
C ILE B 112 -4.66 -11.06 18.11
N ALA B 113 -4.74 -10.38 19.27
CA ALA B 113 -5.80 -9.38 19.54
C ALA B 113 -5.68 -8.26 18.50
N CYS B 114 -4.48 -7.75 18.31
CA CYS B 114 -4.21 -6.64 17.37
C CYS B 114 -4.57 -7.07 15.94
N LEU B 115 -4.20 -8.27 15.54
CA LEU B 115 -4.47 -8.75 14.17
C LEU B 115 -5.98 -8.81 13.95
N CYS B 116 -6.74 -9.26 14.95
CA CYS B 116 -8.19 -9.53 14.84
C CYS B 116 -9.05 -8.34 15.25
N HIS B 117 -8.50 -7.23 15.72
CA HIS B 117 -9.25 -6.22 16.52
C HIS B 117 -10.31 -5.49 15.69
N ASP B 118 -10.22 -5.46 14.36
CA ASP B 118 -11.27 -4.83 13.51
C ASP B 118 -11.92 -5.86 12.58
N LEU B 119 -11.80 -7.16 12.87
CA LEU B 119 -12.32 -8.21 11.95
C LEU B 119 -13.71 -7.81 11.45
N ASP B 120 -13.87 -7.78 10.13
CA ASP B 120 -15.17 -7.74 9.42
C ASP B 120 -15.79 -6.35 9.60
N HIS B 121 -14.92 -5.34 9.79
CA HIS B 121 -15.31 -3.91 9.84
C HIS B 121 -15.93 -3.53 8.49
N ARG B 122 -17.02 -2.76 8.51
CA ARG B 122 -17.77 -2.35 7.29
C ARG B 122 -17.40 -0.92 6.90
N GLY B 123 -16.65 -0.23 7.73
CA GLY B 123 -16.13 1.12 7.46
C GLY B 123 -16.96 2.17 8.17
N PHE B 124 -17.84 1.73 9.07
CA PHE B 124 -18.82 2.61 9.74
C PHE B 124 -18.68 2.51 11.26
N SER B 125 -18.86 3.66 11.93
CA SER B 125 -18.86 3.81 13.40
C SER B 125 -20.06 3.10 14.04
N ASN B 126 -19.94 2.83 15.33
CA ASN B 126 -21.01 2.30 16.21
C ASN B 126 -22.25 3.20 16.15
N SER B 127 -22.09 4.52 16.12
CA SER B 127 -23.22 5.47 15.97
C SER B 127 -23.96 5.18 14.66
N TYR B 128 -23.25 5.01 13.55
CA TYR B 128 -23.94 4.80 12.26
C TYR B 128 -24.78 3.52 12.35
N LEU B 129 -24.20 2.42 12.85
CA LEU B 129 -24.90 1.11 13.00
C LEU B 129 -26.15 1.32 13.87
N GLN B 130 -26.03 2.13 14.92
CA GLN B 130 -27.13 2.45 15.88
C GLN B 130 -28.22 3.22 15.12
N LYS B 131 -27.88 4.28 14.40
CA LYS B 131 -28.88 5.13 13.71
C LYS B 131 -29.47 4.37 12.51
N PHE B 132 -28.71 3.52 11.84
CA PHE B 132 -29.20 2.71 10.69
C PHE B 132 -30.15 1.63 11.19
N ASP B 133 -29.96 1.24 12.44
CA ASP B 133 -30.69 0.14 13.10
C ASP B 133 -30.21 -1.14 12.43
N HIS B 134 -28.89 -1.30 12.34
CA HIS B 134 -28.21 -2.55 11.88
C HIS B 134 -28.45 -3.66 12.91
N PRO B 135 -28.73 -4.90 12.47
CA PRO B 135 -28.86 -6.05 13.38
C PRO B 135 -27.78 -6.14 14.46
N LEU B 136 -26.54 -5.79 14.13
CA LEU B 136 -25.44 -5.80 15.12
C LEU B 136 -25.74 -4.83 16.27
N ALA B 137 -26.49 -3.74 16.06
CA ALA B 137 -26.83 -2.77 17.13
C ALA B 137 -27.79 -3.41 18.15
N ALA B 138 -28.65 -4.34 17.73
CA ALA B 138 -29.64 -5.02 18.60
C ALA B 138 -28.95 -6.12 19.38
N LEU B 139 -27.93 -6.74 18.80
CA LEU B 139 -27.18 -7.86 19.44
C LEU B 139 -26.14 -7.31 20.41
N TYR B 140 -25.57 -6.14 20.14
CA TYR B 140 -24.53 -5.50 20.97
C TYR B 140 -24.88 -4.02 21.16
N SER B 141 -25.50 -3.65 22.29
CA SER B 141 -26.01 -2.28 22.52
C SER B 141 -24.84 -1.31 22.72
N THR B 142 -23.74 -1.74 23.33
CA THR B 142 -22.51 -0.89 23.46
C THR B 142 -21.33 -1.61 22.85
N SER B 143 -20.31 -0.84 22.46
CA SER B 143 -19.10 -1.32 21.76
C SER B 143 -19.53 -2.32 20.67
N THR B 144 -20.56 -1.96 19.90
CA THR B 144 -21.25 -2.80 18.89
C THR B 144 -20.21 -3.50 18.00
N MET B 145 -19.40 -2.73 17.26
CA MET B 145 -18.43 -3.34 16.31
C MET B 145 -17.42 -4.19 17.10
N GLU B 146 -16.97 -3.71 18.26
CA GLU B 146 -15.87 -4.37 18.99
C GLU B 146 -16.35 -5.71 19.54
N GLN B 147 -17.58 -5.81 20.06
CA GLN B 147 -18.13 -7.14 20.44
C GLN B 147 -18.21 -8.02 19.18
N HIS B 148 -18.55 -7.47 18.02
CA HIS B 148 -18.60 -8.25 16.76
C HIS B 148 -17.20 -8.74 16.37
N HIS B 149 -16.18 -7.88 16.47
CA HIS B 149 -14.77 -8.24 16.15
C HIS B 149 -14.35 -9.44 17.01
N PHE B 150 -14.66 -9.42 18.30
CA PHE B 150 -14.23 -10.50 19.22
C PHE B 150 -14.92 -11.80 18.79
N SER B 151 -16.23 -11.74 18.58
CA SER B 151 -17.09 -12.88 18.19
C SER B 151 -16.59 -13.48 16.87
N GLN B 152 -16.21 -12.66 15.90
CA GLN B 152 -15.56 -13.12 14.65
C GLN B 152 -14.27 -13.84 14.98
N THR B 153 -13.48 -13.34 15.93
CA THR B 153 -12.18 -13.92 16.31
C THR B 153 -12.38 -15.33 16.82
N VAL B 154 -13.42 -15.51 17.64
CA VAL B 154 -13.73 -16.83 18.27
C VAL B 154 -14.19 -17.80 17.16
N SER B 155 -15.05 -17.33 16.25
CA SER B 155 -15.56 -18.13 15.08
C SER B 155 -14.40 -18.71 14.29
N ILE B 156 -13.39 -17.89 13.98
CA ILE B 156 -12.23 -18.32 13.16
C ILE B 156 -11.40 -19.32 13.96
N LEU B 157 -11.22 -19.08 15.26
CA LEU B 157 -10.47 -19.99 16.18
C LEU B 157 -11.08 -21.41 16.18
N GLN B 158 -12.39 -21.53 15.94
CA GLN B 158 -13.15 -22.80 16.05
C GLN B 158 -13.27 -23.49 14.68
N LEU B 159 -12.75 -22.89 13.61
CA LEU B 159 -12.67 -23.51 12.25
C LEU B 159 -11.71 -24.71 12.32
N GLU B 160 -12.04 -25.83 11.65
CA GLU B 160 -11.19 -27.05 11.56
C GLU B 160 -9.76 -26.60 11.27
N GLY B 161 -8.82 -26.89 12.17
CA GLY B 161 -7.38 -26.67 11.95
C GLY B 161 -6.93 -25.24 12.21
N HIS B 162 -7.76 -24.40 12.85
CA HIS B 162 -7.46 -22.96 13.08
C HIS B 162 -7.11 -22.65 14.55
N ASN B 163 -7.23 -23.60 15.47
CA ASN B 163 -7.06 -23.34 16.93
C ASN B 163 -5.58 -23.29 17.28
N ILE B 164 -4.98 -22.10 17.10
CA ILE B 164 -3.55 -21.79 17.33
C ILE B 164 -3.19 -21.91 18.81
N PHE B 165 -4.18 -22.04 19.69
CA PHE B 165 -4.04 -22.14 21.16
C PHE B 165 -4.31 -23.57 21.63
N SER B 166 -4.19 -24.54 20.74
CA SER B 166 -4.55 -25.96 20.99
C SER B 166 -3.69 -26.51 22.14
N THR B 167 -2.43 -26.08 22.23
CA THR B 167 -1.41 -26.62 23.19
C THR B 167 -1.66 -26.10 24.62
N LEU B 168 -2.35 -24.96 24.79
CA LEU B 168 -2.63 -24.34 26.12
C LEU B 168 -3.54 -25.25 26.94
N SER B 169 -3.35 -25.31 28.27
CA SER B 169 -4.31 -25.94 29.21
C SER B 169 -5.67 -25.23 29.11
N SER B 170 -6.70 -25.82 29.69
CA SER B 170 -8.08 -25.27 29.69
C SER B 170 -8.06 -23.90 30.39
N SER B 171 -7.20 -23.75 31.42
CA SER B 171 -7.06 -22.50 32.21
C SER B 171 -6.30 -21.45 31.41
N GLU B 172 -5.14 -21.82 30.86
CA GLU B 172 -4.36 -20.94 29.95
C GLU B 172 -5.23 -20.52 28.76
N TYR B 173 -6.03 -21.43 28.21
CA TYR B 173 -6.90 -21.16 27.04
C TYR B 173 -7.88 -20.05 27.44
N GLU B 174 -8.56 -20.21 28.58
CA GLU B 174 -9.63 -19.29 29.05
C GLU B 174 -9.01 -17.92 29.38
N GLN B 175 -7.81 -17.91 29.94
CA GLN B 175 -7.10 -16.65 30.27
C GLN B 175 -6.75 -15.90 28.97
N VAL B 176 -6.29 -16.60 27.93
CA VAL B 176 -5.77 -15.94 26.71
C VAL B 176 -6.97 -15.38 25.94
N LEU B 177 -8.12 -16.07 25.93
CA LEU B 177 -9.36 -15.56 25.30
C LEU B 177 -9.88 -14.34 26.07
N GLU B 178 -9.67 -14.32 27.39
CA GLU B 178 -10.13 -13.19 28.25
C GLU B 178 -9.23 -11.98 27.99
N ILE B 179 -7.91 -12.20 27.84
CA ILE B 179 -6.96 -11.15 27.41
C ILE B 179 -7.42 -10.56 26.06
N ILE B 180 -7.71 -11.42 25.08
CA ILE B 180 -8.07 -11.01 23.70
C ILE B 180 -9.41 -10.27 23.73
N ARG B 181 -10.40 -10.78 24.45
CA ARG B 181 -11.70 -10.08 24.52
C ARG B 181 -11.53 -8.67 25.08
N LYS B 182 -10.85 -8.52 26.21
CA LYS B 182 -10.70 -7.18 26.85
C LYS B 182 -9.87 -6.27 25.95
N ALA B 183 -8.83 -6.79 25.31
CA ALA B 183 -7.98 -5.99 24.40
C ALA B 183 -8.87 -5.47 23.26
N ILE B 184 -9.73 -6.31 22.69
CA ILE B 184 -10.54 -5.90 21.51
C ILE B 184 -11.59 -4.88 21.97
N ILE B 185 -12.26 -5.11 23.10
CA ILE B 185 -13.29 -4.15 23.60
C ILE B 185 -12.64 -2.79 23.85
N ALA B 186 -11.39 -2.75 24.34
CA ALA B 186 -10.67 -1.50 24.70
C ALA B 186 -10.38 -0.64 23.45
N THR B 187 -10.41 -1.20 22.24
CA THR B 187 -10.16 -0.41 21.01
C THR B 187 -11.39 0.44 20.71
N ASP B 188 -12.48 0.30 21.47
CA ASP B 188 -13.63 1.25 21.41
C ASP B 188 -13.14 2.58 21.99
N LEU B 189 -12.87 3.57 21.13
CA LEU B 189 -12.31 4.86 21.55
C LEU B 189 -13.20 5.55 22.61
N ALA B 190 -14.51 5.31 22.61
CA ALA B 190 -15.43 5.83 23.64
C ALA B 190 -14.95 5.38 25.04
N LEU B 191 -14.33 4.21 25.17
CA LEU B 191 -13.90 3.66 26.49
C LEU B 191 -12.52 4.20 26.85
N TYR B 192 -11.77 4.68 25.88
CA TYR B 192 -10.37 5.11 26.08
C TYR B 192 -10.30 6.24 27.13
N PHE B 193 -11.15 7.27 27.01
CA PHE B 193 -11.08 8.52 27.82
C PHE B 193 -11.09 8.19 29.32
N GLY B 194 -12.08 7.40 29.76
CA GLY B 194 -12.23 6.92 31.15
C GLY B 194 -11.02 6.08 31.55
N ASN B 195 -10.61 5.18 30.66
CA ASN B 195 -9.47 4.27 30.94
C ASN B 195 -8.20 5.09 31.17
N ARG B 196 -7.83 5.98 30.25
CA ARG B 196 -6.65 6.87 30.43
C ARG B 196 -6.78 7.75 31.69
N LYS B 197 -7.97 8.28 31.99
CA LYS B 197 -8.17 9.15 33.18
C LYS B 197 -7.81 8.35 34.44
N GLN B 198 -8.40 7.17 34.64
CA GLN B 198 -8.06 6.26 35.78
C GLN B 198 -6.57 5.91 35.81
N LEU B 199 -5.91 5.76 34.66
CA LEU B 199 -4.45 5.36 34.65
C LEU B 199 -3.58 6.58 35.01
N GLU B 200 -3.87 7.76 34.45
CA GLU B 200 -3.15 9.02 34.77
C GLU B 200 -3.25 9.26 36.29
N GLU B 201 -4.42 9.06 36.86
CA GLU B 201 -4.66 9.26 38.31
C GLU B 201 -3.84 8.23 39.09
N MET B 202 -4.04 6.92 38.86
CA MET B 202 -3.27 5.83 39.53
C MET B 202 -1.76 6.06 39.40
N TYR B 203 -1.25 6.47 38.25
CA TYR B 203 0.23 6.60 38.06
C TYR B 203 0.74 7.80 38.84
N GLN B 204 0.04 8.92 38.76
CA GLN B 204 0.56 10.19 39.32
C GLN B 204 0.45 10.19 40.86
N THR B 205 -0.35 9.31 41.47
CA THR B 205 -0.40 9.15 42.93
C THR B 205 0.52 8.01 43.37
N GLY B 206 1.11 7.27 42.43
CA GLY B 206 1.93 6.08 42.73
C GLY B 206 1.11 4.89 43.23
N SER B 207 -0.20 4.81 42.98
CA SER B 207 -1.01 3.61 43.35
C SER B 207 -1.06 2.59 42.19
N LEU B 208 -0.46 2.88 41.04
CA LEU B 208 -0.47 1.96 39.86
C LEU B 208 0.36 0.74 40.23
N ASN B 209 -0.26 -0.43 40.19
CA ASN B 209 0.34 -1.73 40.60
C ASN B 209 0.15 -2.79 39.51
N LEU B 210 1.17 -3.02 38.66
CA LEU B 210 1.11 -3.98 37.52
C LEU B 210 0.87 -5.41 38.00
N ASN B 211 0.96 -5.73 39.30
CA ASN B 211 0.63 -7.08 39.82
C ASN B 211 -0.85 -7.16 40.18
N ASN B 212 -1.53 -6.02 40.09
CA ASN B 212 -3.00 -5.94 40.23
C ASN B 212 -3.60 -6.19 38.83
N GLN B 213 -4.42 -7.23 38.66
CA GLN B 213 -4.93 -7.68 37.33
C GLN B 213 -5.78 -6.57 36.71
N SER B 214 -6.60 -5.95 37.55
CA SER B 214 -7.46 -4.77 37.25
C SER B 214 -6.59 -3.64 36.67
N HIS B 215 -5.40 -3.42 37.20
CA HIS B 215 -4.46 -2.37 36.73
C HIS B 215 -3.81 -2.85 35.43
N ARG B 216 -3.51 -4.14 35.32
CA ARG B 216 -2.83 -4.68 34.10
C ARG B 216 -3.79 -4.52 32.91
N ASP B 217 -5.03 -4.98 33.11
CA ASP B 217 -6.18 -4.85 32.18
C ASP B 217 -6.20 -3.43 31.61
N ARG B 218 -6.19 -2.42 32.48
CA ARG B 218 -6.29 -1.01 32.06
C ARG B 218 -5.08 -0.65 31.18
N VAL B 219 -3.89 -1.02 31.62
CA VAL B 219 -2.61 -0.68 30.93
C VAL B 219 -2.62 -1.39 29.56
N ILE B 220 -3.13 -2.61 29.48
CA ILE B 220 -3.25 -3.31 28.17
C ILE B 220 -4.25 -2.51 27.32
N GLY B 221 -5.37 -2.09 27.91
CA GLY B 221 -6.37 -1.26 27.22
C GLY B 221 -5.72 -0.05 26.62
N LEU B 222 -4.87 0.64 27.37
CA LEU B 222 -4.17 1.85 26.87
C LEU B 222 -3.19 1.45 25.76
N MET B 223 -2.53 0.30 25.91
CA MET B 223 -1.60 -0.18 24.87
C MET B 223 -2.37 -0.41 23.57
N MET B 224 -3.58 -0.96 23.66
CA MET B 224 -4.44 -1.25 22.48
C MET B 224 -4.84 0.06 21.80
N THR B 225 -5.24 1.09 22.57
CA THR B 225 -5.52 2.44 22.01
C THR B 225 -4.28 2.98 21.30
N ALA B 226 -3.10 2.95 21.94
CA ALA B 226 -1.85 3.49 21.34
C ALA B 226 -1.56 2.79 20.01
N CYS B 227 -1.67 1.48 19.96
CA CYS B 227 -1.43 0.71 18.70
C CYS B 227 -2.49 1.09 17.66
N ASP B 228 -3.74 1.18 18.10
CA ASP B 228 -4.88 1.52 17.22
C ASP B 228 -4.70 2.93 16.63
N LEU B 229 -4.17 3.90 17.39
CA LEU B 229 -4.00 5.28 16.87
C LEU B 229 -2.63 5.48 16.22
N CYS B 230 -1.84 4.42 16.04
CA CYS B 230 -0.38 4.53 15.76
C CYS B 230 -0.07 5.23 14.44
N SER B 231 -1.07 5.55 13.61
CA SER B 231 -0.90 6.35 12.36
C SER B 231 -0.24 7.70 12.70
N VAL B 232 -0.57 8.24 13.88
CA VAL B 232 -0.10 9.57 14.34
C VAL B 232 1.34 9.48 14.88
N THR B 233 1.97 8.31 14.86
CA THR B 233 3.32 8.09 15.44
C THR B 233 4.30 7.68 14.33
N LYS B 234 3.86 7.75 13.08
CA LYS B 234 4.71 7.41 11.91
C LYS B 234 5.38 8.70 11.49
N LEU B 235 6.27 8.64 10.51
CA LEU B 235 6.82 9.85 9.89
C LEU B 235 5.72 10.54 9.09
N TRP B 236 5.86 11.85 8.95
CA TRP B 236 4.80 12.76 8.45
C TRP B 236 4.18 12.23 7.16
N PRO B 237 4.98 11.80 6.16
CA PRO B 237 4.41 11.42 4.88
C PRO B 237 3.44 10.22 4.98
N VAL B 238 3.77 9.24 5.83
CA VAL B 238 2.86 8.10 6.17
C VAL B 238 1.61 8.63 6.90
N THR B 239 1.83 9.38 7.98
CA THR B 239 0.77 10.01 8.81
C THR B 239 -0.23 10.75 7.94
N LYS B 240 0.25 11.64 7.06
CA LYS B 240 -0.59 12.47 6.16
C LYS B 240 -1.42 11.56 5.25
N LEU B 241 -0.78 10.64 4.54
CA LEU B 241 -1.47 9.75 3.56
C LEU B 241 -2.46 8.82 4.29
N THR B 242 -2.13 8.33 5.49
CA THR B 242 -3.08 7.48 6.25
C THR B 242 -4.33 8.30 6.61
N ALA B 243 -4.16 9.60 6.89
CA ALA B 243 -5.29 10.49 7.25
C ALA B 243 -6.26 10.58 6.08
N ASN B 244 -5.78 10.55 4.84
CA ASN B 244 -6.63 10.53 3.61
C ASN B 244 -7.55 9.30 3.65
N ASP B 245 -7.06 8.15 4.11
CA ASP B 245 -7.85 6.89 4.17
C ASP B 245 -8.89 7.00 5.28
N ILE B 246 -8.50 7.53 6.44
CA ILE B 246 -9.42 7.72 7.59
C ILE B 246 -10.60 8.55 7.11
N TYR B 247 -10.35 9.66 6.42
CA TYR B 247 -11.40 10.64 6.03
C TYR B 247 -12.24 10.05 4.89
N ALA B 248 -11.67 9.22 4.02
CA ALA B 248 -12.43 8.54 2.95
C ALA B 248 -13.56 7.73 3.60
N GLU B 249 -13.29 7.01 4.71
CA GLU B 249 -14.36 6.30 5.46
C GLU B 249 -15.29 7.30 6.14
N PHE B 250 -14.74 8.24 6.88
CA PHE B 250 -15.57 9.22 7.63
C PHE B 250 -16.55 9.87 6.67
N TRP B 251 -16.08 10.27 5.48
CA TRP B 251 -16.91 11.05 4.54
C TRP B 251 -17.99 10.15 3.93
N ALA B 252 -17.68 8.90 3.62
CA ALA B 252 -18.68 7.90 3.15
C ALA B 252 -19.72 7.70 4.27
N GLU B 253 -19.29 7.67 5.52
CA GLU B 253 -20.23 7.54 6.67
C GLU B 253 -21.11 8.78 6.72
N GLY B 254 -20.50 9.97 6.67
CA GLY B 254 -21.24 11.25 6.57
C GLY B 254 -22.28 11.23 5.46
N ASP B 255 -21.92 10.77 4.27
CA ASP B 255 -22.87 10.68 3.13
C ASP B 255 -24.03 9.76 3.50
N GLU B 256 -23.77 8.69 4.25
CA GLU B 256 -24.81 7.72 4.64
C GLU B 256 -25.70 8.28 5.74
N MET B 257 -25.15 9.06 6.67
CA MET B 257 -25.93 9.85 7.65
C MET B 257 -26.90 10.79 6.91
N LYS B 258 -26.43 11.55 5.93
CA LYS B 258 -27.30 12.48 5.17
C LYS B 258 -28.39 11.67 4.48
N LYS B 259 -28.07 10.50 3.92
CA LYS B 259 -29.10 9.65 3.27
C LYS B 259 -30.19 9.22 4.27
N LEU B 260 -29.89 9.12 5.57
CA LEU B 260 -30.89 8.83 6.64
C LEU B 260 -31.61 10.10 7.09
N GLY B 261 -31.23 11.27 6.59
CA GLY B 261 -31.84 12.55 6.98
C GLY B 261 -31.26 13.05 8.29
N ILE B 262 -29.97 12.78 8.53
CA ILE B 262 -29.24 13.23 9.76
C ILE B 262 -28.02 14.03 9.32
N GLN B 263 -27.89 15.28 9.76
CA GLN B 263 -26.67 16.10 9.52
C GLN B 263 -25.52 15.38 10.19
N PRO B 264 -24.45 15.02 9.46
CA PRO B 264 -23.34 14.33 10.11
C PRO B 264 -22.54 15.35 10.94
N ILE B 265 -21.78 14.88 11.90
CA ILE B 265 -20.81 15.73 12.64
C ILE B 265 -19.74 16.16 11.63
N PRO B 266 -19.05 17.30 11.85
CA PRO B 266 -18.19 17.89 10.83
C PRO B 266 -17.09 16.94 10.31
N MET B 267 -16.52 16.20 11.24
CA MET B 267 -15.46 15.19 11.01
C MET B 267 -15.86 14.27 9.85
N MET B 268 -17.16 14.06 9.64
CA MET B 268 -17.71 13.09 8.68
C MET B 268 -18.36 13.78 7.48
N ASP B 269 -18.30 15.11 7.43
CA ASP B 269 -18.98 15.91 6.39
C ASP B 269 -17.93 16.33 5.36
N ARG B 270 -17.96 15.75 4.16
CA ARG B 270 -16.92 16.05 3.14
C ARG B 270 -17.01 17.55 2.80
N ASP B 271 -18.17 18.17 2.99
CA ASP B 271 -18.36 19.61 2.70
C ASP B 271 -17.51 20.44 3.67
N LYS B 272 -17.01 19.86 4.77
CA LYS B 272 -16.13 20.55 5.75
C LYS B 272 -14.68 20.06 5.67
N LYS B 273 -14.25 19.65 4.49
CA LYS B 273 -12.84 19.31 4.11
C LYS B 273 -11.84 20.38 4.55
N ASP B 274 -12.12 21.67 4.33
CA ASP B 274 -11.16 22.78 4.57
C ASP B 274 -10.68 22.72 6.04
N GLU B 275 -11.54 22.28 6.98
CA GLU B 275 -11.32 22.30 8.45
C GLU B 275 -10.53 21.08 8.95
N VAL B 276 -10.07 20.19 8.06
CA VAL B 276 -9.41 18.90 8.47
C VAL B 276 -8.19 19.21 9.34
N PRO B 277 -7.32 20.16 8.96
CA PRO B 277 -6.10 20.45 9.75
C PRO B 277 -6.43 20.91 11.17
N GLN B 278 -7.45 21.74 11.32
CA GLN B 278 -7.95 22.19 12.64
C GLN B 278 -8.43 20.96 13.41
N GLY B 279 -9.15 20.05 12.75
CA GLY B 279 -9.73 18.83 13.37
C GLY B 279 -8.66 17.84 13.80
N GLN B 280 -7.60 17.66 13.01
CA GLN B 280 -6.40 16.87 13.41
C GLN B 280 -5.80 17.51 14.68
N LEU B 281 -5.63 18.84 14.69
CA LEU B 281 -5.09 19.58 15.86
C LEU B 281 -5.93 19.23 17.09
N GLY B 282 -7.26 19.30 16.97
CA GLY B 282 -8.15 18.96 18.10
C GLY B 282 -7.87 17.54 18.54
N PHE B 283 -7.75 16.63 17.57
CA PHE B 283 -7.62 15.18 17.83
C PHE B 283 -6.34 14.88 18.62
N TYR B 284 -5.22 15.48 18.20
CA TYR B 284 -3.88 15.34 18.86
C TYR B 284 -3.93 15.91 20.29
N ASN B 285 -4.52 17.09 20.48
CA ASN B 285 -4.53 17.76 21.81
C ASN B 285 -5.43 16.97 22.77
N ALA B 286 -6.60 16.50 22.27
CA ALA B 286 -7.67 15.83 23.06
C ALA B 286 -7.45 14.33 23.22
N VAL B 287 -6.82 13.62 22.26
CA VAL B 287 -6.76 12.12 22.29
C VAL B 287 -5.30 11.62 22.18
N ALA B 288 -4.62 11.87 21.07
CA ALA B 288 -3.31 11.25 20.75
C ALA B 288 -2.27 11.62 21.81
N ILE B 289 -2.01 12.92 22.05
CA ILE B 289 -0.90 13.38 22.94
C ILE B 289 -1.14 12.84 24.35
N PRO B 290 -2.34 12.99 24.93
CA PRO B 290 -2.61 12.42 26.24
C PRO B 290 -2.40 10.90 26.30
N CYS B 291 -2.76 10.20 25.22
CA CYS B 291 -2.64 8.73 25.12
C CYS B 291 -1.17 8.32 25.30
N TYR B 292 -0.29 8.87 24.45
CA TYR B 292 1.16 8.53 24.37
C TYR B 292 1.95 9.17 25.54
N THR B 293 1.47 10.27 26.10
CA THR B 293 2.04 10.86 27.34
C THR B 293 1.80 9.83 28.45
N THR B 294 0.56 9.41 28.68
CA THR B 294 0.28 8.47 29.79
C THR B 294 1.02 7.17 29.51
N LEU B 295 1.09 6.72 28.25
CA LEU B 295 1.72 5.41 27.96
C LEU B 295 3.20 5.53 28.32
N THR B 296 3.84 6.64 27.97
CA THR B 296 5.30 6.89 28.18
C THR B 296 5.59 6.93 29.69
N GLN B 297 4.79 7.63 30.47
CA GLN B 297 4.87 7.59 31.95
C GLN B 297 4.90 6.14 32.43
N ILE B 298 3.99 5.29 31.96
CA ILE B 298 3.81 3.93 32.56
C ILE B 298 4.87 3.00 31.97
N LEU B 299 5.21 3.20 30.71
CA LEU B 299 6.14 2.32 29.94
C LEU B 299 7.13 3.24 29.24
N PRO B 300 8.11 3.78 29.97
CA PRO B 300 9.04 4.78 29.44
C PRO B 300 9.61 4.51 28.05
N PRO B 301 10.00 3.26 27.69
CA PRO B 301 10.56 2.98 26.36
C PRO B 301 9.59 3.13 25.17
N THR B 302 8.32 3.46 25.40
CA THR B 302 7.35 3.82 24.32
C THR B 302 7.52 5.30 23.92
N GLU B 303 8.42 6.01 24.60
CA GLU B 303 8.80 7.42 24.35
C GLU B 303 8.73 7.78 22.86
N PRO B 304 9.35 6.99 21.96
CA PRO B 304 9.42 7.35 20.54
C PRO B 304 8.04 7.55 19.88
N LEU B 305 7.00 6.89 20.39
CA LEU B 305 5.59 7.11 19.96
C LEU B 305 5.19 8.56 20.27
N LEU B 306 5.39 8.99 21.52
CA LEU B 306 5.00 10.35 21.97
C LEU B 306 5.80 11.37 21.16
N LYS B 307 7.09 11.10 20.94
CA LYS B 307 7.99 12.04 20.25
C LYS B 307 7.52 12.17 18.80
N ALA B 308 7.15 11.06 18.15
CA ALA B 308 6.64 11.06 16.76
C ALA B 308 5.30 11.80 16.73
N CYS B 309 4.47 11.58 17.73
CA CYS B 309 3.15 12.22 17.85
C CYS B 309 3.35 13.75 17.90
N ARG B 310 4.31 14.22 18.71
CA ARG B 310 4.57 15.68 18.91
CA ARG B 310 4.62 15.67 18.91
C ARG B 310 5.10 16.28 17.61
N ASP B 311 5.91 15.55 16.85
CA ASP B 311 6.36 16.02 15.51
C ASP B 311 5.16 16.21 14.60
N ASN B 312 4.26 15.22 14.56
CA ASN B 312 3.07 15.22 13.69
C ASN B 312 2.14 16.35 14.14
N LEU B 313 1.94 16.54 15.45
CA LEU B 313 1.16 17.72 15.95
C LEU B 313 1.75 19.00 15.34
N SER B 314 3.08 19.09 15.31
CA SER B 314 3.82 20.29 14.84
C SER B 314 3.68 20.43 13.32
N GLN B 315 3.67 19.32 12.57
CA GLN B 315 3.43 19.32 11.10
C GLN B 315 2.02 19.84 10.78
N TRP B 316 1.00 19.44 11.54
CA TRP B 316 -0.40 19.92 11.32
C TRP B 316 -0.48 21.43 11.62
N GLU B 317 0.24 21.90 12.65
CA GLU B 317 0.27 23.34 13.01
C GLU B 317 0.80 24.14 11.82
N LYS B 318 1.84 23.65 11.16
CA LYS B 318 2.40 24.26 9.92
C LYS B 318 1.31 24.34 8.85
N VAL B 319 0.57 23.26 8.63
CA VAL B 319 -0.51 23.20 7.59
C VAL B 319 -1.56 24.27 7.90
N ILE B 320 -1.98 24.41 9.16
CA ILE B 320 -3.04 25.39 9.55
C ILE B 320 -2.59 26.80 9.17
N ARG B 321 -1.35 27.15 9.47
CA ARG B 321 -0.79 28.50 9.20
C ARG B 321 -0.65 28.73 7.69
N GLY B 322 -0.44 27.66 6.91
CA GLY B 322 -0.26 27.73 5.44
C GLY B 322 1.21 27.73 5.05
N GLU B 323 2.07 27.13 5.88
CA GLU B 323 3.52 26.93 5.62
C GLU B 323 3.73 25.55 4.97
N GLU B 324 2.66 24.78 4.72
CA GLU B 324 2.72 23.46 4.03
C GLU B 324 1.35 23.09 3.44
N THR B 325 1.34 22.33 2.34
CA THR B 325 0.19 21.54 1.80
C THR B 325 0.12 20.18 2.49
N GLY C 12 -7.36 -26.85 -36.90
CA GLY C 12 -7.78 -25.48 -36.51
C GLY C 12 -9.01 -25.02 -37.28
N LEU C 13 -10.13 -25.76 -37.17
CA LEU C 13 -11.39 -25.47 -37.90
C LEU C 13 -12.12 -24.24 -37.30
N MET C 14 -11.94 -23.98 -36.00
CA MET C 14 -12.53 -22.80 -35.31
C MET C 14 -11.64 -21.59 -35.53
N GLN C 15 -12.08 -20.64 -36.35
CA GLN C 15 -11.41 -19.32 -36.51
C GLN C 15 -12.18 -18.30 -35.67
N PHE C 16 -11.55 -17.16 -35.42
CA PHE C 16 -12.18 -15.99 -34.79
C PHE C 16 -12.44 -14.95 -35.87
N THR C 17 -13.61 -14.32 -35.80
CA THR C 17 -13.95 -13.13 -36.59
C THR C 17 -14.32 -12.03 -35.61
N LEU C 18 -13.96 -10.82 -35.99
CA LEU C 18 -14.29 -9.59 -35.26
C LEU C 18 -15.46 -8.94 -35.99
N PRO C 19 -16.36 -8.25 -35.26
CA PRO C 19 -17.28 -7.32 -35.90
C PRO C 19 -16.57 -6.53 -36.99
N VAL C 20 -17.31 -6.06 -37.99
CA VAL C 20 -16.76 -5.35 -39.18
C VAL C 20 -15.85 -4.18 -38.78
N ARG C 21 -16.25 -3.28 -37.87
CA ARG C 21 -15.36 -2.13 -37.52
C ARG C 21 -14.03 -2.66 -36.95
N LEU C 22 -14.04 -3.68 -36.07
CA LEU C 22 -12.82 -4.18 -35.39
C LEU C 22 -11.93 -4.88 -36.42
N CYS C 23 -12.54 -5.67 -37.29
CA CYS C 23 -11.90 -6.44 -38.39
C CYS C 23 -11.02 -5.51 -39.24
N LYS C 24 -11.57 -4.35 -39.58
CA LYS C 24 -10.94 -3.30 -40.42
C LYS C 24 -9.95 -2.47 -39.60
N GLU C 25 -10.37 -1.99 -38.43
CA GLU C 25 -9.61 -1.05 -37.57
C GLU C 25 -8.39 -1.75 -36.95
N ILE C 26 -8.47 -3.05 -36.66
CA ILE C 26 -7.41 -3.80 -35.92
C ILE C 26 -6.09 -3.79 -36.71
N GLU C 27 -6.16 -3.63 -38.03
CA GLU C 27 -4.98 -3.67 -38.93
C GLU C 27 -4.19 -2.36 -38.80
N LEU C 28 -4.80 -1.33 -38.24
CA LEU C 28 -4.17 0.01 -38.08
C LEU C 28 -3.36 0.08 -36.78
N PHE C 29 -2.22 0.75 -36.84
CA PHE C 29 -1.27 0.91 -35.73
C PHE C 29 -1.97 1.59 -34.54
N HIS C 30 -2.92 2.50 -34.79
CA HIS C 30 -3.50 3.36 -33.73
C HIS C 30 -4.78 2.74 -33.15
N PHE C 31 -5.17 1.56 -33.59
CA PHE C 31 -6.33 0.83 -33.04
C PHE C 31 -6.24 0.84 -31.50
N ASP C 32 -7.39 1.07 -30.85
CA ASP C 32 -7.60 0.94 -29.40
C ASP C 32 -8.45 -0.31 -29.18
N ILE C 33 -8.14 -1.15 -28.20
CA ILE C 33 -8.84 -2.47 -28.06
C ILE C 33 -10.21 -2.30 -27.41
N GLY C 34 -10.58 -1.10 -26.96
CA GLY C 34 -11.92 -0.85 -26.42
C GLY C 34 -12.04 -1.28 -24.95
N PRO C 35 -13.14 -0.86 -24.28
CA PRO C 35 -13.34 -1.11 -22.84
C PRO C 35 -14.01 -2.43 -22.43
N PHE C 36 -14.33 -3.31 -23.37
CA PHE C 36 -14.99 -4.62 -23.12
C PHE C 36 -13.93 -5.69 -22.86
N GLU C 37 -13.60 -5.95 -21.59
CA GLU C 37 -12.57 -6.95 -21.17
C GLU C 37 -12.80 -8.31 -21.85
N ASN C 38 -14.05 -8.74 -21.96
CA ASN C 38 -14.39 -10.12 -22.38
C ASN C 38 -14.10 -10.30 -23.87
N MET C 39 -13.81 -9.22 -24.58
CA MET C 39 -13.46 -9.30 -26.02
C MET C 39 -11.94 -9.43 -26.24
N TRP C 40 -11.11 -9.06 -25.26
CA TRP C 40 -9.65 -8.96 -25.49
C TRP C 40 -9.07 -10.33 -25.80
N PRO C 41 -9.46 -11.41 -25.07
CA PRO C 41 -8.93 -12.74 -25.36
C PRO C 41 -9.15 -13.10 -26.83
N GLY C 42 -10.38 -12.97 -27.32
CA GLY C 42 -10.73 -13.26 -28.73
C GLY C 42 -9.97 -12.39 -29.70
N ILE C 43 -9.79 -11.11 -29.38
CA ILE C 43 -8.96 -10.17 -30.18
C ILE C 43 -7.52 -10.70 -30.23
N PHE C 44 -6.97 -11.14 -29.09
CA PHE C 44 -5.62 -11.74 -29.04
C PHE C 44 -5.53 -12.98 -29.94
N VAL C 45 -6.52 -13.87 -29.86
CA VAL C 45 -6.52 -15.15 -30.61
C VAL C 45 -6.63 -14.83 -32.11
N TYR C 46 -7.49 -13.87 -32.47
CA TYR C 46 -7.64 -13.38 -33.87
C TYR C 46 -6.27 -12.95 -34.41
N MET C 47 -5.48 -12.27 -33.60
CA MET C 47 -4.18 -11.72 -34.03
C MET C 47 -3.18 -12.88 -34.14
N VAL C 48 -3.25 -13.87 -33.26
CA VAL C 48 -2.40 -15.08 -33.34
C VAL C 48 -2.75 -15.86 -34.61
N HIS C 49 -4.03 -16.12 -34.90
CA HIS C 49 -4.47 -16.85 -36.11
C HIS C 49 -4.03 -16.12 -37.39
N ARG C 50 -4.15 -14.80 -37.43
CA ARG C 50 -3.83 -14.04 -38.66
C ARG C 50 -2.31 -13.94 -38.86
N SER C 51 -1.53 -13.71 -37.80
CA SER C 51 -0.09 -13.38 -37.90
C SER C 51 0.75 -14.66 -37.84
N CYS C 52 0.27 -15.68 -37.14
CA CYS C 52 1.01 -16.95 -36.94
C CYS C 52 0.45 -18.02 -37.90
N GLY C 53 -0.88 -18.15 -37.97
CA GLY C 53 -1.61 -19.23 -38.67
C GLY C 53 -2.49 -19.98 -37.70
N THR C 54 -3.58 -20.60 -38.19
CA THR C 54 -4.65 -21.28 -37.39
C THR C 54 -4.14 -22.58 -36.74
N SER C 55 -2.93 -23.01 -37.07
CA SER C 55 -2.35 -24.30 -36.64
C SER C 55 -1.15 -24.09 -35.71
N CYS C 56 -0.77 -22.84 -35.41
CA CYS C 56 0.43 -22.52 -34.59
C CYS C 56 0.29 -23.09 -33.18
N PHE C 57 -0.94 -23.12 -32.65
CA PHE C 57 -1.25 -23.48 -31.25
C PHE C 57 -2.52 -24.32 -31.23
N GLU C 58 -2.62 -25.27 -30.31
CA GLU C 58 -3.90 -25.99 -30.07
C GLU C 58 -4.82 -24.98 -29.37
N LEU C 59 -6.01 -24.71 -29.91
CA LEU C 59 -6.93 -23.66 -29.40
C LEU C 59 -7.25 -23.86 -27.91
N GLU C 60 -7.46 -25.10 -27.47
CA GLU C 60 -7.80 -25.44 -26.05
C GLU C 60 -6.66 -24.97 -25.14
N LYS C 61 -5.42 -25.34 -25.46
CA LYS C 61 -4.21 -24.99 -24.68
C LYS C 61 -3.98 -23.48 -24.68
N LEU C 62 -4.22 -22.81 -25.80
CA LEU C 62 -4.04 -21.34 -25.94
C LEU C 62 -5.03 -20.62 -24.99
N CME C 63 -6.30 -21.00 -25.07
CA CME C 63 -7.38 -20.38 -24.27
CB CME C 63 -8.77 -20.85 -24.72
SG CME C 63 -9.42 -19.91 -26.13
SD CME C 63 -9.55 -18.00 -25.37
CE CME C 63 -11.06 -17.27 -26.07
CZ CME C 63 -11.91 -16.77 -24.94
OH CME C 63 -13.15 -16.30 -25.42
C CME C 63 -7.07 -20.55 -22.78
O CME C 63 -7.25 -19.56 -22.03
N ARG C 64 -6.56 -21.69 -22.31
CA ARG C 64 -6.31 -21.78 -20.85
C ARG C 64 -4.98 -21.08 -20.52
N PHE C 65 -4.02 -21.02 -21.45
CA PHE C 65 -2.82 -20.15 -21.30
C PHE C 65 -3.28 -18.69 -21.15
N ILE C 66 -4.09 -18.21 -22.08
CA ILE C 66 -4.54 -16.78 -22.08
C ILE C 66 -5.22 -16.49 -20.74
N MET C 67 -6.06 -17.39 -20.24
CA MET C 67 -6.88 -17.07 -19.03
C MET C 67 -6.02 -17.19 -17.77
N SER C 68 -4.98 -18.01 -17.78
CA SER C 68 -3.98 -18.10 -16.66
C SER C 68 -3.12 -16.83 -16.64
N VAL C 69 -2.72 -16.37 -17.82
CA VAL C 69 -1.95 -15.10 -17.93
C VAL C 69 -2.80 -13.94 -17.39
N LYS C 70 -4.04 -13.76 -17.85
CA LYS C 70 -5.00 -12.71 -17.37
C LYS C 70 -5.12 -12.74 -15.84
N LYS C 71 -5.30 -13.94 -15.29
CA LYS C 71 -5.46 -14.20 -13.84
C LYS C 71 -4.27 -13.62 -13.08
N ASN C 72 -3.08 -13.55 -13.70
CA ASN C 72 -1.85 -13.15 -12.99
C ASN C 72 -1.44 -11.74 -13.37
N TYR C 73 -2.26 -10.98 -14.12
CA TYR C 73 -2.19 -9.50 -14.16
C TYR C 73 -3.02 -8.97 -12.98
N ARG C 74 -2.60 -7.86 -12.38
CA ARG C 74 -3.23 -7.27 -11.19
C ARG C 74 -4.10 -6.07 -11.59
N ARG C 75 -5.00 -5.68 -10.71
CA ARG C 75 -5.93 -4.55 -10.93
C ARG C 75 -5.18 -3.27 -10.56
N VAL C 76 -4.23 -2.89 -11.38
CA VAL C 76 -3.42 -1.65 -11.22
C VAL C 76 -3.86 -0.70 -12.32
N PRO C 77 -3.59 0.60 -12.19
CA PRO C 77 -4.10 1.58 -13.16
C PRO C 77 -3.63 1.38 -14.60
N TYR C 78 -2.35 1.07 -14.79
CA TYR C 78 -1.70 1.05 -16.12
C TYR C 78 -1.21 -0.36 -16.46
N HIS C 79 -0.37 -0.97 -15.62
CA HIS C 79 0.33 -2.25 -15.90
C HIS C 79 -0.59 -3.45 -15.71
N ASN C 80 -1.68 -3.48 -16.46
CA ASN C 80 -2.83 -4.39 -16.26
C ASN C 80 -3.04 -5.23 -17.52
N TRP C 81 -4.02 -6.11 -17.49
CA TRP C 81 -4.43 -6.98 -18.62
C TRP C 81 -4.61 -6.17 -19.90
N LYS C 82 -5.22 -4.99 -19.80
CA LYS C 82 -5.50 -4.14 -20.99
C LYS C 82 -4.19 -3.71 -21.65
N HIS C 83 -3.17 -3.40 -20.85
CA HIS C 83 -1.83 -2.98 -21.32
C HIS C 83 -1.20 -4.14 -22.09
N ALA C 84 -1.29 -5.34 -21.54
CA ALA C 84 -0.72 -6.58 -22.13
C ALA C 84 -1.29 -6.77 -23.53
N VAL C 85 -2.60 -6.70 -23.67
CA VAL C 85 -3.26 -6.97 -24.98
C VAL C 85 -2.98 -5.80 -25.94
N THR C 86 -2.90 -4.58 -25.43
CA THR C 86 -2.59 -3.36 -26.23
C THR C 86 -1.17 -3.50 -26.80
N VAL C 87 -0.24 -4.03 -26.01
CA VAL C 87 1.15 -4.20 -26.47
C VAL C 87 1.22 -5.36 -27.47
N ALA C 88 0.49 -6.44 -27.22
CA ALA C 88 0.40 -7.54 -28.19
C ALA C 88 -0.10 -6.98 -29.52
N HIS C 89 -1.11 -6.11 -29.50
CA HIS C 89 -1.75 -5.59 -30.73
C HIS C 89 -0.73 -4.80 -31.56
N CYS C 90 0.09 -3.98 -30.92
CA CYS C 90 1.10 -3.16 -31.62
C CYS C 90 2.09 -4.11 -32.30
N MET C 91 2.55 -5.14 -31.61
CA MET C 91 3.42 -6.19 -32.18
C MET C 91 2.72 -6.81 -33.38
N TYR C 92 1.43 -7.11 -33.27
CA TYR C 92 0.61 -7.68 -34.38
C TYR C 92 0.75 -6.76 -35.60
N ALA C 93 0.52 -5.46 -35.41
CA ALA C 93 0.57 -4.48 -36.50
C ALA C 93 2.00 -4.45 -37.09
N ILE C 94 3.05 -4.51 -36.27
CA ILE C 94 4.44 -4.48 -36.80
C ILE C 94 4.68 -5.74 -37.64
N LEU C 95 4.25 -6.89 -37.15
CA LEU C 95 4.51 -8.19 -37.81
C LEU C 95 3.74 -8.26 -39.14
N GLN C 96 2.46 -7.92 -39.16
CA GLN C 96 1.62 -7.98 -40.39
C GLN C 96 2.15 -7.04 -41.47
N ASN C 97 2.85 -5.95 -41.12
CA ASN C 97 3.34 -4.96 -42.12
C ASN C 97 4.81 -5.26 -42.46
N ASN C 98 5.38 -6.32 -41.91
CA ASN C 98 6.80 -6.69 -42.12
C ASN C 98 6.90 -8.20 -42.25
N HIS C 99 5.91 -8.85 -42.86
CA HIS C 99 5.65 -10.30 -42.68
C HIS C 99 6.81 -11.15 -43.27
N THR C 100 7.54 -10.66 -44.27
CA THR C 100 8.61 -11.46 -44.93
C THR C 100 9.84 -11.51 -44.04
N LEU C 101 9.95 -10.64 -43.03
CA LEU C 101 11.20 -10.42 -42.29
C LEU C 101 11.34 -11.37 -41.10
N PHE C 102 10.29 -12.09 -40.66
CA PHE C 102 10.34 -12.85 -39.38
C PHE C 102 9.95 -14.32 -39.58
N THR C 103 10.61 -15.16 -38.81
CA THR C 103 10.47 -16.63 -38.85
C THR C 103 9.14 -17.00 -38.23
N ASP C 104 8.78 -18.27 -38.40
CA ASP C 104 7.68 -19.00 -37.74
C ASP C 104 7.77 -18.83 -36.21
N LEU C 105 8.90 -19.22 -35.64
CA LEU C 105 9.12 -19.22 -34.17
C LEU C 105 8.95 -17.79 -33.66
N GLU C 106 9.58 -16.81 -34.32
CA GLU C 106 9.54 -15.38 -33.93
C GLU C 106 8.08 -14.90 -33.89
N ARG C 107 7.26 -15.24 -34.88
CA ARG C 107 5.83 -14.82 -34.92
C ARG C 107 5.09 -15.38 -33.69
N LYS C 108 5.16 -16.71 -33.48
CA LYS C 108 4.64 -17.42 -32.28
C LYS C 108 5.08 -16.67 -31.01
N GLY C 109 6.38 -16.48 -30.86
CA GLY C 109 7.02 -16.04 -29.61
C GLY C 109 6.69 -14.60 -29.24
N LEU C 110 6.67 -13.68 -30.20
CA LEU C 110 6.68 -12.23 -29.89
C LEU C 110 5.30 -11.81 -29.38
N LEU C 111 4.23 -12.43 -29.88
CA LEU C 111 2.85 -12.13 -29.43
C LEU C 111 2.68 -12.64 -28.01
N ILE C 112 3.11 -13.87 -27.74
CA ILE C 112 3.08 -14.48 -26.39
C ILE C 112 3.94 -13.62 -25.44
N ALA C 113 5.12 -13.20 -25.88
CA ALA C 113 6.02 -12.36 -25.07
C ALA C 113 5.33 -11.04 -24.72
N CYS C 114 4.70 -10.39 -25.68
CA CYS C 114 3.98 -9.10 -25.49
C CYS C 114 2.84 -9.32 -24.50
N LEU C 115 2.07 -10.40 -24.67
CA LEU C 115 0.97 -10.75 -23.74
C LEU C 115 1.53 -10.97 -22.32
N CYS C 116 2.74 -11.50 -22.17
CA CYS C 116 3.26 -11.94 -20.83
C CYS C 116 4.23 -10.91 -20.21
N HIS C 117 4.52 -9.81 -20.88
CA HIS C 117 5.77 -9.02 -20.63
C HIS C 117 5.66 -8.22 -19.33
N ASP C 118 4.46 -8.06 -18.76
CA ASP C 118 4.26 -7.37 -17.45
C ASP C 118 3.51 -8.27 -16.46
N LEU C 119 3.64 -9.58 -16.60
CA LEU C 119 2.95 -10.57 -15.73
C LEU C 119 3.28 -10.20 -14.28
N ASP C 120 2.23 -10.01 -13.49
CA ASP C 120 2.28 -9.90 -12.03
C ASP C 120 2.93 -8.57 -11.64
N HIS C 121 2.85 -7.55 -12.48
CA HIS C 121 3.30 -6.17 -12.15
C HIS C 121 2.50 -5.65 -10.97
N ARG C 122 3.14 -4.90 -10.07
CA ARG C 122 2.42 -4.38 -8.88
CA ARG C 122 2.55 -4.37 -8.82
C ARG C 122 2.25 -2.88 -8.98
N GLY C 123 2.62 -2.28 -10.11
CA GLY C 123 2.53 -0.83 -10.33
C GLY C 123 3.77 -0.10 -9.87
N PHE C 124 4.83 -0.80 -9.44
CA PHE C 124 6.09 -0.17 -8.98
C PHE C 124 7.26 -0.50 -9.90
N SER C 125 8.18 0.44 -9.98
CA SER C 125 9.38 0.39 -10.85
C SER C 125 10.47 -0.44 -10.17
N ASN C 126 11.49 -0.80 -10.95
CA ASN C 126 12.68 -1.54 -10.46
C ASN C 126 13.31 -0.72 -9.32
N SER C 127 13.35 0.61 -9.42
CA SER C 127 13.91 1.50 -8.37
C SER C 127 13.21 1.22 -7.03
N TYR C 128 11.88 1.29 -7.01
CA TYR C 128 11.15 1.23 -5.73
C TYR C 128 11.38 -0.15 -5.13
N LEU C 129 11.39 -1.21 -5.93
CA LEU C 129 11.66 -2.57 -5.40
C LEU C 129 13.07 -2.56 -4.80
N GLN C 130 14.00 -1.87 -5.43
CA GLN C 130 15.41 -1.84 -4.97
C GLN C 130 15.44 -1.11 -3.62
N LYS C 131 14.93 0.12 -3.59
CA LYS C 131 14.93 0.98 -2.38
C LYS C 131 14.08 0.37 -1.25
N PHE C 132 12.97 -0.29 -1.57
CA PHE C 132 12.12 -0.98 -0.57
C PHE C 132 12.85 -2.21 -0.02
N ASP C 133 13.83 -2.71 -0.76
CA ASP C 133 14.52 -3.99 -0.51
C ASP C 133 13.50 -5.15 -0.59
N HIS C 134 12.82 -5.23 -1.73
CA HIS C 134 11.85 -6.32 -2.04
C HIS C 134 12.63 -7.61 -2.27
N PRO C 135 12.10 -8.78 -1.86
CA PRO C 135 12.75 -10.06 -2.14
C PRO C 135 13.19 -10.24 -3.61
N LEU C 136 12.35 -9.82 -4.55
CA LEU C 136 12.61 -9.92 -6.01
C LEU C 136 13.91 -9.18 -6.35
N ALA C 137 14.26 -8.11 -5.64
CA ALA C 137 15.48 -7.31 -5.89
C ALA C 137 16.75 -8.07 -5.47
N ALA C 138 16.65 -9.00 -4.50
CA ALA C 138 17.76 -9.89 -4.07
C ALA C 138 17.93 -10.99 -5.12
N LEU C 139 16.81 -11.57 -5.55
CA LEU C 139 16.72 -12.66 -6.57
C LEU C 139 17.22 -12.19 -7.95
N TYR C 140 16.90 -10.96 -8.36
CA TYR C 140 17.15 -10.40 -9.71
C TYR C 140 17.69 -8.98 -9.55
N SER C 141 19.01 -8.82 -9.55
CA SER C 141 19.69 -7.55 -9.19
C SER C 141 19.44 -6.48 -10.26
N THR C 142 19.36 -6.84 -11.55
CA THR C 142 19.01 -5.89 -12.65
C THR C 142 17.77 -6.38 -13.39
N SER C 143 17.08 -5.48 -14.08
CA SER C 143 15.83 -5.79 -14.81
C SER C 143 14.92 -6.65 -13.91
N THR C 144 14.78 -6.26 -12.64
CA THR C 144 14.19 -7.07 -11.55
C THR C 144 12.82 -7.58 -11.97
N MET C 145 11.93 -6.66 -12.32
CA MET C 145 10.53 -6.98 -12.65
C MET C 145 10.51 -7.81 -13.93
N GLU C 146 11.37 -7.48 -14.89
CA GLU C 146 11.36 -8.09 -16.24
C GLU C 146 11.80 -9.55 -16.07
N GLN C 147 12.77 -9.80 -15.20
CA GLN C 147 13.19 -11.19 -14.88
C GLN C 147 12.01 -11.91 -14.22
N HIS C 148 11.24 -11.22 -13.37
CA HIS C 148 10.04 -11.82 -12.72
C HIS C 148 8.99 -12.18 -13.80
N HIS C 149 8.77 -11.30 -14.76
CA HIS C 149 7.68 -11.45 -15.77
C HIS C 149 7.98 -12.73 -16.55
N PHE C 150 9.23 -12.86 -16.99
CA PHE C 150 9.66 -14.05 -17.76
C PHE C 150 9.52 -15.31 -16.91
N SER C 151 9.99 -15.26 -15.66
CA SER C 151 9.84 -16.37 -14.68
C SER C 151 8.36 -16.76 -14.51
N GLN C 152 7.46 -15.79 -14.39
CA GLN C 152 5.99 -16.04 -14.27
C GLN C 152 5.47 -16.66 -15.57
N THR C 153 6.00 -16.22 -16.72
CA THR C 153 5.65 -16.79 -18.05
C THR C 153 5.97 -18.28 -18.03
N VAL C 154 7.20 -18.66 -17.64
CA VAL C 154 7.64 -20.10 -17.62
C VAL C 154 6.77 -20.91 -16.65
N SER C 155 6.41 -20.36 -15.49
CA SER C 155 5.49 -21.04 -14.52
C SER C 155 4.16 -21.40 -15.19
N ILE C 156 3.56 -20.46 -15.90
CA ILE C 156 2.23 -20.67 -16.55
C ILE C 156 2.39 -21.76 -17.62
N LEU C 157 3.47 -21.76 -18.39
CA LEU C 157 3.68 -22.77 -19.47
C LEU C 157 3.79 -24.19 -18.90
N GLN C 158 4.26 -24.32 -17.66
CA GLN C 158 4.53 -25.62 -16.99
C GLN C 158 3.31 -26.12 -16.21
N LEU C 159 2.22 -25.35 -16.16
CA LEU C 159 0.92 -25.79 -15.59
C LEU C 159 0.36 -26.91 -16.49
N GLU C 160 -0.33 -27.90 -15.89
CA GLU C 160 -0.94 -29.02 -16.65
C GLU C 160 -1.84 -28.37 -17.71
N GLY C 161 -1.70 -28.77 -18.97
CA GLY C 161 -2.57 -28.37 -20.09
C GLY C 161 -2.27 -26.97 -20.62
N HIS C 162 -1.24 -26.28 -20.12
CA HIS C 162 -0.91 -24.88 -20.50
C HIS C 162 0.24 -24.82 -21.52
N ASN C 163 0.91 -25.92 -21.78
CA ASN C 163 2.13 -25.89 -22.63
C ASN C 163 1.73 -25.72 -24.10
N ILE C 164 1.49 -24.47 -24.51
CA ILE C 164 1.05 -24.12 -25.90
C ILE C 164 2.16 -24.44 -26.90
N PHE C 165 3.39 -24.72 -26.46
CA PHE C 165 4.52 -25.02 -27.39
C PHE C 165 4.84 -26.51 -27.38
N SER C 166 3.93 -27.38 -26.95
CA SER C 166 4.21 -28.84 -26.75
C SER C 166 4.57 -29.50 -28.09
N THR C 167 4.01 -29.06 -29.22
CA THR C 167 4.22 -29.60 -30.59
C THR C 167 5.63 -29.30 -31.14
N LEU C 168 6.38 -28.36 -30.54
CA LEU C 168 7.70 -27.95 -31.07
C LEU C 168 8.69 -29.06 -30.74
N SER C 169 9.70 -29.26 -31.57
CA SER C 169 10.94 -30.02 -31.23
C SER C 169 11.60 -29.35 -30.03
N SER C 170 12.49 -30.04 -29.34
CA SER C 170 13.20 -29.53 -28.13
C SER C 170 13.99 -28.28 -28.51
N SER C 171 14.50 -28.22 -29.74
CA SER C 171 15.42 -27.17 -30.24
C SER C 171 14.62 -25.91 -30.51
N GLU C 172 13.51 -26.07 -31.21
CA GLU C 172 12.53 -25.00 -31.45
C GLU C 172 12.01 -24.49 -30.10
N TYR C 173 11.68 -25.39 -29.18
CA TYR C 173 11.13 -25.04 -27.84
C TYR C 173 12.13 -24.14 -27.14
N GLU C 174 13.38 -24.58 -27.09
CA GLU C 174 14.53 -23.83 -26.50
C GLU C 174 14.66 -22.44 -27.13
N GLN C 175 14.53 -22.36 -28.45
CA GLN C 175 14.71 -21.10 -29.21
C GLN C 175 13.56 -20.15 -28.87
N VAL C 176 12.33 -20.63 -28.87
CA VAL C 176 11.12 -19.77 -28.67
C VAL C 176 11.20 -19.20 -27.26
N LEU C 177 11.59 -20.00 -26.27
CA LEU C 177 11.74 -19.54 -24.85
C LEU C 177 12.84 -18.48 -24.79
N GLU C 178 13.91 -18.66 -25.55
CA GLU C 178 15.01 -17.67 -25.62
C GLU C 178 14.51 -16.38 -26.31
N ILE C 179 13.76 -16.49 -27.41
CA ILE C 179 13.14 -15.31 -28.08
C ILE C 179 12.27 -14.56 -27.07
N ILE C 180 11.51 -15.28 -26.24
CA ILE C 180 10.55 -14.70 -25.26
C ILE C 180 11.33 -14.02 -24.14
N ARG C 181 12.33 -14.70 -23.59
CA ARG C 181 13.14 -14.12 -22.49
C ARG C 181 13.77 -12.79 -22.95
N LYS C 182 14.51 -12.80 -24.04
CA LYS C 182 15.23 -11.59 -24.51
C LYS C 182 14.21 -10.48 -24.76
N ALA C 183 13.06 -10.80 -25.36
CA ALA C 183 12.00 -9.85 -25.71
C ALA C 183 11.46 -9.18 -24.44
N ILE C 184 11.19 -9.95 -23.38
CA ILE C 184 10.64 -9.43 -22.10
C ILE C 184 11.72 -8.65 -21.37
N ILE C 185 12.94 -9.14 -21.30
CA ILE C 185 14.08 -8.38 -20.68
C ILE C 185 14.20 -7.04 -21.42
N ALA C 186 14.05 -7.02 -22.75
CA ALA C 186 14.19 -5.79 -23.58
C ALA C 186 13.23 -4.68 -23.12
N THR C 187 12.07 -5.02 -22.52
CA THR C 187 11.07 -4.03 -22.08
C THR C 187 11.57 -3.27 -20.85
N ASP C 188 12.74 -3.61 -20.31
CA ASP C 188 13.36 -2.76 -19.26
C ASP C 188 13.88 -1.50 -19.95
N LEU C 189 13.17 -0.40 -19.74
CA LEU C 189 13.47 0.89 -20.38
C LEU C 189 14.91 1.31 -20.10
N ALA C 190 15.52 0.89 -18.98
CA ALA C 190 16.94 1.21 -18.67
C ALA C 190 17.86 0.63 -19.76
N LEU C 191 17.48 -0.48 -20.38
CA LEU C 191 18.34 -1.18 -21.37
C LEU C 191 18.11 -0.60 -22.77
N TYR C 192 17.01 0.12 -22.96
CA TYR C 192 16.56 0.62 -24.28
C TYR C 192 17.60 1.61 -24.82
N PHE C 193 18.09 2.52 -23.99
CA PHE C 193 18.99 3.64 -24.41
C PHE C 193 20.23 3.08 -25.12
N GLY C 194 20.92 2.15 -24.45
CA GLY C 194 22.05 1.37 -24.99
C GLY C 194 21.68 0.62 -26.26
N ASN C 195 20.54 -0.09 -26.24
CA ASN C 195 20.13 -0.94 -27.37
C ASN C 195 19.93 -0.07 -28.62
N ARG C 196 19.20 1.04 -28.46
CA ARG C 196 18.85 1.96 -29.56
C ARG C 196 20.13 2.59 -30.13
N LYS C 197 21.02 3.06 -29.25
CA LYS C 197 22.30 3.67 -29.64
C LYS C 197 23.09 2.65 -30.46
N GLN C 198 23.20 1.41 -29.98
CA GLN C 198 23.93 0.35 -30.70
C GLN C 198 23.25 0.10 -32.04
N LEU C 199 21.92 0.02 -32.08
CA LEU C 199 21.20 -0.32 -33.32
C LEU C 199 21.37 0.80 -34.34
N GLU C 200 21.31 2.04 -33.83
CA GLU C 200 21.44 3.29 -34.62
C GLU C 200 22.82 3.29 -35.29
N GLU C 201 23.88 2.93 -34.59
CA GLU C 201 25.24 2.87 -35.19
C GLU C 201 25.27 1.75 -36.26
N MET C 202 24.62 0.61 -36.03
CA MET C 202 24.70 -0.52 -36.98
C MET C 202 23.98 -0.12 -38.26
N TYR C 203 22.82 0.53 -38.14
CA TYR C 203 22.00 0.95 -39.31
C TYR C 203 22.77 1.99 -40.14
N GLN C 204 23.31 3.02 -39.49
CA GLN C 204 23.95 4.18 -40.15
C GLN C 204 25.28 3.77 -40.81
N THR C 205 26.04 2.82 -40.23
CA THR C 205 27.32 2.31 -40.79
C THR C 205 27.03 1.23 -41.83
N GLY C 206 25.79 0.79 -41.97
CA GLY C 206 25.40 -0.25 -42.93
C GLY C 206 25.83 -1.65 -42.48
N SER C 207 26.35 -1.82 -41.26
CA SER C 207 26.78 -3.14 -40.71
C SER C 207 25.59 -3.98 -40.21
N LEU C 208 24.38 -3.43 -40.20
CA LEU C 208 23.18 -4.13 -39.64
C LEU C 208 22.82 -5.32 -40.55
N ASN C 209 22.65 -6.50 -39.98
CA ASN C 209 22.50 -7.77 -40.74
C ASN C 209 21.46 -8.63 -40.04
N LEU C 210 20.25 -8.72 -40.58
CA LEU C 210 19.17 -9.57 -39.99
C LEU C 210 19.52 -11.06 -40.06
N ASN C 211 20.62 -11.47 -40.70
CA ASN C 211 21.07 -12.88 -40.65
C ASN C 211 22.01 -13.07 -39.45
N ASN C 212 22.42 -12.00 -38.76
CA ASN C 212 23.21 -12.07 -37.51
C ASN C 212 22.23 -12.08 -36.33
N GLN C 213 22.22 -13.16 -35.51
CA GLN C 213 21.22 -13.41 -34.43
C GLN C 213 21.28 -12.27 -33.41
N SER C 214 22.47 -11.79 -33.06
CA SER C 214 22.64 -10.72 -32.04
C SER C 214 22.07 -9.40 -32.58
N HIS C 215 22.16 -9.18 -33.90
CA HIS C 215 21.52 -8.02 -34.57
C HIS C 215 20.01 -8.18 -34.52
N ARG C 216 19.51 -9.36 -34.82
CA ARG C 216 18.04 -9.65 -34.83
C ARG C 216 17.48 -9.43 -33.42
N ASP C 217 18.19 -9.91 -32.39
CA ASP C 217 17.81 -9.72 -30.97
C ASP C 217 17.65 -8.24 -30.66
N ARG C 218 18.57 -7.42 -31.16
CA ARG C 218 18.56 -5.96 -30.93
C ARG C 218 17.34 -5.35 -31.61
N VAL C 219 17.06 -5.74 -32.86
CA VAL C 219 15.86 -5.24 -33.58
C VAL C 219 14.60 -5.66 -32.80
N ILE C 220 14.52 -6.90 -32.33
CA ILE C 220 13.31 -7.37 -31.61
C ILE C 220 13.21 -6.57 -30.31
N GLY C 221 14.34 -6.27 -29.69
CA GLY C 221 14.40 -5.44 -28.47
C GLY C 221 13.74 -4.10 -28.67
N LEU C 222 14.10 -3.41 -29.74
CA LEU C 222 13.55 -2.09 -30.12
C LEU C 222 12.06 -2.23 -30.42
N MET C 223 11.67 -3.26 -31.15
CA MET C 223 10.25 -3.58 -31.45
C MET C 223 9.48 -3.67 -30.13
N MET C 224 10.06 -4.31 -29.11
CA MET C 224 9.39 -4.50 -27.80
C MET C 224 9.23 -3.14 -27.12
N THR C 225 10.25 -2.28 -27.18
CA THR C 225 10.16 -0.94 -26.59
C THR C 225 9.04 -0.19 -27.32
N ALA C 226 9.04 -0.25 -28.65
CA ALA C 226 8.08 0.48 -29.50
C ALA C 226 6.67 0.04 -29.11
N CYS C 227 6.45 -1.26 -28.96
CA CYS C 227 5.14 -1.84 -28.53
C CYS C 227 4.78 -1.42 -27.10
N ASP C 228 5.77 -1.44 -26.20
CA ASP C 228 5.55 -1.07 -24.79
C ASP C 228 5.08 0.38 -24.68
N LEU C 229 5.63 1.28 -25.51
CA LEU C 229 5.42 2.75 -25.37
C LEU C 229 4.25 3.18 -26.22
N CYS C 230 3.49 2.25 -26.79
CA CYS C 230 2.60 2.54 -27.95
C CYS C 230 1.44 3.47 -27.57
N SER C 231 1.27 3.85 -26.31
CA SER C 231 0.19 4.81 -25.91
C SER C 231 0.43 6.16 -26.59
N VAL C 232 1.69 6.50 -26.88
CA VAL C 232 2.10 7.77 -27.56
C VAL C 232 1.85 7.67 -29.07
N THR C 233 1.44 6.51 -29.60
CA THR C 233 1.17 6.34 -31.05
C THR C 233 -0.34 6.25 -31.30
N LYS C 234 -1.15 6.43 -30.27
CA LYS C 234 -2.63 6.43 -30.41
C LYS C 234 -3.09 7.82 -30.84
N LEU C 235 -4.35 7.91 -31.25
CA LEU C 235 -5.07 9.20 -31.39
C LEU C 235 -5.08 9.91 -30.03
N TRP C 236 -5.06 11.24 -30.07
CA TRP C 236 -4.79 12.10 -28.90
C TRP C 236 -5.75 11.80 -27.75
N PRO C 237 -7.07 11.60 -27.97
CA PRO C 237 -7.97 11.30 -26.87
C PRO C 237 -7.52 10.04 -26.11
N VAL C 238 -7.04 9.02 -26.82
CA VAL C 238 -6.52 7.76 -26.19
C VAL C 238 -5.23 8.09 -25.44
N THR C 239 -4.31 8.83 -26.06
CA THR C 239 -2.98 9.11 -25.50
C THR C 239 -3.14 9.84 -24.16
N LYS C 240 -3.99 10.86 -24.16
CA LYS C 240 -4.30 11.75 -23.00
C LYS C 240 -4.86 10.91 -21.85
N LEU C 241 -5.82 10.04 -22.12
CA LEU C 241 -6.49 9.23 -21.05
C LEU C 241 -5.51 8.17 -20.53
N THR C 242 -4.72 7.52 -21.40
CA THR C 242 -3.73 6.52 -20.95
C THR C 242 -2.75 7.19 -19.99
N ALA C 243 -2.37 8.45 -20.22
CA ALA C 243 -1.36 9.20 -19.42
C ALA C 243 -1.87 9.41 -17.99
N ASN C 244 -3.17 9.58 -17.79
CA ASN C 244 -3.82 9.62 -16.45
C ASN C 244 -3.54 8.33 -15.68
N ASP C 245 -3.66 7.18 -16.34
CA ASP C 245 -3.42 5.84 -15.72
C ASP C 245 -1.92 5.68 -15.45
N ILE C 246 -1.03 6.19 -16.33
CA ILE C 246 0.45 6.10 -16.11
C ILE C 246 0.80 6.89 -14.85
N TYR C 247 0.32 8.13 -14.79
CA TYR C 247 0.64 9.04 -13.66
C TYR C 247 -0.06 8.52 -12.40
N ALA C 248 -1.26 7.94 -12.47
CA ALA C 248 -1.87 7.33 -11.27
C ALA C 248 -0.87 6.35 -10.63
N GLU C 249 -0.16 5.55 -11.43
CA GLU C 249 0.83 4.58 -10.89
C GLU C 249 2.05 5.31 -10.37
N PHE C 250 2.62 6.19 -11.20
CA PHE C 250 3.78 7.03 -10.81
C PHE C 250 3.53 7.71 -9.47
N TRP C 251 2.37 8.37 -9.31
CA TRP C 251 2.11 9.19 -8.09
C TRP C 251 1.95 8.27 -6.87
N ALA C 252 1.31 7.10 -7.01
CA ALA C 252 1.24 6.09 -5.92
C ALA C 252 2.65 5.63 -5.57
N GLU C 253 3.53 5.49 -6.56
CA GLU C 253 4.94 5.05 -6.31
C GLU C 253 5.63 6.15 -5.50
N GLY C 254 5.51 7.40 -5.95
CA GLY C 254 6.02 8.59 -5.23
C GLY C 254 5.53 8.64 -3.78
N ASP C 255 4.24 8.45 -3.55
CA ASP C 255 3.70 8.38 -2.17
C ASP C 255 4.50 7.34 -1.40
N GLU C 256 4.73 6.15 -1.98
CA GLU C 256 5.43 5.05 -1.28
C GLU C 256 6.90 5.41 -1.10
N MET C 257 7.52 6.11 -2.06
CA MET C 257 8.90 6.62 -1.91
C MET C 257 8.94 7.51 -0.66
N LYS C 258 7.94 8.37 -0.50
CA LYS C 258 7.88 9.37 0.59
C LYS C 258 7.80 8.62 1.92
N LYS C 259 7.05 7.51 1.94
CA LYS C 259 6.88 6.67 3.14
C LYS C 259 8.21 5.99 3.51
N LEU C 260 9.12 5.77 2.55
CA LEU C 260 10.44 5.13 2.84
C LEU C 260 11.42 6.16 3.38
N GLY C 261 11.09 7.45 3.29
CA GLY C 261 11.98 8.57 3.70
C GLY C 261 12.71 9.21 2.52
N ILE C 262 12.31 8.94 1.29
CA ILE C 262 13.03 9.36 0.06
C ILE C 262 12.14 10.32 -0.72
N GLN C 263 12.63 11.50 -1.05
CA GLN C 263 11.91 12.42 -1.95
C GLN C 263 11.93 11.77 -3.33
N PRO C 264 10.78 11.62 -4.00
CA PRO C 264 10.76 10.98 -5.31
C PRO C 264 11.22 11.96 -6.39
N ILE C 265 11.62 11.45 -7.54
CA ILE C 265 11.81 12.24 -8.79
C ILE C 265 10.48 12.94 -9.10
N PRO C 266 10.51 14.13 -9.73
CA PRO C 266 9.29 14.87 -10.07
C PRO C 266 8.20 14.09 -10.85
N MET C 267 8.62 13.19 -11.74
CA MET C 267 7.67 12.40 -12.56
C MET C 267 6.77 11.56 -11.63
N MET C 268 7.18 11.34 -10.38
CA MET C 268 6.44 10.47 -9.41
C MET C 268 5.93 11.28 -8.22
N ASP C 269 6.09 12.61 -8.25
CA ASP C 269 5.59 13.51 -7.19
C ASP C 269 4.24 14.09 -7.62
N ARG C 270 3.14 13.70 -6.98
CA ARG C 270 1.81 14.28 -7.34
C ARG C 270 1.80 15.80 -7.06
N ASP C 271 2.63 16.31 -6.16
CA ASP C 271 2.66 17.77 -5.86
C ASP C 271 3.25 18.52 -7.06
N LYS C 272 3.67 17.83 -8.12
CA LYS C 272 4.27 18.48 -9.32
C LYS C 272 3.48 18.14 -10.58
N LYS C 273 2.17 17.88 -10.45
CA LYS C 273 1.19 17.69 -11.56
C LYS C 273 1.32 18.81 -12.61
N ASP C 274 1.62 20.03 -12.17
CA ASP C 274 1.60 21.25 -13.04
C ASP C 274 2.66 21.10 -14.13
N GLU C 275 3.76 20.40 -13.85
CA GLU C 275 4.93 20.25 -14.75
C GLU C 275 4.73 19.05 -15.72
N VAL C 276 3.58 18.39 -15.71
CA VAL C 276 3.39 17.10 -16.46
C VAL C 276 3.58 17.37 -17.96
N PRO C 277 2.99 18.44 -18.53
CA PRO C 277 3.12 18.74 -19.95
C PRO C 277 4.58 18.90 -20.41
N GLN C 278 5.38 19.63 -19.62
CA GLN C 278 6.83 19.81 -19.86
C GLN C 278 7.50 18.44 -19.75
N GLY C 279 7.07 17.60 -18.81
CA GLY C 279 7.62 16.26 -18.57
C GLY C 279 7.34 15.35 -19.75
N GLN C 280 6.15 15.45 -20.34
CA GLN C 280 5.78 14.66 -21.55
C GLN C 280 6.68 15.10 -22.72
N LEU C 281 6.77 16.42 -22.99
CA LEU C 281 7.73 17.01 -23.97
C LEU C 281 9.07 16.30 -23.87
N GLY C 282 9.68 16.32 -22.68
CA GLY C 282 10.98 15.72 -22.42
C GLY C 282 10.99 14.24 -22.73
N PHE C 283 9.86 13.55 -22.48
CA PHE C 283 9.76 12.08 -22.66
C PHE C 283 9.72 11.80 -24.16
N TYR C 284 8.94 12.58 -24.92
CA TYR C 284 8.80 12.38 -26.38
C TYR C 284 10.16 12.65 -27.05
N ASN C 285 10.83 13.74 -26.67
CA ASN C 285 12.12 14.20 -27.28
C ASN C 285 13.22 13.20 -26.94
N ALA C 286 13.33 12.77 -25.69
CA ALA C 286 14.48 11.98 -25.20
C ALA C 286 14.26 10.46 -25.41
N VAL C 287 13.02 9.98 -25.55
CA VAL C 287 12.72 8.50 -25.51
C VAL C 287 11.89 8.08 -26.74
N ALA C 288 10.65 8.56 -26.79
CA ALA C 288 9.61 8.09 -27.71
C ALA C 288 10.05 8.36 -29.14
N ILE C 289 10.35 9.63 -29.46
CA ILE C 289 10.69 10.07 -30.85
C ILE C 289 11.91 9.30 -31.34
N PRO C 290 13.06 9.27 -30.61
CA PRO C 290 14.20 8.48 -31.04
C PRO C 290 13.84 7.01 -31.30
N CYS C 291 12.99 6.46 -30.43
CA CYS C 291 12.60 5.03 -30.47
C CYS C 291 11.92 4.77 -31.81
N TYR C 292 10.84 5.48 -32.12
CA TYR C 292 10.04 5.26 -33.35
C TYR C 292 10.84 5.71 -34.58
N THR C 293 11.81 6.61 -34.42
CA THR C 293 12.67 7.10 -35.55
C THR C 293 13.60 5.96 -36.01
N THR C 294 14.38 5.39 -35.09
CA THR C 294 15.21 4.19 -35.34
C THR C 294 14.35 3.04 -35.86
N LEU C 295 13.15 2.80 -35.32
CA LEU C 295 12.29 1.68 -35.76
C LEU C 295 11.86 1.87 -37.22
N THR C 296 11.42 3.08 -37.58
CA THR C 296 11.05 3.44 -38.98
C THR C 296 12.24 3.29 -39.93
N GLN C 297 13.45 3.71 -39.55
CA GLN C 297 14.67 3.51 -40.37
C GLN C 297 14.88 2.02 -40.66
N ILE C 298 14.74 1.14 -39.66
CA ILE C 298 15.02 -0.32 -39.82
C ILE C 298 13.82 -1.01 -40.45
N LEU C 299 12.59 -0.60 -40.12
CA LEU C 299 11.33 -1.19 -40.66
C LEU C 299 10.47 -0.04 -41.18
N PRO C 300 10.69 0.46 -42.42
CA PRO C 300 9.90 1.56 -42.96
C PRO C 300 8.37 1.43 -42.86
N PRO C 301 7.77 0.24 -43.00
CA PRO C 301 6.33 0.10 -42.78
C PRO C 301 5.78 0.46 -41.38
N THR C 302 6.63 0.76 -40.40
CA THR C 302 6.20 1.16 -39.02
C THR C 302 6.07 2.67 -38.93
N GLU C 303 6.22 3.36 -40.07
CA GLU C 303 6.19 4.84 -40.18
C GLU C 303 4.98 5.46 -39.47
N PRO C 304 3.75 4.92 -39.62
CA PRO C 304 2.60 5.49 -38.91
C PRO C 304 2.78 5.64 -37.38
N LEU C 305 3.56 4.76 -36.74
CA LEU C 305 3.84 4.87 -35.29
C LEU C 305 4.62 6.17 -35.06
N LEU C 306 5.66 6.45 -35.86
CA LEU C 306 6.45 7.70 -35.76
C LEU C 306 5.55 8.91 -36.02
N LYS C 307 4.70 8.86 -37.04
CA LYS C 307 3.82 9.98 -37.42
C LYS C 307 2.89 10.29 -36.24
N ALA C 308 2.21 9.28 -35.68
CA ALA C 308 1.21 9.47 -34.61
C ALA C 308 1.94 10.05 -33.40
N CYS C 309 3.16 9.59 -33.16
CA CYS C 309 4.00 10.06 -32.03
C CYS C 309 4.32 11.57 -32.21
N ARG C 310 4.70 12.00 -33.42
CA ARG C 310 4.99 13.44 -33.69
C ARG C 310 3.68 14.23 -33.52
N ASP C 311 2.55 13.70 -33.96
CA ASP C 311 1.25 14.40 -33.75
C ASP C 311 1.00 14.61 -32.26
N ASN C 312 1.35 13.64 -31.40
CA ASN C 312 1.07 13.73 -29.94
C ASN C 312 2.08 14.69 -29.30
N LEU C 313 3.34 14.70 -29.76
CA LEU C 313 4.36 15.67 -29.26
C LEU C 313 3.80 17.08 -29.48
N SER C 314 3.14 17.27 -30.63
CA SER C 314 2.59 18.57 -31.07
C SER C 314 1.36 18.95 -30.21
N GLN C 315 0.57 17.96 -29.76
CA GLN C 315 -0.57 18.17 -28.83
C GLN C 315 -0.05 18.56 -27.45
N TRP C 316 1.02 17.95 -26.97
CA TRP C 316 1.59 18.27 -25.63
C TRP C 316 2.13 19.70 -25.65
N GLU C 317 2.68 20.14 -26.78
CA GLU C 317 3.17 21.53 -27.00
C GLU C 317 1.98 22.50 -26.94
N LYS C 318 0.84 22.15 -27.56
CA LYS C 318 -0.40 22.97 -27.54
C LYS C 318 -0.90 23.10 -26.10
N VAL C 319 -0.79 22.05 -25.30
CA VAL C 319 -1.13 22.06 -23.85
C VAL C 319 -0.17 23.01 -23.11
N ILE C 320 1.14 22.89 -23.36
CA ILE C 320 2.17 23.72 -22.69
C ILE C 320 1.87 25.20 -22.97
N ARG C 321 1.33 25.52 -24.15
CA ARG C 321 1.04 26.92 -24.58
C ARG C 321 -0.38 27.32 -24.18
N GLY C 322 -0.95 26.71 -23.14
CA GLY C 322 -2.30 27.03 -22.61
C GLY C 322 -3.43 26.92 -23.64
N GLU C 323 -3.21 26.27 -24.81
CA GLU C 323 -4.22 26.10 -25.89
C GLU C 323 -5.04 24.82 -25.68
N GLU C 324 -4.68 24.01 -24.68
CA GLU C 324 -5.45 22.83 -24.20
C GLU C 324 -4.92 22.41 -22.83
N LEU D 13 56.02 -7.14 1.30
CA LEU D 13 55.28 -8.43 1.15
C LEU D 13 55.10 -9.11 2.52
N MET D 14 55.24 -8.35 3.62
CA MET D 14 55.41 -8.86 5.00
C MET D 14 54.13 -8.58 5.83
N GLN D 15 53.07 -9.35 5.58
CA GLN D 15 51.73 -9.15 6.21
C GLN D 15 51.73 -9.71 7.64
N PHE D 16 50.67 -9.43 8.40
CA PHE D 16 50.39 -10.04 9.72
C PHE D 16 49.25 -11.04 9.57
N THR D 17 49.43 -12.23 10.13
CA THR D 17 48.41 -13.29 10.24
C THR D 17 48.08 -13.41 11.72
N LEU D 18 46.79 -13.55 12.05
CA LEU D 18 46.33 -13.87 13.42
C LEU D 18 46.01 -15.35 13.48
N PRO D 19 46.09 -15.99 14.67
CA PRO D 19 45.61 -17.36 14.81
C PRO D 19 44.16 -17.48 14.30
N VAL D 20 43.83 -18.67 13.78
CA VAL D 20 42.53 -18.93 13.11
C VAL D 20 41.40 -18.23 13.87
N ARG D 21 41.25 -18.46 15.19
CA ARG D 21 40.04 -17.99 15.91
C ARG D 21 39.97 -16.45 15.80
N LEU D 22 41.10 -15.77 15.99
CA LEU D 22 41.22 -14.29 15.97
C LEU D 22 40.96 -13.79 14.54
N CYS D 23 41.60 -14.42 13.57
CA CYS D 23 41.45 -14.14 12.12
C CYS D 23 39.97 -14.16 11.73
N LYS D 24 39.20 -15.12 12.26
CA LYS D 24 37.75 -15.32 11.95
C LYS D 24 36.91 -14.34 12.77
N GLU D 25 37.14 -14.22 14.09
CA GLU D 25 36.21 -13.51 15.01
C GLU D 25 36.45 -11.99 14.92
N ILE D 26 37.60 -11.55 14.42
CA ILE D 26 37.95 -10.11 14.36
C ILE D 26 36.97 -9.39 13.43
N GLU D 27 36.33 -10.12 12.50
CA GLU D 27 35.32 -9.55 11.56
C GLU D 27 34.00 -9.36 12.30
N LEU D 28 33.76 -10.04 13.41
CA LEU D 28 32.56 -9.80 14.26
C LEU D 28 32.68 -8.44 14.97
N PHE D 29 31.58 -7.69 15.09
CA PHE D 29 31.49 -6.41 15.85
C PHE D 29 31.81 -6.61 17.33
N HIS D 30 31.41 -7.76 17.92
CA HIS D 30 31.51 -8.02 19.39
C HIS D 30 32.88 -8.64 19.73
N PHE D 31 33.79 -8.75 18.77
CA PHE D 31 35.16 -9.29 19.02
C PHE D 31 35.80 -8.52 20.20
N ASP D 32 36.42 -9.27 21.13
CA ASP D 32 37.24 -8.77 22.25
C ASP D 32 38.71 -9.01 21.89
N ILE D 33 39.58 -8.01 22.05
CA ILE D 33 41.00 -8.08 21.55
C ILE D 33 41.85 -9.00 22.46
N GLY D 34 41.30 -9.40 23.62
CA GLY D 34 41.93 -10.36 24.55
C GLY D 34 42.84 -9.69 25.57
N PRO D 35 43.37 -10.47 26.55
CA PRO D 35 44.17 -9.91 27.65
C PRO D 35 45.68 -9.77 27.37
N PHE D 36 46.17 -10.23 26.21
CA PHE D 36 47.60 -10.21 25.83
C PHE D 36 47.95 -8.85 25.19
N GLU D 37 48.48 -7.91 25.99
CA GLU D 37 48.97 -6.56 25.56
C GLU D 37 49.81 -6.68 24.29
N ASN D 38 50.78 -7.59 24.29
CA ASN D 38 51.84 -7.70 23.25
C ASN D 38 51.24 -7.99 21.87
N MET D 39 50.04 -8.56 21.79
CA MET D 39 49.37 -8.86 20.49
C MET D 39 48.57 -7.67 19.95
N TRP D 40 48.16 -6.70 20.78
CA TRP D 40 47.26 -5.60 20.36
C TRP D 40 47.89 -4.80 19.22
N PRO D 41 49.20 -4.46 19.23
CA PRO D 41 49.82 -3.77 18.09
C PRO D 41 49.72 -4.55 16.77
N GLY D 42 50.04 -5.85 16.78
CA GLY D 42 49.89 -6.73 15.60
C GLY D 42 48.45 -6.78 15.11
N ILE D 43 47.48 -6.87 16.03
CA ILE D 43 46.00 -6.86 15.74
C ILE D 43 45.70 -5.55 15.02
N PHE D 44 46.20 -4.44 15.53
CA PHE D 44 45.94 -3.10 14.92
C PHE D 44 46.49 -3.07 13.50
N VAL D 45 47.77 -3.38 13.31
CA VAL D 45 48.43 -3.38 11.98
C VAL D 45 47.63 -4.29 11.04
N TYR D 46 47.14 -5.45 11.52
CA TYR D 46 46.33 -6.40 10.71
C TYR D 46 45.12 -5.66 10.15
N MET D 47 44.42 -4.92 11.02
CA MET D 47 43.14 -4.23 10.66
C MET D 47 43.44 -3.12 9.64
N VAL D 48 44.53 -2.38 9.84
CA VAL D 48 44.99 -1.29 8.94
C VAL D 48 45.28 -1.91 7.56
N HIS D 49 45.98 -3.03 7.51
CA HIS D 49 46.29 -3.76 6.23
C HIS D 49 44.99 -4.09 5.49
N ARG D 50 44.11 -4.88 6.11
CA ARG D 50 42.85 -5.38 5.48
C ARG D 50 41.90 -4.21 5.18
N SER D 51 41.84 -3.23 6.07
CA SER D 51 40.87 -2.10 6.01
C SER D 51 41.26 -1.12 4.90
N CYS D 52 42.56 -0.91 4.75
CA CYS D 52 43.16 0.24 4.02
C CYS D 52 43.94 -0.27 2.80
N GLY D 53 44.75 -1.32 2.96
CA GLY D 53 45.62 -1.91 1.92
C GLY D 53 47.04 -2.03 2.43
N THR D 54 47.75 -3.10 2.07
CA THR D 54 49.00 -3.57 2.74
C THR D 54 50.14 -2.56 2.54
N SER D 55 49.91 -1.48 1.79
CA SER D 55 50.91 -0.43 1.43
C SER D 55 50.43 0.98 1.83
N CYS D 56 49.33 1.10 2.59
CA CYS D 56 48.79 2.39 3.09
C CYS D 56 49.88 3.17 3.85
N PHE D 57 50.69 2.48 4.66
CA PHE D 57 51.78 3.08 5.47
C PHE D 57 53.04 2.26 5.24
N GLU D 58 54.21 2.87 5.42
CA GLU D 58 55.50 2.15 5.60
C GLU D 58 55.45 1.49 6.99
N LEU D 59 55.74 0.18 7.08
CA LEU D 59 55.63 -0.62 8.32
C LEU D 59 56.52 -0.04 9.42
N GLU D 60 57.72 0.44 9.08
CA GLU D 60 58.73 0.95 10.07
C GLU D 60 58.17 2.20 10.77
N LYS D 61 57.55 3.12 10.00
CA LYS D 61 56.92 4.35 10.55
C LYS D 61 55.69 3.98 11.37
N LEU D 62 54.87 3.06 10.84
CA LEU D 62 53.60 2.62 11.47
C LEU D 62 53.92 2.00 12.82
N CME D 63 54.84 1.03 12.87
CA CME D 63 55.17 0.28 14.11
CB CME D 63 56.07 -0.93 13.88
SG CME D 63 55.21 -2.49 13.50
SD CME D 63 54.10 -2.97 15.16
CE CME D 63 55.28 -3.72 16.32
CZ CME D 63 55.36 -5.22 16.22
OH CME D 63 55.93 -5.80 17.39
C CME D 63 55.69 1.27 15.16
O CME D 63 55.23 1.19 16.31
N ARG D 64 56.58 2.19 14.79
CA ARG D 64 57.17 3.09 15.80
C ARG D 64 56.17 4.21 16.13
N PHE D 65 55.23 4.52 15.22
CA PHE D 65 54.09 5.41 15.53
C PHE D 65 53.21 4.76 16.61
N ILE D 66 52.88 3.48 16.47
CA ILE D 66 52.03 2.69 17.41
C ILE D 66 52.71 2.60 18.80
N MET D 67 54.01 2.30 18.87
CA MET D 67 54.69 2.09 20.18
C MET D 67 54.82 3.44 20.93
N SER D 68 54.90 4.55 20.19
CA SER D 68 54.82 5.93 20.75
C SER D 68 53.41 6.26 21.26
N VAL D 69 52.36 5.86 20.53
CA VAL D 69 50.94 6.03 20.99
C VAL D 69 50.77 5.24 22.27
N LYS D 70 51.07 3.94 22.26
CA LYS D 70 51.02 3.05 23.45
C LYS D 70 51.72 3.75 24.62
N LYS D 71 52.91 4.32 24.39
CA LYS D 71 53.74 4.91 25.46
C LYS D 71 53.02 6.12 26.08
N ASN D 72 52.11 6.78 25.34
CA ASN D 72 51.42 8.03 25.76
C ASN D 72 50.00 7.78 26.26
N TYR D 73 49.57 6.52 26.35
CA TYR D 73 48.41 6.09 27.18
C TYR D 73 48.92 5.73 28.58
N ARG D 74 48.19 6.14 29.61
CA ARG D 74 48.54 5.94 31.03
C ARG D 74 47.88 4.68 31.55
N ARG D 75 48.40 4.16 32.68
CA ARG D 75 47.90 2.94 33.34
C ARG D 75 46.69 3.35 34.19
N VAL D 76 45.59 3.67 33.53
CA VAL D 76 44.29 4.00 34.20
C VAL D 76 43.34 2.82 34.02
N PRO D 77 42.32 2.69 34.89
CA PRO D 77 41.42 1.54 34.83
C PRO D 77 40.72 1.37 33.46
N TYR D 78 40.40 2.45 32.78
CA TYR D 78 39.53 2.38 31.58
C TYR D 78 40.11 3.11 30.35
N HIS D 79 40.41 4.41 30.44
CA HIS D 79 40.88 5.23 29.29
C HIS D 79 42.36 4.93 28.98
N ASN D 80 42.63 3.67 28.65
CA ASN D 80 43.98 3.06 28.54
C ASN D 80 44.17 2.52 27.12
N TRP D 81 45.36 1.98 26.86
CA TRP D 81 45.81 1.41 25.57
C TRP D 81 44.80 0.39 25.00
N LYS D 82 44.28 -0.49 25.86
CA LYS D 82 43.29 -1.51 25.49
C LYS D 82 42.03 -0.85 24.91
N HIS D 83 41.57 0.25 25.53
CA HIS D 83 40.40 1.04 25.06
C HIS D 83 40.70 1.66 23.67
N ALA D 84 41.85 2.27 23.47
CA ALA D 84 42.30 2.84 22.17
C ALA D 84 42.13 1.80 21.05
N VAL D 85 42.66 0.58 21.24
CA VAL D 85 42.65 -0.52 20.24
C VAL D 85 41.24 -1.12 20.10
N THR D 86 40.50 -1.24 21.20
CA THR D 86 39.09 -1.71 21.20
C THR D 86 38.28 -0.80 20.27
N VAL D 87 38.36 0.51 20.49
CA VAL D 87 37.60 1.53 19.71
C VAL D 87 38.01 1.43 18.23
N ALA D 88 39.30 1.27 17.97
CA ALA D 88 39.85 1.07 16.60
C ALA D 88 39.23 -0.17 15.96
N HIS D 89 39.15 -1.29 16.68
CA HIS D 89 38.56 -2.54 16.13
C HIS D 89 37.10 -2.31 15.73
N CYS D 90 36.30 -1.63 16.55
CA CYS D 90 34.86 -1.35 16.24
C CYS D 90 34.81 -0.55 14.93
N MET D 91 35.61 0.50 14.82
CA MET D 91 35.72 1.32 13.59
C MET D 91 36.15 0.41 12.42
N TYR D 92 37.02 -0.56 12.67
CA TYR D 92 37.46 -1.56 11.65
C TYR D 92 36.23 -2.32 11.13
N ALA D 93 35.47 -2.93 12.05
CA ALA D 93 34.23 -3.67 11.74
C ALA D 93 33.32 -2.79 10.87
N ILE D 94 33.06 -1.55 11.29
CA ILE D 94 32.16 -0.60 10.57
C ILE D 94 32.71 -0.39 9.14
N LEU D 95 34.01 -0.11 8.99
CA LEU D 95 34.64 0.20 7.68
C LEU D 95 34.59 -1.02 6.75
N GLN D 96 34.87 -2.22 7.25
CA GLN D 96 34.80 -3.46 6.43
C GLN D 96 33.37 -3.66 5.94
N ASN D 97 32.37 -3.36 6.77
CA ASN D 97 30.95 -3.73 6.49
C ASN D 97 30.25 -2.56 5.78
N ASN D 98 30.97 -1.49 5.45
CA ASN D 98 30.46 -0.36 4.65
C ASN D 98 31.54 0.11 3.66
N HIS D 99 32.33 -0.82 3.09
CA HIS D 99 33.66 -0.52 2.49
C HIS D 99 33.53 0.37 1.24
N THR D 100 32.34 0.45 0.62
CA THR D 100 32.11 1.24 -0.62
C THR D 100 31.69 2.68 -0.28
N LEU D 101 31.44 2.99 1.00
CA LEU D 101 30.88 4.32 1.41
C LEU D 101 31.99 5.32 1.76
N PHE D 102 33.25 4.90 1.95
CA PHE D 102 34.33 5.78 2.49
C PHE D 102 35.51 5.84 1.54
N THR D 103 36.09 7.03 1.42
CA THR D 103 37.32 7.33 0.63
C THR D 103 38.52 6.63 1.27
N ASP D 104 39.66 6.61 0.56
CA ASP D 104 40.94 5.98 1.01
C ASP D 104 41.52 6.76 2.21
N LEU D 105 41.43 8.09 2.18
CA LEU D 105 41.87 9.03 3.25
C LEU D 105 41.06 8.79 4.53
N GLU D 106 39.74 8.65 4.39
CA GLU D 106 38.85 8.39 5.56
C GLU D 106 39.27 7.08 6.22
N ARG D 107 39.52 6.03 5.43
CA ARG D 107 39.97 4.70 5.94
C ARG D 107 41.23 4.90 6.78
N LYS D 108 42.29 5.47 6.21
CA LYS D 108 43.59 5.73 6.89
C LYS D 108 43.33 6.52 8.18
N GLY D 109 42.70 7.68 8.03
CA GLY D 109 42.45 8.68 9.09
C GLY D 109 41.71 8.12 10.30
N LEU D 110 40.62 7.37 10.10
CA LEU D 110 39.66 6.99 11.18
C LEU D 110 40.23 5.91 12.11
N LEU D 111 40.97 4.94 11.57
CA LEU D 111 41.68 3.94 12.41
C LEU D 111 42.69 4.69 13.30
N ILE D 112 43.50 5.57 12.71
CA ILE D 112 44.50 6.37 13.45
C ILE D 112 43.76 7.23 14.48
N ALA D 113 42.66 7.86 14.09
CA ALA D 113 41.86 8.72 15.01
C ALA D 113 41.45 7.89 16.22
N CYS D 114 40.95 6.67 15.98
CA CYS D 114 40.39 5.79 17.05
C CYS D 114 41.53 5.40 18.00
N LEU D 115 42.68 5.00 17.47
CA LEU D 115 43.89 4.63 18.26
C LEU D 115 44.39 5.81 19.09
N CYS D 116 44.24 7.03 18.58
CA CYS D 116 44.77 8.28 19.19
C CYS D 116 43.68 9.03 19.99
N HIS D 117 42.43 8.58 19.98
CA HIS D 117 41.27 9.44 20.38
C HIS D 117 41.31 9.80 21.87
N ASP D 118 42.03 9.05 22.73
CA ASP D 118 42.05 9.29 24.19
C ASP D 118 43.47 9.51 24.72
N LEU D 119 44.43 9.82 23.83
CA LEU D 119 45.88 9.93 24.16
C LEU D 119 46.09 10.76 25.43
N ASP D 120 46.88 10.23 26.37
CA ASP D 120 47.33 10.93 27.59
C ASP D 120 46.14 11.24 28.51
N HIS D 121 45.14 10.37 28.54
CA HIS D 121 43.96 10.50 29.43
C HIS D 121 44.39 10.20 30.89
N ARG D 122 43.93 11.02 31.84
CA ARG D 122 44.30 10.92 33.28
C ARG D 122 43.20 10.18 34.05
N GLY D 123 42.11 9.85 33.37
CA GLY D 123 40.96 9.12 33.93
C GLY D 123 39.94 10.08 34.53
N PHE D 124 39.99 11.35 34.13
CA PHE D 124 39.18 12.46 34.71
C PHE D 124 38.43 13.17 33.59
N SER D 125 37.19 13.55 33.87
CA SER D 125 36.26 14.21 32.91
C SER D 125 36.68 15.67 32.70
N ASN D 126 36.27 16.25 31.56
CA ASN D 126 36.38 17.71 31.26
C ASN D 126 35.84 18.51 32.45
N SER D 127 34.75 18.05 33.07
CA SER D 127 34.09 18.73 34.22
C SER D 127 35.10 18.86 35.36
N TYR D 128 35.82 17.78 35.65
CA TYR D 128 36.73 17.72 36.81
C TYR D 128 37.93 18.67 36.54
N LEU D 129 38.48 18.64 35.33
CA LEU D 129 39.61 19.53 34.95
C LEU D 129 39.18 20.99 35.20
N GLN D 130 37.93 21.29 34.88
CA GLN D 130 37.36 22.66 35.01
C GLN D 130 37.25 22.98 36.50
N LYS D 131 36.67 22.07 37.31
CA LYS D 131 36.42 22.33 38.75
C LYS D 131 37.75 22.37 39.51
N PHE D 132 38.71 21.54 39.10
CA PHE D 132 40.09 21.50 39.65
C PHE D 132 40.85 22.78 39.25
N ASP D 133 40.54 23.35 38.09
CA ASP D 133 41.23 24.53 37.50
C ASP D 133 42.55 24.04 36.92
N HIS D 134 42.51 22.95 36.15
CA HIS D 134 43.69 22.35 35.48
C HIS D 134 44.14 23.25 34.33
N PRO D 135 45.46 23.45 34.13
CA PRO D 135 45.98 24.27 33.02
C PRO D 135 45.37 23.96 31.64
N LEU D 136 45.11 22.68 31.34
CA LEU D 136 44.43 22.22 30.09
C LEU D 136 43.04 22.87 29.97
N ALA D 137 42.38 23.20 31.08
CA ALA D 137 41.05 23.87 31.11
C ALA D 137 41.20 25.36 30.79
N ALA D 138 42.34 25.97 31.12
CA ALA D 138 42.71 27.35 30.70
C ALA D 138 42.98 27.35 29.18
N LEU D 139 43.66 26.33 28.67
CA LEU D 139 44.14 26.26 27.28
C LEU D 139 42.96 25.93 26.33
N TYR D 140 42.10 25.01 26.76
CA TYR D 140 40.96 24.46 25.99
C TYR D 140 39.69 24.60 26.84
N SER D 141 38.89 25.65 26.62
CA SER D 141 37.66 25.99 27.37
C SER D 141 36.58 24.91 27.17
N THR D 142 36.43 24.37 25.95
CA THR D 142 35.45 23.31 25.59
C THR D 142 36.19 22.09 25.01
N SER D 143 35.56 20.92 25.07
CA SER D 143 36.13 19.60 24.69
C SER D 143 37.60 19.53 25.14
N THR D 144 37.83 19.84 26.43
CA THR D 144 39.17 20.09 27.00
C THR D 144 40.07 18.90 26.67
N MET D 145 39.73 17.71 27.16
CA MET D 145 40.58 16.50 26.97
C MET D 145 40.70 16.22 25.47
N GLU D 146 39.61 16.35 24.71
CA GLU D 146 39.53 15.98 23.27
C GLU D 146 40.50 16.83 22.44
N GLN D 147 40.65 18.11 22.77
CA GLN D 147 41.62 19.01 22.07
C GLN D 147 43.03 18.61 22.48
N HIS D 148 43.22 18.20 23.74
CA HIS D 148 44.53 17.69 24.24
C HIS D 148 44.86 16.40 23.47
N HIS D 149 43.90 15.48 23.33
CA HIS D 149 44.11 14.18 22.63
C HIS D 149 44.64 14.46 21.23
N PHE D 150 44.01 15.40 20.52
CA PHE D 150 44.39 15.74 19.12
C PHE D 150 45.79 16.38 19.08
N SER D 151 46.09 17.25 20.05
CA SER D 151 47.41 17.94 20.18
C SER D 151 48.52 16.90 20.33
N GLN D 152 48.32 15.92 21.22
CA GLN D 152 49.23 14.77 21.46
C GLN D 152 49.46 13.97 20.17
N THR D 153 48.39 13.75 19.40
CA THR D 153 48.41 13.00 18.12
C THR D 153 49.37 13.70 17.16
N VAL D 154 49.31 15.03 17.07
CA VAL D 154 50.13 15.86 16.15
C VAL D 154 51.59 15.84 16.64
N SER D 155 51.80 16.02 17.94
CA SER D 155 53.14 15.94 18.56
C SER D 155 53.86 14.65 18.14
N ILE D 156 53.15 13.51 18.14
CA ILE D 156 53.75 12.19 17.83
C ILE D 156 54.08 12.12 16.34
N LEU D 157 53.14 12.50 15.47
CA LEU D 157 53.32 12.44 13.99
C LEU D 157 54.54 13.27 13.59
N GLN D 158 54.95 14.23 14.42
CA GLN D 158 56.08 15.14 14.16
C GLN D 158 57.33 14.70 14.92
N LEU D 159 57.27 13.56 15.61
CA LEU D 159 58.48 12.86 16.09
C LEU D 159 59.23 12.33 14.85
N GLU D 160 60.57 12.32 14.90
CA GLU D 160 61.43 11.85 13.78
C GLU D 160 61.03 10.39 13.45
N GLY D 161 60.70 10.13 12.18
CA GLY D 161 60.38 8.79 11.63
C GLY D 161 58.96 8.33 11.96
N HIS D 162 58.13 9.18 12.57
CA HIS D 162 56.78 8.81 13.09
C HIS D 162 55.67 9.25 12.12
N ASN D 163 55.98 10.08 11.11
CA ASN D 163 54.97 10.59 10.14
C ASN D 163 54.58 9.51 9.13
N ILE D 164 53.53 8.76 9.50
CA ILE D 164 52.89 7.67 8.71
C ILE D 164 52.15 8.27 7.50
N PHE D 165 52.01 9.59 7.41
CA PHE D 165 51.29 10.26 6.31
C PHE D 165 52.27 10.98 5.38
N SER D 166 53.54 10.56 5.37
CA SER D 166 54.62 11.26 4.62
C SER D 166 54.39 11.09 3.11
N THR D 167 54.02 9.89 2.64
CA THR D 167 53.81 9.61 1.20
C THR D 167 52.55 10.33 0.69
N LEU D 168 51.67 10.85 1.56
CA LEU D 168 50.47 11.60 1.10
C LEU D 168 50.92 12.94 0.53
N SER D 169 50.22 13.47 -0.48
CA SER D 169 50.38 14.86 -0.97
C SER D 169 50.05 15.81 0.19
N SER D 170 50.40 17.09 0.06
CA SER D 170 50.25 18.15 1.09
C SER D 170 48.77 18.48 1.31
N SER D 171 47.93 18.30 0.28
CA SER D 171 46.46 18.54 0.34
C SER D 171 45.74 17.32 0.94
N GLU D 172 46.14 16.11 0.52
CA GLU D 172 45.66 14.85 1.14
C GLU D 172 46.04 14.86 2.62
N TYR D 173 47.26 15.31 2.95
CA TYR D 173 47.80 15.35 4.34
C TYR D 173 46.94 16.27 5.22
N GLU D 174 46.67 17.50 4.78
CA GLU D 174 45.93 18.48 5.62
C GLU D 174 44.44 18.06 5.67
N GLN D 175 44.01 17.24 4.70
CA GLN D 175 42.66 16.65 4.66
C GLN D 175 42.55 15.50 5.69
N VAL D 176 43.53 14.60 5.72
CA VAL D 176 43.53 13.46 6.69
C VAL D 176 43.66 14.01 8.11
N LEU D 177 44.49 15.05 8.32
CA LEU D 177 44.69 15.66 9.66
C LEU D 177 43.37 16.26 10.15
N GLU D 178 42.57 16.78 9.22
CA GLU D 178 41.26 17.44 9.48
C GLU D 178 40.16 16.40 9.78
N ILE D 179 40.15 15.25 9.10
CA ILE D 179 39.30 14.06 9.44
C ILE D 179 39.60 13.69 10.90
N ILE D 180 40.88 13.56 11.24
CA ILE D 180 41.34 13.04 12.55
C ILE D 180 40.90 14.01 13.65
N ARG D 181 41.08 15.31 13.44
CA ARG D 181 40.69 16.35 14.43
C ARG D 181 39.20 16.26 14.73
N LYS D 182 38.37 16.28 13.69
CA LYS D 182 36.89 16.32 13.82
C LYS D 182 36.42 15.06 14.53
N ALA D 183 36.96 13.92 14.11
CA ALA D 183 36.69 12.57 14.66
C ALA D 183 37.02 12.55 16.16
N ILE D 184 38.22 13.01 16.53
CA ILE D 184 38.68 12.96 17.96
C ILE D 184 37.79 13.90 18.76
N ILE D 185 37.55 15.11 18.26
CA ILE D 185 36.69 16.13 18.93
C ILE D 185 35.27 15.56 19.12
N ALA D 186 34.74 14.74 18.20
CA ALA D 186 33.35 14.21 18.26
C ALA D 186 33.19 13.17 19.38
N THR D 187 34.29 12.66 19.96
CA THR D 187 34.29 11.71 21.11
C THR D 187 33.93 12.42 22.43
N ASP D 188 33.88 13.75 22.45
CA ASP D 188 33.28 14.54 23.57
C ASP D 188 31.78 14.19 23.60
N LEU D 189 31.36 13.35 24.55
CA LEU D 189 29.95 12.86 24.60
C LEU D 189 28.99 14.05 24.75
N ALA D 190 29.43 15.18 25.29
CA ALA D 190 28.58 16.39 25.43
C ALA D 190 28.07 16.85 24.05
N LEU D 191 28.86 16.67 22.99
CA LEU D 191 28.53 17.13 21.61
C LEU D 191 27.65 16.10 20.87
N TYR D 192 27.63 14.85 21.34
CA TYR D 192 26.98 13.71 20.62
C TYR D 192 25.46 13.94 20.52
N PHE D 193 24.82 14.40 21.61
CA PHE D 193 23.34 14.62 21.70
C PHE D 193 22.88 15.50 20.53
N GLY D 194 23.50 16.68 20.37
CA GLY D 194 23.29 17.62 19.25
C GLY D 194 23.58 17.01 17.88
N ASN D 195 24.61 16.18 17.77
CA ASN D 195 25.03 15.54 16.49
C ASN D 195 23.99 14.51 16.06
N ARG D 196 23.55 13.65 16.98
CA ARG D 196 22.58 12.55 16.72
C ARG D 196 21.22 13.15 16.33
N LYS D 197 20.75 14.17 17.07
CA LYS D 197 19.43 14.85 16.85
C LYS D 197 19.38 15.48 15.46
N GLN D 198 20.45 16.15 15.02
CA GLN D 198 20.60 16.72 13.64
C GLN D 198 20.55 15.61 12.59
N LEU D 199 21.29 14.51 12.76
CA LEU D 199 21.36 13.42 11.76
C LEU D 199 19.98 12.76 11.64
N GLU D 200 19.37 12.39 12.78
CA GLU D 200 18.07 11.68 12.86
C GLU D 200 17.08 12.43 11.96
N GLU D 201 16.97 13.75 12.16
CA GLU D 201 16.13 14.67 11.34
C GLU D 201 16.49 14.56 9.85
N MET D 202 17.77 14.72 9.49
CA MET D 202 18.24 14.61 8.09
C MET D 202 17.84 13.24 7.49
N TYR D 203 18.15 12.11 8.14
CA TYR D 203 17.93 10.75 7.54
C TYR D 203 16.43 10.46 7.41
N GLN D 204 15.64 10.76 8.45
CA GLN D 204 14.17 10.50 8.52
C GLN D 204 13.42 11.34 7.46
N THR D 205 13.76 12.63 7.29
CA THR D 205 13.13 13.54 6.28
C THR D 205 13.88 13.49 4.93
N GLY D 206 14.77 12.51 4.72
CA GLY D 206 15.36 12.15 3.42
C GLY D 206 16.30 13.20 2.83
N SER D 207 16.76 14.17 3.61
CA SER D 207 17.68 15.25 3.17
C SER D 207 19.16 14.95 3.51
N LEU D 208 19.48 13.78 4.10
CA LEU D 208 20.89 13.37 4.34
C LEU D 208 21.56 13.04 3.01
N ASN D 209 22.80 13.54 2.82
CA ASN D 209 23.58 13.45 1.55
C ASN D 209 25.06 13.23 1.88
N LEU D 210 25.58 12.03 1.61
CA LEU D 210 26.99 11.65 1.87
C LEU D 210 27.94 12.38 0.93
N ASN D 211 27.45 13.07 -0.11
CA ASN D 211 28.29 13.87 -1.04
C ASN D 211 28.50 15.28 -0.46
N ASN D 212 27.75 15.63 0.58
CA ASN D 212 27.89 16.89 1.36
C ASN D 212 28.92 16.63 2.49
N GLN D 213 30.05 17.36 2.51
CA GLN D 213 31.17 17.13 3.46
C GLN D 213 30.67 17.34 4.90
N SER D 214 29.91 18.41 5.12
CA SER D 214 29.30 18.84 6.41
C SER D 214 28.44 17.70 6.99
N HIS D 215 27.80 16.92 6.13
CA HIS D 215 26.97 15.73 6.46
C HIS D 215 27.87 14.55 6.85
N ARG D 216 28.89 14.25 6.03
CA ARG D 216 29.88 13.17 6.29
C ARG D 216 30.49 13.35 7.69
N ASP D 217 30.97 14.55 8.01
CA ASP D 217 31.57 14.89 9.34
C ASP D 217 30.63 14.46 10.47
N ARG D 218 29.34 14.79 10.35
CA ARG D 218 28.31 14.37 11.33
C ARG D 218 28.23 12.83 11.41
N VAL D 219 28.17 12.16 10.26
CA VAL D 219 28.08 10.67 10.23
C VAL D 219 29.35 10.08 10.85
N ILE D 220 30.52 10.59 10.48
CA ILE D 220 31.81 10.18 11.12
C ILE D 220 31.74 10.51 12.62
N GLY D 221 31.22 11.68 13.00
CA GLY D 221 31.03 12.02 14.42
C GLY D 221 30.26 10.92 15.15
N LEU D 222 29.13 10.50 14.60
CA LEU D 222 28.27 9.45 15.18
C LEU D 222 29.02 8.11 15.20
N MET D 223 29.72 7.77 14.11
CA MET D 223 30.55 6.54 14.05
C MET D 223 31.53 6.52 15.26
N MET D 224 32.23 7.63 15.51
CA MET D 224 33.21 7.76 16.62
C MET D 224 32.54 7.46 17.96
N THR D 225 31.43 8.15 18.28
CA THR D 225 30.62 7.89 19.49
C THR D 225 30.33 6.38 19.58
N ALA D 226 29.85 5.78 18.49
CA ALA D 226 29.47 4.37 18.41
C ALA D 226 30.67 3.49 18.80
N CYS D 227 31.82 3.74 18.19
CA CYS D 227 33.11 3.03 18.47
C CYS D 227 33.54 3.29 19.92
N ASP D 228 33.34 4.51 20.40
CA ASP D 228 33.81 4.94 21.72
C ASP D 228 32.98 4.25 22.81
N LEU D 229 31.71 3.96 22.54
CA LEU D 229 30.77 3.42 23.57
C LEU D 229 30.67 1.91 23.41
N CYS D 230 31.52 1.30 22.59
CA CYS D 230 31.28 -0.06 22.04
C CYS D 230 31.42 -1.16 23.12
N SER D 231 31.73 -0.85 24.38
CA SER D 231 31.64 -1.85 25.49
C SER D 231 30.19 -2.37 25.62
N VAL D 232 29.20 -1.52 25.32
CA VAL D 232 27.75 -1.89 25.43
C VAL D 232 27.35 -2.85 24.29
N THR D 233 28.19 -3.00 23.26
CA THR D 233 27.91 -3.84 22.06
C THR D 233 28.67 -5.18 22.15
N LYS D 234 29.26 -5.49 23.29
CA LYS D 234 30.00 -6.76 23.48
C LYS D 234 29.02 -7.79 24.06
N LEU D 235 29.45 -9.06 24.11
CA LEU D 235 28.73 -10.12 24.85
C LEU D 235 28.77 -9.76 26.34
N TRP D 236 27.74 -10.16 27.07
CA TRP D 236 27.41 -9.71 28.46
C TRP D 236 28.61 -9.79 29.39
N PRO D 237 29.42 -10.89 29.41
CA PRO D 237 30.57 -10.96 30.32
C PRO D 237 31.61 -9.85 30.10
N VAL D 238 31.92 -9.52 28.84
CA VAL D 238 32.85 -8.40 28.47
C VAL D 238 32.22 -7.06 28.89
N THR D 239 30.91 -6.89 28.69
CA THR D 239 30.18 -5.61 28.95
C THR D 239 30.15 -5.33 30.46
N LYS D 240 29.82 -6.35 31.25
CA LYS D 240 29.75 -6.30 32.74
C LYS D 240 31.15 -5.98 33.29
N LEU D 241 32.18 -6.71 32.84
CA LEU D 241 33.56 -6.56 33.38
C LEU D 241 34.15 -5.20 32.98
N THR D 242 33.81 -4.68 31.80
CA THR D 242 34.29 -3.35 31.32
C THR D 242 33.65 -2.25 32.17
N ALA D 243 32.39 -2.44 32.57
CA ALA D 243 31.63 -1.50 33.43
C ALA D 243 32.35 -1.30 34.78
N ASN D 244 32.98 -2.34 35.34
CA ASN D 244 33.82 -2.25 36.58
C ASN D 244 34.96 -1.24 36.39
N ASP D 245 35.70 -1.36 35.29
CA ASP D 245 36.81 -0.44 34.91
C ASP D 245 36.28 0.99 34.78
N ILE D 246 35.15 1.17 34.08
CA ILE D 246 34.52 2.51 33.88
C ILE D 246 34.23 3.14 35.24
N TYR D 247 33.63 2.39 36.18
CA TYR D 247 33.12 2.92 37.47
C TYR D 247 34.30 3.21 38.40
N ALA D 248 35.34 2.36 38.34
CA ALA D 248 36.63 2.55 39.03
C ALA D 248 37.09 3.99 38.77
N GLU D 249 37.09 4.44 37.51
CA GLU D 249 37.44 5.83 37.13
C GLU D 249 36.40 6.82 37.69
N PHE D 250 35.11 6.54 37.49
CA PHE D 250 34.01 7.46 37.88
C PHE D 250 34.16 7.76 39.38
N TRP D 251 34.35 6.70 40.16
CA TRP D 251 34.40 6.74 41.64
C TRP D 251 35.67 7.49 42.08
N ALA D 252 36.82 7.23 41.43
CA ALA D 252 38.11 7.92 41.70
C ALA D 252 37.91 9.44 41.52
N GLU D 253 37.25 9.83 40.42
CA GLU D 253 36.91 11.25 40.12
C GLU D 253 35.92 11.79 41.16
N GLY D 254 34.90 11.01 41.53
CA GLY D 254 33.95 11.39 42.59
C GLY D 254 34.67 11.63 43.91
N ASP D 255 35.63 10.76 44.27
CA ASP D 255 36.50 10.92 45.47
C ASP D 255 37.17 12.30 45.40
N GLU D 256 37.78 12.62 44.25
CA GLU D 256 38.50 13.90 43.99
C GLU D 256 37.51 15.08 44.00
N MET D 257 36.28 14.89 43.54
CA MET D 257 35.22 15.94 43.64
C MET D 257 34.97 16.24 45.13
N LYS D 258 34.86 15.22 45.97
CA LYS D 258 34.65 15.36 47.43
C LYS D 258 35.86 16.06 48.08
N LYS D 259 37.07 15.83 47.55
CA LYS D 259 38.31 16.49 48.04
C LYS D 259 38.29 17.97 47.68
N LEU D 260 37.56 18.38 46.63
CA LEU D 260 37.41 19.82 46.23
C LEU D 260 36.28 20.49 47.01
N GLY D 261 35.51 19.75 47.82
CA GLY D 261 34.39 20.27 48.62
C GLY D 261 33.05 20.13 47.91
N ILE D 262 33.01 19.43 46.77
CA ILE D 262 31.82 19.29 45.88
C ILE D 262 31.25 17.87 45.98
N GLN D 263 29.95 17.74 46.28
CA GLN D 263 29.19 16.47 46.22
C GLN D 263 29.12 16.06 44.74
N PRO D 264 29.72 14.94 44.30
CA PRO D 264 29.67 14.56 42.89
C PRO D 264 28.30 13.99 42.52
N ILE D 265 27.99 13.97 41.22
CA ILE D 265 26.78 13.29 40.66
C ILE D 265 26.83 11.81 41.02
N PRO D 266 25.69 11.13 41.24
CA PRO D 266 25.69 9.78 41.82
C PRO D 266 26.51 8.74 41.04
N MET D 267 26.55 8.90 39.71
CA MET D 267 27.34 8.11 38.73
C MET D 267 28.80 7.96 39.20
N MET D 268 29.33 8.98 39.87
CA MET D 268 30.74 9.09 40.34
C MET D 268 30.82 8.90 41.86
N ASP D 269 29.71 8.59 42.54
CA ASP D 269 29.68 8.37 44.00
C ASP D 269 29.70 6.87 44.29
N ARG D 270 30.72 6.39 45.00
CA ARG D 270 30.92 4.95 45.36
C ARG D 270 29.95 4.58 46.50
N ASP D 271 29.52 5.53 47.35
CA ASP D 271 28.49 5.31 48.40
C ASP D 271 27.11 5.08 47.75
N LYS D 272 27.01 5.23 46.43
CA LYS D 272 25.78 4.94 45.64
C LYS D 272 26.06 3.83 44.63
N LYS D 273 27.03 2.96 44.90
CA LYS D 273 27.33 1.68 44.18
C LYS D 273 26.04 0.91 43.84
N ASP D 274 25.14 0.77 44.82
CA ASP D 274 23.92 -0.09 44.78
C ASP D 274 23.01 0.36 43.61
N GLU D 275 22.94 1.67 43.32
CA GLU D 275 22.04 2.27 42.29
C GLU D 275 22.62 2.06 40.87
N VAL D 276 23.78 1.41 40.72
CA VAL D 276 24.50 1.23 39.41
C VAL D 276 23.56 0.60 38.37
N PRO D 277 22.92 -0.56 38.63
CA PRO D 277 22.08 -1.19 37.61
C PRO D 277 21.03 -0.21 37.07
N GLN D 278 20.43 0.58 37.97
CA GLN D 278 19.44 1.64 37.65
C GLN D 278 20.08 2.68 36.72
N GLY D 279 21.32 3.07 36.98
CA GLY D 279 22.06 4.11 36.21
C GLY D 279 22.46 3.64 34.81
N GLN D 280 22.76 2.34 34.67
CA GLN D 280 23.04 1.68 33.36
C GLN D 280 21.79 1.71 32.47
N LEU D 281 20.63 1.31 33.02
CA LEU D 281 19.32 1.36 32.31
C LEU D 281 19.16 2.77 31.73
N GLY D 282 19.37 3.80 32.56
CA GLY D 282 19.26 5.24 32.21
C GLY D 282 20.20 5.59 31.07
N PHE D 283 21.44 5.11 31.17
CA PHE D 283 22.51 5.30 30.15
C PHE D 283 22.08 4.62 28.84
N TYR D 284 21.60 3.38 28.89
CA TYR D 284 21.20 2.63 27.66
C TYR D 284 20.04 3.35 26.95
N ASN D 285 19.03 3.79 27.70
CA ASN D 285 17.81 4.45 27.14
C ASN D 285 18.13 5.86 26.62
N ALA D 286 18.81 6.69 27.42
CA ALA D 286 19.16 8.11 27.11
C ALA D 286 20.34 8.25 26.13
N VAL D 287 21.28 7.29 26.04
CA VAL D 287 22.59 7.51 25.34
C VAL D 287 22.89 6.38 24.35
N ALA D 288 23.06 5.15 24.84
CA ALA D 288 23.54 4.00 24.03
C ALA D 288 22.51 3.64 22.95
N ILE D 289 21.27 3.29 23.33
CA ILE D 289 20.26 2.74 22.37
C ILE D 289 20.01 3.78 21.26
N PRO D 290 19.74 5.07 21.57
CA PRO D 290 19.59 6.07 20.50
C PRO D 290 20.83 6.16 19.60
N CYS D 291 22.05 6.06 20.14
CA CYS D 291 23.32 6.13 19.35
C CYS D 291 23.29 5.09 18.22
N TYR D 292 23.09 3.83 18.58
CA TYR D 292 23.20 2.64 17.67
C TYR D 292 21.94 2.54 16.77
N THR D 293 20.82 3.15 17.19
CA THR D 293 19.55 3.19 16.41
C THR D 293 19.74 4.15 15.23
N THR D 294 20.20 5.38 15.48
CA THR D 294 20.49 6.34 14.39
C THR D 294 21.54 5.77 13.45
N LEU D 295 22.56 5.09 13.98
CA LEU D 295 23.72 4.61 13.18
C LEU D 295 23.26 3.48 12.25
N THR D 296 22.49 2.52 12.75
CA THR D 296 21.93 1.37 11.99
C THR D 296 20.98 1.91 10.89
N GLN D 297 20.30 3.03 11.15
CA GLN D 297 19.45 3.73 10.13
C GLN D 297 20.34 4.18 8.96
N ILE D 298 21.49 4.82 9.24
CA ILE D 298 22.38 5.43 8.22
C ILE D 298 23.28 4.36 7.58
N LEU D 299 23.88 3.45 8.35
CA LEU D 299 24.74 2.34 7.85
C LEU D 299 24.19 1.01 8.35
N PRO D 300 23.15 0.46 7.68
CA PRO D 300 22.44 -0.74 8.15
C PRO D 300 23.29 -1.96 8.53
N PRO D 301 24.44 -2.22 7.86
CA PRO D 301 25.32 -3.33 8.26
C PRO D 301 25.91 -3.22 9.68
N THR D 302 25.75 -2.06 10.35
CA THR D 302 26.12 -1.86 11.78
C THR D 302 25.01 -2.36 12.73
N GLU D 303 23.98 -3.05 12.23
CA GLU D 303 22.85 -3.60 13.05
C GLU D 303 23.37 -4.52 14.15
N PRO D 304 24.40 -5.38 13.92
CA PRO D 304 24.94 -6.19 15.02
C PRO D 304 25.31 -5.37 16.28
N LEU D 305 25.71 -4.10 16.14
CA LEU D 305 25.98 -3.24 17.32
C LEU D 305 24.65 -3.04 18.07
N LEU D 306 23.57 -2.69 17.36
CA LEU D 306 22.26 -2.36 18.00
C LEU D 306 21.69 -3.60 18.71
N LYS D 307 21.68 -4.76 18.05
CA LYS D 307 21.21 -6.05 18.63
C LYS D 307 21.88 -6.25 20.00
N ALA D 308 23.23 -6.28 20.01
CA ALA D 308 24.10 -6.54 21.19
C ALA D 308 23.78 -5.52 22.31
N CYS D 309 23.67 -4.23 21.98
CA CYS D 309 23.25 -3.15 22.94
C CYS D 309 21.89 -3.49 23.58
N ARG D 310 20.91 -3.92 22.79
CA ARG D 310 19.55 -4.30 23.28
C ARG D 310 19.66 -5.48 24.25
N ASP D 311 20.41 -6.51 23.87
CA ASP D 311 20.66 -7.71 24.70
C ASP D 311 21.26 -7.30 26.06
N ASN D 312 22.23 -6.38 26.06
CA ASN D 312 22.92 -5.93 27.31
C ASN D 312 21.92 -5.10 28.14
N LEU D 313 21.02 -4.35 27.52
CA LEU D 313 19.97 -3.55 28.24
C LEU D 313 19.07 -4.51 29.04
N SER D 314 18.67 -5.62 28.43
CA SER D 314 17.79 -6.65 29.06
C SER D 314 18.61 -7.47 30.08
N GLN D 315 19.93 -7.50 29.93
CA GLN D 315 20.84 -8.09 30.95
C GLN D 315 20.88 -7.19 32.20
N TRP D 316 20.89 -5.86 32.05
CA TRP D 316 20.87 -4.91 33.21
C TRP D 316 19.48 -4.92 33.88
N GLU D 317 18.40 -5.10 33.10
CA GLU D 317 17.01 -5.28 33.60
C GLU D 317 16.92 -6.54 34.48
N LYS D 318 17.65 -7.62 34.15
CA LYS D 318 17.70 -8.86 34.99
C LYS D 318 18.45 -8.62 36.30
N VAL D 319 19.51 -7.80 36.28
CA VAL D 319 20.31 -7.48 37.50
C VAL D 319 19.37 -6.77 38.48
N ILE D 320 18.53 -5.86 37.98
CA ILE D 320 17.61 -4.98 38.78
C ILE D 320 16.58 -5.83 39.57
N ARG D 321 16.53 -7.16 39.36
CA ARG D 321 15.77 -8.12 40.23
C ARG D 321 16.65 -9.32 40.61
N GLY D 322 16.90 -10.26 39.69
CA GLY D 322 17.72 -11.47 39.93
C GLY D 322 18.67 -11.76 38.77
ZN ZN E . -32.03 0.10 -14.65
MG MG F . -31.30 -0.68 -18.26
C5 KH6 G . -30.40 11.16 -15.76
C7 KH6 G . -30.79 12.61 -19.10
C8 KH6 G . -29.21 13.21 -17.35
C10 KH6 G . -30.20 12.39 -17.78
N12 KH6 G . -31.37 9.99 -13.73
C15 KH6 G . -31.90 8.04 -14.48
C26 KH6 G . -30.75 6.48 -18.54
C28 KH6 G . -28.95 5.85 -16.41
C1 KH6 G . -31.35 8.76 -15.54
C2 KH6 G . -31.01 10.01 -15.04
C3 KH6 G . -28.81 14.25 -18.23
N4 KH6 G . -29.39 14.44 -19.48
N6 KH6 G . -27.88 15.18 -18.07
C9 KH6 G . -31.21 8.20 -16.91
C11 KH6 G . -27.84 15.93 -19.18
N13 KH6 G . -31.94 8.78 -13.40
C14 KH6 G . -30.34 13.62 -19.92
C16 KH6 G . -28.73 15.48 -20.09
N17 KH6 G . -30.70 11.33 -17.03
N18 KH6 G . -30.82 6.96 -17.14
C19 KH6 G . -31.81 11.72 -19.52
N20 KH6 G . -32.65 10.99 -19.82
O21 KH6 G . -29.68 11.96 -15.19
O22 KH6 G . -31.48 8.81 -17.92
C23 KH6 G . -26.86 16.97 -19.38
O24 KH6 G . -29.04 5.04 -17.60
C25 KH6 G . -31.21 11.12 -12.78
C27 KH6 G . -30.42 6.11 -16.01
C29 KH6 G . -29.49 5.69 -18.80
C30 KH6 G . -25.81 17.07 -18.48
C31 KH6 G . -26.90 17.74 -20.53
C32 KH6 G . -24.83 18.02 -18.69
C33 KH6 G . -25.90 18.69 -20.70
C34 KH6 G . -24.89 18.84 -19.79
ZN ZN H . -8.54 -0.35 14.61
MG MG I . -12.10 -0.66 15.75
C5 KH6 J . -8.56 10.77 13.64
C7 KH6 J . -11.21 12.70 15.44
C8 KH6 J . -10.32 13.13 13.22
C10 KH6 J . -10.35 12.31 14.32
N12 KH6 J . -6.51 9.37 13.44
C15 KH6 J . -7.22 7.46 14.25
C26 KH6 J . -11.53 6.47 15.31
C28 KH6 J . -10.79 5.51 12.74
C1 KH6 J . -8.30 8.32 14.32
C2 KH6 J . -7.82 9.53 13.81
C3 KH6 J . -11.11 14.31 13.23
N4 KH6 J . -11.87 14.64 14.35
N6 KH6 J . -11.29 15.27 12.32
C9 KH6 J . -9.62 7.95 14.88
C11 KH6 J . -12.14 16.19 12.83
N13 KH6 J . -6.17 8.06 13.73
C14 KH6 J . -11.94 13.84 15.43
C16 KH6 J . -12.55 15.80 14.07
N17 KH6 J . -9.61 11.11 14.45
N18 KH6 J . -10.23 6.76 14.66
C19 KH6 J . -11.28 11.86 16.59
N20 KH6 J . -11.26 11.16 17.47
O21 KH6 J . -8.16 11.47 12.73
O22 KH6 J . -10.22 8.70 15.63
C23 KH6 J . -12.66 17.35 12.12
O24 KH6 J . -11.95 5.05 13.45
C25 KH6 J . -5.59 10.36 12.83
C27 KH6 J . -9.68 5.72 13.78
C29 KH6 J . -12.55 6.04 14.28
C30 KH6 J . -12.42 17.44 10.75
C31 KH6 J . -13.52 18.23 12.75
C32 KH6 J . -12.92 18.50 10.03
C33 KH6 J . -14.04 19.29 12.01
C34 KH6 J . -13.75 19.42 10.66
ZN ZN K . 4.70 -2.81 -20.40
MG MG L . 7.39 -3.75 -17.82
C5 KH6 M . 5.73 8.32 -19.88
C7 KH6 M . 8.96 9.57 -18.50
C8 KH6 M . 6.72 10.49 -18.25
C10 KH6 M . 7.50 9.49 -18.72
N12 KH6 M . 4.32 7.11 -21.52
C15 KH6 M . 5.05 5.06 -21.38
C26 KH6 M . 7.85 3.62 -18.17
C28 KH6 M . 5.11 3.18 -17.56
C1 KH6 M . 5.80 5.84 -20.50
C2 KH6 M . 5.32 7.12 -20.62
C3 KH6 M . 7.33 11.55 -17.53
N4 KH6 M . 8.72 11.59 -17.36
N6 KH6 M . 6.80 12.64 -16.95
C9 KH6 M . 6.88 5.32 -19.64
C11 KH6 M . 7.83 13.35 -16.40
N13 KH6 M . 4.15 5.79 -21.99
C14 KH6 M . 9.52 10.60 -17.82
C16 KH6 M . 9.02 12.71 -16.61
N17 KH6 M . 7.00 8.40 -19.43
N18 KH6 M . 6.72 4.16 -18.98
C19 KH6 M . 9.80 8.54 -18.98
N20 KH6 M . 10.46 7.74 -19.38
O21 KH6 M . 4.90 9.19 -19.70
O22 KH6 M . 7.93 5.90 -19.51
C23 KH6 M . 7.71 14.58 -15.56
O24 KH6 M . 6.16 2.39 -16.95
C25 KH6 M . 3.54 8.29 -21.93
C27 KH6 M . 5.48 3.39 -19.04
C29 KH6 M . 7.42 3.02 -16.82
C30 KH6 M . 6.46 14.94 -15.05
C31 KH6 M . 8.85 15.27 -15.11
C32 KH6 M . 6.31 16.01 -14.20
C33 KH6 M . 8.69 16.35 -14.26
C34 KH6 M . 7.43 16.71 -13.81
ZN ZN N . 37.32 6.85 24.52
MG MG O . 37.52 10.55 25.54
C5 KH6 P . 28.57 4.54 31.05
C7 KH6 P . 26.49 7.45 32.19
C8 KH6 P . 27.08 5.42 33.42
C10 KH6 P . 27.25 6.18 32.29
N12 KH6 P . 29.54 2.95 29.30
C15 KH6 P . 30.75 4.29 28.06
C26 KH6 P . 31.71 8.63 29.21
C28 KH6 P . 33.57 6.54 30.03
C1 KH6 P . 30.16 5.07 29.08
C2 KH6 P . 29.38 4.21 29.85
C3 KH6 P . 26.21 5.91 34.44
N4 KH6 P . 25.53 7.12 34.31
N6 KH6 P . 25.89 5.38 35.64
C9 KH6 P . 30.32 6.53 29.24
C11 KH6 P . 25.02 6.21 36.27
N13 KH6 P . 30.39 3.03 28.20
C14 KH6 P . 25.67 7.88 33.20
C16 KH6 P . 24.81 7.31 35.47
N17 KH6 P . 28.04 5.78 31.22
N18 KH6 P . 31.53 7.15 29.06
C19 KH6 P . 26.63 8.25 31.02
N20 KH6 P . 26.80 8.81 30.05
O21 KH6 P . 28.37 3.68 31.87
O22 KH6 P . 29.35 7.21 29.51
C23 KH6 P . 24.51 6.02 37.64
O24 KH6 P . 33.89 7.94 30.16
C25 KH6 P . 28.93 1.71 29.80
C27 KH6 P . 32.73 6.37 28.77
C29 KH6 P . 32.81 8.90 30.23
C30 KH6 P . 25.08 5.04 38.46
C31 KH6 P . 23.57 6.90 38.18
C32 KH6 P . 24.65 4.87 39.77
C33 KH6 P . 23.17 6.72 39.50
C34 KH6 P . 23.69 5.72 40.29
#